data_2AID
# 
_entry.id   2AID 
# 
_audit_conform.dict_name       mmcif_pdbx.dic 
_audit_conform.dict_version    5.392 
_audit_conform.dict_location   http://mmcif.pdb.org/dictionaries/ascii/mmcif_pdbx.dic 
# 
loop_
_database_2.database_id 
_database_2.database_code 
_database_2.pdbx_database_accession 
_database_2.pdbx_DOI 
PDB   2AID         pdb_00002aid 10.2210/pdb2aid/pdb 
WWPDB D_1000177753 ?            ?                   
# 
loop_
_pdbx_audit_revision_history.ordinal 
_pdbx_audit_revision_history.data_content_type 
_pdbx_audit_revision_history.major_revision 
_pdbx_audit_revision_history.minor_revision 
_pdbx_audit_revision_history.revision_date 
1 'Structure model' 1 0 1997-10-15 
2 'Structure model' 1 1 2008-03-24 
3 'Structure model' 1 2 2011-07-13 
4 'Structure model' 1 3 2012-02-22 
5 'Structure model' 1 4 2021-11-03 
6 'Structure model' 1 5 2023-08-09 
7 'Structure model' 1 6 2024-05-22 
# 
_pdbx_audit_revision_details.ordinal             1 
_pdbx_audit_revision_details.revision_ordinal    1 
_pdbx_audit_revision_details.data_content_type   'Structure model' 
_pdbx_audit_revision_details.provider            repository 
_pdbx_audit_revision_details.type                'Initial release' 
_pdbx_audit_revision_details.description         ? 
_pdbx_audit_revision_details.details             ? 
# 
loop_
_pdbx_audit_revision_group.ordinal 
_pdbx_audit_revision_group.revision_ordinal 
_pdbx_audit_revision_group.data_content_type 
_pdbx_audit_revision_group.group 
1 2 'Structure model' 'Version format compliance' 
2 3 'Structure model' 'Version format compliance' 
3 4 'Structure model' 'Database references'       
4 5 'Structure model' 'Database references'       
5 5 'Structure model' 'Derived calculations'      
6 5 'Structure model' Other                       
7 6 'Structure model' 'Refinement description'    
8 7 'Structure model' 'Data collection'           
# 
loop_
_pdbx_audit_revision_category.ordinal 
_pdbx_audit_revision_category.revision_ordinal 
_pdbx_audit_revision_category.data_content_type 
_pdbx_audit_revision_category.category 
1 5 'Structure model' database_2                    
2 5 'Structure model' pdbx_database_status          
3 5 'Structure model' struct_ref_seq_dif            
4 5 'Structure model' struct_site                   
5 6 'Structure model' pdbx_initial_refinement_model 
6 7 'Structure model' chem_comp_atom                
7 7 'Structure model' chem_comp_bond                
# 
loop_
_pdbx_audit_revision_item.ordinal 
_pdbx_audit_revision_item.revision_ordinal 
_pdbx_audit_revision_item.data_content_type 
_pdbx_audit_revision_item.item 
1 5 'Structure model' '_database_2.pdbx_DOI'                
2 5 'Structure model' '_database_2.pdbx_database_accession' 
3 5 'Structure model' '_pdbx_database_status.process_site'  
4 5 'Structure model' '_struct_ref_seq_dif.details'         
5 5 'Structure model' '_struct_site.pdbx_auth_asym_id'      
6 5 'Structure model' '_struct_site.pdbx_auth_comp_id'      
7 5 'Structure model' '_struct_site.pdbx_auth_seq_id'       
# 
_pdbx_database_status.status_code                     REL 
_pdbx_database_status.entry_id                        2AID 
_pdbx_database_status.recvd_initial_deposition_date   1997-04-17 
_pdbx_database_status.deposit_site                    ? 
_pdbx_database_status.process_site                    BNL 
_pdbx_database_status.SG_entry                        . 
_pdbx_database_status.status_code_sf                  ? 
_pdbx_database_status.status_code_mr                  ? 
_pdbx_database_status.status_code_cs                  ? 
_pdbx_database_status.methods_development_category    ? 
_pdbx_database_status.pdb_format_compatible           Y 
_pdbx_database_status.status_code_nmr_data            ? 
# 
loop_
_audit_author.name 
_audit_author.pdbx_ordinal 
'Rutenber, E.E.' 1 
'Fauman, E.B.'   2 
'Keenan, R.J.'   3 
'Stroud, R.M.'   4 
# 
_citation.id                        primary 
_citation.title                     
'Structure of a non-peptide inhibitor complexed with HIV-1 protease. Developing a cycle of structure-based drug design.' 
_citation.journal_abbrev            J.Biol.Chem. 
_citation.journal_volume            268 
_citation.page_first                15343 
_citation.page_last                 15346 
_citation.year                      1993 
_citation.journal_id_ASTM           JBCHA3 
_citation.country                   US 
_citation.journal_id_ISSN           0021-9258 
_citation.journal_id_CSD            0071 
_citation.book_publisher            ? 
_citation.pdbx_database_id_PubMed   8340363 
_citation.pdbx_database_id_DOI      ? 
# 
loop_
_citation_author.citation_id 
_citation_author.name 
_citation_author.ordinal 
_citation_author.identifier_ORCID 
primary 'Rutenber, E.'              1  ? 
primary 'Fauman, E.B.'              2  ? 
primary 'Keenan, R.J.'              3  ? 
primary 'Fong, S.'                  4  ? 
primary 'Furth, P.S.'               5  ? 
primary 'Ortiz de Montellano, P.R.' 6  ? 
primary 'Meng, E.'                  7  ? 
primary 'Kuntz, I.D.'               8  ? 
primary 'DeCamp, D.L.'              9  ? 
primary 'Salto, R.'                 10 ? 
primary 'Rose, J.R.'                11 ? 
primary 'Craik, C.S.'               12 ? 
primary 'Stroud, R.M.'              13 ? 
# 
loop_
_entity.id 
_entity.type 
_entity.src_method 
_entity.pdbx_description 
_entity.formula_weight 
_entity.pdbx_number_of_molecules 
_entity.pdbx_ec 
_entity.pdbx_mutation 
_entity.pdbx_fragment 
_entity.details 
1 polymer     man 'HUMAN IMMUNODEFICIENCY VIRUS PROTEASE'                                                     10801.763 2   
3.4.23.16 Q7K ? ? 
2 non-polymer syn 'CHLORIDE ION'                                                                              35.453    2   ? ?   
? ? 
3 non-polymer syn '4-(4-CHLORO-PHENYL)-1-{3-[2-(4-FLUORO-PHENYL)-[1,3]DITHIOLAN-2-YL]-PROPYL}-PIPERIDIN-4-OL' 452.048   2   ? ?   
? ? 
4 water       nat water                                                                                       18.015    106 ? ?   
? ? 
# 
_entity_name_com.entity_id   1 
_entity_name_com.name        'HIV PROTEASE, HIV PR' 
# 
_entity_poly.entity_id                      1 
_entity_poly.type                           'polypeptide(L)' 
_entity_poly.nstd_linkage                   no 
_entity_poly.nstd_monomer                   no 
_entity_poly.pdbx_seq_one_letter_code       
;PQITLWKRPLVTIRIGGQLKEALLDTGADDTVLEEMNLPGKWKPKMIGGIGGFIKVRQYDQIPVEICGHKAIGTVLVGPT
PVNIIGRNLLTQIGCTLNF
;
_entity_poly.pdbx_seq_one_letter_code_can   
;PQITLWKRPLVTIRIGGQLKEALLDTGADDTVLEEMNLPGKWKPKMIGGIGGFIKVRQYDQIPVEICGHKAIGTVLVGPT
PVNIIGRNLLTQIGCTLNF
;
_entity_poly.pdbx_strand_id                 A,B 
_entity_poly.pdbx_target_identifier         ? 
# 
loop_
_pdbx_entity_nonpoly.entity_id 
_pdbx_entity_nonpoly.name 
_pdbx_entity_nonpoly.comp_id 
2 'CHLORIDE ION'                                                                              CL  
3 '4-(4-CHLORO-PHENYL)-1-{3-[2-(4-FLUORO-PHENYL)-[1,3]DITHIOLAN-2-YL]-PROPYL}-PIPERIDIN-4-OL' THK 
4 water                                                                                       HOH 
# 
loop_
_entity_poly_seq.entity_id 
_entity_poly_seq.num 
_entity_poly_seq.mon_id 
_entity_poly_seq.hetero 
1 1  PRO n 
1 2  GLN n 
1 3  ILE n 
1 4  THR n 
1 5  LEU n 
1 6  TRP n 
1 7  LYS n 
1 8  ARG n 
1 9  PRO n 
1 10 LEU n 
1 11 VAL n 
1 12 THR n 
1 13 ILE n 
1 14 ARG n 
1 15 ILE n 
1 16 GLY n 
1 17 GLY n 
1 18 GLN n 
1 19 LEU n 
1 20 LYS n 
1 21 GLU n 
1 22 ALA n 
1 23 LEU n 
1 24 LEU n 
1 25 ASP n 
1 26 THR n 
1 27 GLY n 
1 28 ALA n 
1 29 ASP n 
1 30 ASP n 
1 31 THR n 
1 32 VAL n 
1 33 LEU n 
1 34 GLU n 
1 35 GLU n 
1 36 MET n 
1 37 ASN n 
1 38 LEU n 
1 39 PRO n 
1 40 GLY n 
1 41 LYS n 
1 42 TRP n 
1 43 LYS n 
1 44 PRO n 
1 45 LYS n 
1 46 MET n 
1 47 ILE n 
1 48 GLY n 
1 49 GLY n 
1 50 ILE n 
1 51 GLY n 
1 52 GLY n 
1 53 PHE n 
1 54 ILE n 
1 55 LYS n 
1 56 VAL n 
1 57 ARG n 
1 58 GLN n 
1 59 TYR n 
1 60 ASP n 
1 61 GLN n 
1 62 ILE n 
1 63 PRO n 
1 64 VAL n 
1 65 GLU n 
1 66 ILE n 
1 67 CYS n 
1 68 GLY n 
1 69 HIS n 
1 70 LYS n 
1 71 ALA n 
1 72 ILE n 
1 73 GLY n 
1 74 THR n 
1 75 VAL n 
1 76 LEU n 
1 77 VAL n 
1 78 GLY n 
1 79 PRO n 
1 80 THR n 
1 81 PRO n 
1 82 VAL n 
1 83 ASN n 
1 84 ILE n 
1 85 ILE n 
1 86 GLY n 
1 87 ARG n 
1 88 ASN n 
1 89 LEU n 
1 90 LEU n 
1 91 THR n 
1 92 GLN n 
1 93 ILE n 
1 94 GLY n 
1 95 CYS n 
1 96 THR n 
1 97 LEU n 
1 98 ASN n 
1 99 PHE n 
# 
_entity_src_gen.entity_id                          1 
_entity_src_gen.pdbx_src_id                        1 
_entity_src_gen.pdbx_alt_source_flag               sample 
_entity_src_gen.pdbx_seq_type                      ? 
_entity_src_gen.pdbx_beg_seq_num                   ? 
_entity_src_gen.pdbx_end_seq_num                   ? 
_entity_src_gen.gene_src_common_name               ? 
_entity_src_gen.gene_src_genus                     Lentivirus 
_entity_src_gen.pdbx_gene_src_gene                 ? 
_entity_src_gen.gene_src_species                   ? 
_entity_src_gen.gene_src_strain                    ? 
_entity_src_gen.gene_src_tissue                    ? 
_entity_src_gen.gene_src_tissue_fraction           ? 
_entity_src_gen.gene_src_details                   ? 
_entity_src_gen.pdbx_gene_src_fragment             ? 
_entity_src_gen.pdbx_gene_src_scientific_name      'Human immunodeficiency virus 1' 
_entity_src_gen.pdbx_gene_src_ncbi_taxonomy_id     11676 
_entity_src_gen.pdbx_gene_src_variant              'SF1 ISOLATE' 
_entity_src_gen.pdbx_gene_src_cell_line            ? 
_entity_src_gen.pdbx_gene_src_atcc                 ? 
_entity_src_gen.pdbx_gene_src_organ                ? 
_entity_src_gen.pdbx_gene_src_organelle            ? 
_entity_src_gen.pdbx_gene_src_cell                 ? 
_entity_src_gen.pdbx_gene_src_cellular_location    ? 
_entity_src_gen.host_org_common_name               ? 
_entity_src_gen.pdbx_host_org_scientific_name      'Escherichia coli' 
_entity_src_gen.pdbx_host_org_ncbi_taxonomy_id     562 
_entity_src_gen.host_org_genus                     Escherichia 
_entity_src_gen.pdbx_host_org_gene                 ? 
_entity_src_gen.pdbx_host_org_organ                ? 
_entity_src_gen.host_org_species                   ? 
_entity_src_gen.pdbx_host_org_tissue               ? 
_entity_src_gen.pdbx_host_org_tissue_fraction      ? 
_entity_src_gen.pdbx_host_org_strain               ? 
_entity_src_gen.pdbx_host_org_variant              ? 
_entity_src_gen.pdbx_host_org_cell_line            ? 
_entity_src_gen.pdbx_host_org_atcc                 ? 
_entity_src_gen.pdbx_host_org_culture_collection   ? 
_entity_src_gen.pdbx_host_org_cell                 ? 
_entity_src_gen.pdbx_host_org_organelle            ? 
_entity_src_gen.pdbx_host_org_cellular_location    ? 
_entity_src_gen.pdbx_host_org_vector_type          ? 
_entity_src_gen.pdbx_host_org_vector               ? 
_entity_src_gen.host_org_details                   ? 
_entity_src_gen.expression_system_id               ? 
_entity_src_gen.plasmid_name                       ? 
_entity_src_gen.plasmid_details                    ? 
_entity_src_gen.pdbx_description                   ? 
# 
loop_
_chem_comp.id 
_chem_comp.type 
_chem_comp.mon_nstd_flag 
_chem_comp.name 
_chem_comp.pdbx_synonyms 
_chem_comp.formula 
_chem_comp.formula_weight 
ALA 'L-peptide linking' y ALANINE                                                                                     ? 
'C3 H7 N O2'          89.093  
ARG 'L-peptide linking' y ARGININE                                                                                    ? 
'C6 H15 N4 O2 1'      175.209 
ASN 'L-peptide linking' y ASPARAGINE                                                                                  ? 
'C4 H8 N2 O3'         132.118 
ASP 'L-peptide linking' y 'ASPARTIC ACID'                                                                             ? 
'C4 H7 N O4'          133.103 
CL  non-polymer         . 'CHLORIDE ION'                                                                              ? 'Cl -1' 
35.453  
CYS 'L-peptide linking' y CYSTEINE                                                                                    ? 
'C3 H7 N O2 S'        121.158 
GLN 'L-peptide linking' y GLUTAMINE                                                                                   ? 
'C5 H10 N2 O3'        146.144 
GLU 'L-peptide linking' y 'GLUTAMIC ACID'                                                                             ? 
'C5 H9 N O4'          147.129 
GLY 'peptide linking'   y GLYCINE                                                                                     ? 
'C2 H5 N O2'          75.067  
HIS 'L-peptide linking' y HISTIDINE                                                                                   ? 
'C6 H10 N3 O2 1'      156.162 
HOH non-polymer         . WATER                                                                                       ? 'H2 O' 
18.015  
ILE 'L-peptide linking' y ISOLEUCINE                                                                                  ? 
'C6 H13 N O2'         131.173 
LEU 'L-peptide linking' y LEUCINE                                                                                     ? 
'C6 H13 N O2'         131.173 
LYS 'L-peptide linking' y LYSINE                                                                                      ? 
'C6 H15 N2 O2 1'      147.195 
MET 'L-peptide linking' y METHIONINE                                                                                  ? 
'C5 H11 N O2 S'       149.211 
PHE 'L-peptide linking' y PHENYLALANINE                                                                               ? 
'C9 H11 N O2'         165.189 
PRO 'L-peptide linking' y PROLINE                                                                                     ? 
'C5 H9 N O2'          115.130 
THK non-polymer         . '4-(4-CHLORO-PHENYL)-1-{3-[2-(4-FLUORO-PHENYL)-[1,3]DITHIOLAN-2-YL]-PROPYL}-PIPERIDIN-4-OL' ? 
'C23 H27 Cl F N O S2' 452.048 
THR 'L-peptide linking' y THREONINE                                                                                   ? 
'C4 H9 N O3'          119.119 
TRP 'L-peptide linking' y TRYPTOPHAN                                                                                  ? 
'C11 H12 N2 O2'       204.225 
TYR 'L-peptide linking' y TYROSINE                                                                                    ? 
'C9 H11 N O3'         181.189 
VAL 'L-peptide linking' y VALINE                                                                                      ? 
'C5 H11 N O2'         117.146 
# 
loop_
_pdbx_poly_seq_scheme.asym_id 
_pdbx_poly_seq_scheme.entity_id 
_pdbx_poly_seq_scheme.seq_id 
_pdbx_poly_seq_scheme.mon_id 
_pdbx_poly_seq_scheme.ndb_seq_num 
_pdbx_poly_seq_scheme.pdb_seq_num 
_pdbx_poly_seq_scheme.auth_seq_num 
_pdbx_poly_seq_scheme.pdb_mon_id 
_pdbx_poly_seq_scheme.auth_mon_id 
_pdbx_poly_seq_scheme.pdb_strand_id 
_pdbx_poly_seq_scheme.pdb_ins_code 
_pdbx_poly_seq_scheme.hetero 
A 1 1  PRO 1  1  1  PRO PRO A . n 
A 1 2  GLN 2  2  2  GLN GLN A . n 
A 1 3  ILE 3  3  3  ILE ILE A . n 
A 1 4  THR 4  4  4  THR THR A . n 
A 1 5  LEU 5  5  5  LEU LEU A . n 
A 1 6  TRP 6  6  6  TRP TRP A . n 
A 1 7  LYS 7  7  7  LYS LYS A . n 
A 1 8  ARG 8  8  8  ARG ARG A . n 
A 1 9  PRO 9  9  9  PRO PRO A . n 
A 1 10 LEU 10 10 10 LEU LEU A . n 
A 1 11 VAL 11 11 11 VAL VAL A . n 
A 1 12 THR 12 12 12 THR THR A . n 
A 1 13 ILE 13 13 13 ILE ILE A . n 
A 1 14 ARG 14 14 14 ARG ARG A . n 
A 1 15 ILE 15 15 15 ILE ILE A . n 
A 1 16 GLY 16 16 16 GLY GLY A . n 
A 1 17 GLY 17 17 17 GLY GLY A . n 
A 1 18 GLN 18 18 18 GLN GLN A . n 
A 1 19 LEU 19 19 19 LEU LEU A . n 
A 1 20 LYS 20 20 20 LYS LYS A . n 
A 1 21 GLU 21 21 21 GLU GLU A . n 
A 1 22 ALA 22 22 22 ALA ALA A . n 
A 1 23 LEU 23 23 23 LEU LEU A . n 
A 1 24 LEU 24 24 24 LEU LEU A . n 
A 1 25 ASP 25 25 25 ASP ASP A . n 
A 1 26 THR 26 26 26 THR THR A . n 
A 1 27 GLY 27 27 27 GLY GLY A . n 
A 1 28 ALA 28 28 28 ALA ALA A . n 
A 1 29 ASP 29 29 29 ASP ASP A . n 
A 1 30 ASP 30 30 30 ASP ASP A . n 
A 1 31 THR 31 31 31 THR THR A . n 
A 1 32 VAL 32 32 32 VAL VAL A . n 
A 1 33 LEU 33 33 33 LEU LEU A . n 
A 1 34 GLU 34 34 34 GLU GLU A . n 
A 1 35 GLU 35 35 35 GLU GLU A . n 
A 1 36 MET 36 36 36 MET MET A . n 
A 1 37 ASN 37 37 37 ASN ASN A . n 
A 1 38 LEU 38 38 38 LEU LEU A . n 
A 1 39 PRO 39 39 39 PRO PRO A . n 
A 1 40 GLY 40 40 40 GLY GLY A . n 
A 1 41 LYS 41 41 41 LYS LYS A . n 
A 1 42 TRP 42 42 42 TRP TRP A . n 
A 1 43 LYS 43 43 43 LYS LYS A . n 
A 1 44 PRO 44 44 44 PRO PRO A . n 
A 1 45 LYS 45 45 45 LYS LYS A . n 
A 1 46 MET 46 46 46 MET MET A . n 
A 1 47 ILE 47 47 47 ILE ILE A . n 
A 1 48 GLY 48 48 48 GLY GLY A . n 
A 1 49 GLY 49 49 49 GLY GLY A . n 
A 1 50 ILE 50 50 50 ILE ILE A . n 
A 1 51 GLY 51 51 51 GLY GLY A . n 
A 1 52 GLY 52 52 52 GLY GLY A . n 
A 1 53 PHE 53 53 53 PHE PHE A . n 
A 1 54 ILE 54 54 54 ILE ILE A . n 
A 1 55 LYS 55 55 55 LYS LYS A . n 
A 1 56 VAL 56 56 56 VAL VAL A . n 
A 1 57 ARG 57 57 57 ARG ARG A . n 
A 1 58 GLN 58 58 58 GLN GLN A . n 
A 1 59 TYR 59 59 59 TYR TYR A . n 
A 1 60 ASP 60 60 60 ASP ASP A . n 
A 1 61 GLN 61 61 61 GLN GLN A . n 
A 1 62 ILE 62 62 62 ILE ILE A . n 
A 1 63 PRO 63 63 63 PRO PRO A . n 
A 1 64 VAL 64 64 64 VAL VAL A . n 
A 1 65 GLU 65 65 65 GLU GLU A . n 
A 1 66 ILE 66 66 66 ILE ILE A . n 
A 1 67 CYS 67 67 67 CYS CYS A . n 
A 1 68 GLY 68 68 68 GLY GLY A . n 
A 1 69 HIS 69 69 69 HIS HIS A . n 
A 1 70 LYS 70 70 70 LYS LYS A . n 
A 1 71 ALA 71 71 71 ALA ALA A . n 
A 1 72 ILE 72 72 72 ILE ILE A . n 
A 1 73 GLY 73 73 73 GLY GLY A . n 
A 1 74 THR 74 74 74 THR THR A . n 
A 1 75 VAL 75 75 75 VAL VAL A . n 
A 1 76 LEU 76 76 76 LEU LEU A . n 
A 1 77 VAL 77 77 77 VAL VAL A . n 
A 1 78 GLY 78 78 78 GLY GLY A . n 
A 1 79 PRO 79 79 79 PRO PRO A . n 
A 1 80 THR 80 80 80 THR THR A . n 
A 1 81 PRO 81 81 81 PRO PRO A . n 
A 1 82 VAL 82 82 82 VAL VAL A . n 
A 1 83 ASN 83 83 83 ASN ASN A . n 
A 1 84 ILE 84 84 84 ILE ILE A . n 
A 1 85 ILE 85 85 85 ILE ILE A . n 
A 1 86 GLY 86 86 86 GLY GLY A . n 
A 1 87 ARG 87 87 87 ARG ARG A . n 
A 1 88 ASN 88 88 88 ASN ASN A . n 
A 1 89 LEU 89 89 89 LEU LEU A . n 
A 1 90 LEU 90 90 90 LEU LEU A . n 
A 1 91 THR 91 91 91 THR THR A . n 
A 1 92 GLN 92 92 92 GLN GLN A . n 
A 1 93 ILE 93 93 93 ILE ILE A . n 
A 1 94 GLY 94 94 94 GLY GLY A . n 
A 1 95 CYS 95 95 95 CYS CYS A . n 
A 1 96 THR 96 96 96 THR THR A . n 
A 1 97 LEU 97 97 97 LEU LEU A . n 
A 1 98 ASN 98 98 98 ASN ASN A . n 
A 1 99 PHE 99 99 99 PHE PHE A . n 
B 1 1  PRO 1  1  1  PRO PRO B . n 
B 1 2  GLN 2  2  2  GLN GLN B . n 
B 1 3  ILE 3  3  3  ILE ILE B . n 
B 1 4  THR 4  4  4  THR THR B . n 
B 1 5  LEU 5  5  5  LEU LEU B . n 
B 1 6  TRP 6  6  6  TRP TRP B . n 
B 1 7  LYS 7  7  7  LYS LYS B . n 
B 1 8  ARG 8  8  8  ARG ARG B . n 
B 1 9  PRO 9  9  9  PRO PRO B . n 
B 1 10 LEU 10 10 10 LEU LEU B . n 
B 1 11 VAL 11 11 11 VAL VAL B . n 
B 1 12 THR 12 12 12 THR THR B . n 
B 1 13 ILE 13 13 13 ILE ILE B . n 
B 1 14 ARG 14 14 14 ARG ARG B . n 
B 1 15 ILE 15 15 15 ILE ILE B . n 
B 1 16 GLY 16 16 16 GLY GLY B . n 
B 1 17 GLY 17 17 17 GLY GLY B . n 
B 1 18 GLN 18 18 18 GLN GLN B . n 
B 1 19 LEU 19 19 19 LEU LEU B . n 
B 1 20 LYS 20 20 20 LYS LYS B . n 
B 1 21 GLU 21 21 21 GLU GLU B . n 
B 1 22 ALA 22 22 22 ALA ALA B . n 
B 1 23 LEU 23 23 23 LEU LEU B . n 
B 1 24 LEU 24 24 24 LEU LEU B . n 
B 1 25 ASP 25 25 25 ASP ASP B . n 
B 1 26 THR 26 26 26 THR THR B . n 
B 1 27 GLY 27 27 27 GLY GLY B . n 
B 1 28 ALA 28 28 28 ALA ALA B . n 
B 1 29 ASP 29 29 29 ASP ASP B . n 
B 1 30 ASP 30 30 30 ASP ASP B . n 
B 1 31 THR 31 31 31 THR THR B . n 
B 1 32 VAL 32 32 32 VAL VAL B . n 
B 1 33 LEU 33 33 33 LEU LEU B . n 
B 1 34 GLU 34 34 34 GLU GLU B . n 
B 1 35 GLU 35 35 35 GLU GLU B . n 
B 1 36 MET 36 36 36 MET MET B . n 
B 1 37 ASN 37 37 37 ASN ASN B . n 
B 1 38 LEU 38 38 38 LEU LEU B . n 
B 1 39 PRO 39 39 39 PRO PRO B . n 
B 1 40 GLY 40 40 40 GLY GLY B . n 
B 1 41 LYS 41 41 41 LYS LYS B . n 
B 1 42 TRP 42 42 42 TRP TRP B . n 
B 1 43 LYS 43 43 43 LYS LYS B . n 
B 1 44 PRO 44 44 44 PRO PRO B . n 
B 1 45 LYS 45 45 45 LYS LYS B . n 
B 1 46 MET 46 46 46 MET MET B . n 
B 1 47 ILE 47 47 47 ILE ILE B . n 
B 1 48 GLY 48 48 48 GLY GLY B . n 
B 1 49 GLY 49 49 49 GLY GLY B . n 
B 1 50 ILE 50 50 50 ILE ILE B . n 
B 1 51 GLY 51 51 51 GLY GLY B . n 
B 1 52 GLY 52 52 52 GLY GLY B . n 
B 1 53 PHE 53 53 53 PHE PHE B . n 
B 1 54 ILE 54 54 54 ILE ILE B . n 
B 1 55 LYS 55 55 55 LYS LYS B . n 
B 1 56 VAL 56 56 56 VAL VAL B . n 
B 1 57 ARG 57 57 57 ARG ARG B . n 
B 1 58 GLN 58 58 58 GLN GLN B . n 
B 1 59 TYR 59 59 59 TYR TYR B . n 
B 1 60 ASP 60 60 60 ASP ASP B . n 
B 1 61 GLN 61 61 61 GLN GLN B . n 
B 1 62 ILE 62 62 62 ILE ILE B . n 
B 1 63 PRO 63 63 63 PRO PRO B . n 
B 1 64 VAL 64 64 64 VAL VAL B . n 
B 1 65 GLU 65 65 65 GLU GLU B . n 
B 1 66 ILE 66 66 66 ILE ILE B . n 
B 1 67 CYS 67 67 67 CYS CYS B . n 
B 1 68 GLY 68 68 68 GLY GLY B . n 
B 1 69 HIS 69 69 69 HIS HIS B . n 
B 1 70 LYS 70 70 70 LYS LYS B . n 
B 1 71 ALA 71 71 71 ALA ALA B . n 
B 1 72 ILE 72 72 72 ILE ILE B . n 
B 1 73 GLY 73 73 73 GLY GLY B . n 
B 1 74 THR 74 74 74 THR THR B . n 
B 1 75 VAL 75 75 75 VAL VAL B . n 
B 1 76 LEU 76 76 76 LEU LEU B . n 
B 1 77 VAL 77 77 77 VAL VAL B . n 
B 1 78 GLY 78 78 78 GLY GLY B . n 
B 1 79 PRO 79 79 79 PRO PRO B . n 
B 1 80 THR 80 80 80 THR THR B . n 
B 1 81 PRO 81 81 81 PRO PRO B . n 
B 1 82 VAL 82 82 82 VAL VAL B . n 
B 1 83 ASN 83 83 83 ASN ASN B . n 
B 1 84 ILE 84 84 84 ILE ILE B . n 
B 1 85 ILE 85 85 85 ILE ILE B . n 
B 1 86 GLY 86 86 86 GLY GLY B . n 
B 1 87 ARG 87 87 87 ARG ARG B . n 
B 1 88 ASN 88 88 88 ASN ASN B . n 
B 1 89 LEU 89 89 89 LEU LEU B . n 
B 1 90 LEU 90 90 90 LEU LEU B . n 
B 1 91 THR 91 91 91 THR THR B . n 
B 1 92 GLN 92 92 92 GLN GLN B . n 
B 1 93 ILE 93 93 93 ILE ILE B . n 
B 1 94 GLY 94 94 94 GLY GLY B . n 
B 1 95 CYS 95 95 95 CYS CYS B . n 
B 1 96 THR 96 96 96 THR THR B . n 
B 1 97 LEU 97 97 97 LEU LEU B . n 
B 1 98 ASN 98 98 98 ASN ASN B . n 
B 1 99 PHE 99 99 99 PHE PHE B . n 
# 
loop_
_pdbx_nonpoly_scheme.asym_id 
_pdbx_nonpoly_scheme.entity_id 
_pdbx_nonpoly_scheme.mon_id 
_pdbx_nonpoly_scheme.ndb_seq_num 
_pdbx_nonpoly_scheme.pdb_seq_num 
_pdbx_nonpoly_scheme.auth_seq_num 
_pdbx_nonpoly_scheme.pdb_mon_id 
_pdbx_nonpoly_scheme.auth_mon_id 
_pdbx_nonpoly_scheme.pdb_strand_id 
_pdbx_nonpoly_scheme.pdb_ins_code 
C 2 CL  1  203 203 CL  CL  A . 
D 3 THK 1  201 201 THK THK A . 
E 2 CL  1  204 204 CL  CL  B . 
F 3 THK 1  202 202 THK THK B . 
G 4 HOH 1  305 305 HOH HOH A . 
G 4 HOH 2  307 307 HOH HOH A . 
G 4 HOH 3  309 309 HOH HOH A . 
G 4 HOH 4  312 312 HOH HOH A . 
G 4 HOH 5  317 317 HOH HOH A . 
G 4 HOH 6  327 327 HOH HOH A . 
G 4 HOH 7  329 329 HOH HOH A . 
G 4 HOH 8  335 335 HOH HOH A . 
G 4 HOH 9  336 336 HOH HOH A . 
G 4 HOH 10 343 343 HOH HOH A . 
G 4 HOH 11 345 345 HOH HOH A . 
G 4 HOH 12 346 346 HOH HOH A . 
G 4 HOH 13 348 348 HOH HOH A . 
G 4 HOH 14 372 372 HOH HOH A . 
G 4 HOH 15 383 383 HOH HOH A . 
G 4 HOH 16 384 384 HOH HOH A . 
G 4 HOH 17 387 387 HOH HOH A . 
G 4 HOH 18 391 391 HOH HOH A . 
G 4 HOH 19 394 394 HOH HOH A . 
G 4 HOH 20 406 406 HOH HOH A . 
G 4 HOH 21 408 408 HOH HOH A . 
G 4 HOH 22 409 409 HOH HOH A . 
G 4 HOH 23 414 414 HOH HOH A . 
G 4 HOH 24 418 418 HOH HOH A . 
G 4 HOH 25 425 425 HOH HOH A . 
G 4 HOH 26 426 426 HOH HOH A . 
G 4 HOH 27 427 427 HOH HOH A . 
G 4 HOH 28 435 435 HOH HOH A . 
G 4 HOH 29 441 441 HOH HOH A . 
G 4 HOH 30 446 446 HOH HOH A . 
G 4 HOH 31 460 460 HOH HOH A . 
G 4 HOH 32 461 461 HOH HOH A . 
G 4 HOH 33 466 466 HOH HOH A . 
G 4 HOH 34 469 469 HOH HOH A . 
G 4 HOH 35 470 470 HOH HOH A . 
G 4 HOH 36 472 472 HOH HOH A . 
G 4 HOH 37 473 473 HOH HOH A . 
G 4 HOH 38 474 474 HOH HOH A . 
G 4 HOH 39 479 479 HOH HOH A . 
G 4 HOH 40 480 480 HOH HOH A . 
G 4 HOH 41 482 482 HOH HOH A . 
G 4 HOH 42 484 484 HOH HOH A . 
G 4 HOH 43 485 485 HOH HOH A . 
G 4 HOH 44 487 487 HOH HOH A . 
G 4 HOH 45 489 489 HOH HOH A . 
G 4 HOH 46 492 492 HOH HOH A . 
G 4 HOH 47 493 493 HOH HOH A . 
G 4 HOH 48 496 496 HOH HOH A . 
G 4 HOH 49 500 500 HOH HOH A . 
H 4 HOH 1  302 302 HOH HOH B . 
H 4 HOH 2  304 304 HOH HOH B . 
H 4 HOH 3  308 308 HOH HOH B . 
H 4 HOH 4  319 319 HOH HOH B . 
H 4 HOH 5  322 322 HOH HOH B . 
H 4 HOH 6  324 324 HOH HOH B . 
H 4 HOH 7  328 328 HOH HOH B . 
H 4 HOH 8  330 330 HOH HOH B . 
H 4 HOH 9  332 332 HOH HOH B . 
H 4 HOH 10 334 334 HOH HOH B . 
H 4 HOH 11 338 338 HOH HOH B . 
H 4 HOH 12 344 344 HOH HOH B . 
H 4 HOH 13 350 350 HOH HOH B . 
H 4 HOH 14 355 355 HOH HOH B . 
H 4 HOH 15 357 357 HOH HOH B . 
H 4 HOH 16 361 361 HOH HOH B . 
H 4 HOH 17 363 363 HOH HOH B . 
H 4 HOH 18 371 371 HOH HOH B . 
H 4 HOH 19 373 373 HOH HOH B . 
H 4 HOH 20 375 375 HOH HOH B . 
H 4 HOH 21 376 376 HOH HOH B . 
H 4 HOH 22 380 380 HOH HOH B . 
H 4 HOH 23 382 382 HOH HOH B . 
H 4 HOH 24 388 388 HOH HOH B . 
H 4 HOH 25 390 390 HOH HOH B . 
H 4 HOH 26 393 393 HOH HOH B . 
H 4 HOH 27 395 395 HOH HOH B . 
H 4 HOH 28 397 397 HOH HOH B . 
H 4 HOH 29 398 398 HOH HOH B . 
H 4 HOH 30 399 399 HOH HOH B . 
H 4 HOH 31 400 400 HOH HOH B . 
H 4 HOH 32 401 401 HOH HOH B . 
H 4 HOH 33 404 404 HOH HOH B . 
H 4 HOH 34 420 420 HOH HOH B . 
H 4 HOH 35 424 424 HOH HOH B . 
H 4 HOH 36 429 429 HOH HOH B . 
H 4 HOH 37 434 434 HOH HOH B . 
H 4 HOH 38 440 440 HOH HOH B . 
H 4 HOH 39 443 443 HOH HOH B . 
H 4 HOH 40 448 448 HOH HOH B . 
H 4 HOH 41 455 455 HOH HOH B . 
H 4 HOH 42 456 456 HOH HOH B . 
H 4 HOH 43 458 458 HOH HOH B . 
H 4 HOH 44 459 459 HOH HOH B . 
H 4 HOH 45 468 468 HOH HOH B . 
H 4 HOH 46 477 477 HOH HOH B . 
H 4 HOH 47 481 481 HOH HOH B . 
H 4 HOH 48 483 483 HOH HOH B . 
H 4 HOH 49 486 486 HOH HOH B . 
H 4 HOH 50 491 491 HOH HOH B . 
H 4 HOH 51 494 494 HOH HOH B . 
H 4 HOH 52 495 495 HOH HOH B . 
H 4 HOH 53 497 497 HOH HOH B . 
H 4 HOH 54 498 498 HOH HOH B . 
H 4 HOH 55 499 499 HOH HOH B . 
H 4 HOH 56 502 502 HOH HOH B . 
H 4 HOH 57 503 503 HOH HOH B . 
# 
loop_
_software.name 
_software.classification 
_software.version 
_software.citation_id 
_software.pdbx_ordinal 
X-PLOR 'model building' 2.0 ? 1 
X-PLOR refinement       2.0 ? 2 
BUDDHA 'data reduction' .   ? 3 
XENGEN 'data scaling'   .   ? 4 
X-PLOR phasing          2.0 ? 5 
# 
_cell.entry_id           2AID 
_cell.length_a           51.500 
_cell.length_b           60.400 
_cell.length_c           62.200 
_cell.angle_alpha        90.00 
_cell.angle_beta         90.00 
_cell.angle_gamma        90.00 
_cell.Z_PDB              8 
_cell.pdbx_unique_axis   ? 
_cell.length_a_esd       ? 
_cell.length_b_esd       ? 
_cell.length_c_esd       ? 
_cell.angle_alpha_esd    ? 
_cell.angle_beta_esd     ? 
_cell.angle_gamma_esd    ? 
# 
_symmetry.entry_id                         2AID 
_symmetry.space_group_name_H-M             'P 21 21 21' 
_symmetry.pdbx_full_space_group_name_H-M   ? 
_symmetry.cell_setting                     ? 
_symmetry.Int_Tables_number                19 
_symmetry.space_group_name_Hall            ? 
# 
_exptl.entry_id          2AID 
_exptl.method            'X-RAY DIFFRACTION' 
_exptl.crystals_number   1 
# 
_exptl_crystal.id                    1 
_exptl_crystal.density_meas          ? 
_exptl_crystal.density_Matthews      2.24 
_exptl_crystal.density_percent_sol   45.03 
_exptl_crystal.description           ? 
_exptl_crystal.F_000                 ? 
_exptl_crystal.preparation           ? 
# 
_exptl_crystal_grow.crystal_id      1 
_exptl_crystal_grow.method          ? 
_exptl_crystal_grow.temp            ? 
_exptl_crystal_grow.temp_details    ? 
_exptl_crystal_grow.pH              5.4 
_exptl_crystal_grow.pdbx_pH_range   ? 
_exptl_crystal_grow.pdbx_details    'pH 5.4' 
# 
_diffrn.id                     1 
_diffrn.ambient_temp           287 
_diffrn.ambient_temp_details   ? 
_diffrn.crystal_id             1 
# 
_diffrn_detector.diffrn_id              1 
_diffrn_detector.detector               'AREA DETECTOR' 
_diffrn_detector.type                   SIEMENS 
_diffrn_detector.pdbx_collection_date   1992-12 
_diffrn_detector.details                ? 
# 
_diffrn_radiation.diffrn_id                        1 
_diffrn_radiation.wavelength_id                    1 
_diffrn_radiation.pdbx_monochromatic_or_laue_m_l   M 
_diffrn_radiation.monochromator                    'GRAPHITE(002)' 
_diffrn_radiation.pdbx_diffrn_protocol             ? 
_diffrn_radiation.pdbx_scattering_type             x-ray 
# 
_diffrn_radiation_wavelength.id           1 
_diffrn_radiation_wavelength.wavelength   1.5418 
_diffrn_radiation_wavelength.wt           1.0 
# 
_diffrn_source.diffrn_id                   1 
_diffrn_source.source                      'ROTATING ANODE' 
_diffrn_source.type                        'RIGAKU RUH3R' 
_diffrn_source.pdbx_synchrotron_site       ? 
_diffrn_source.pdbx_synchrotron_beamline   ? 
_diffrn_source.pdbx_wavelength             1.5418 
_diffrn_source.pdbx_wavelength_list        ? 
# 
_reflns.entry_id                     2AID 
_reflns.observed_criterion_sigma_I   0.0 
_reflns.observed_criterion_sigma_F   ? 
_reflns.d_resolution_low             100. 
_reflns.d_resolution_high            1.9 
_reflns.number_obs                   12260 
_reflns.number_all                   ? 
_reflns.percent_possible_obs         77. 
_reflns.pdbx_Rmerge_I_obs            0.0750000 
_reflns.pdbx_Rsym_value              0.0750000 
_reflns.pdbx_netI_over_sigmaI        ? 
_reflns.B_iso_Wilson_estimate        ? 
_reflns.pdbx_redundancy              2.1 
_reflns.R_free_details               ? 
_reflns.limit_h_max                  ? 
_reflns.limit_h_min                  ? 
_reflns.limit_k_max                  ? 
_reflns.limit_k_min                  ? 
_reflns.limit_l_max                  ? 
_reflns.limit_l_min                  ? 
_reflns.observed_criterion_F_max     ? 
_reflns.observed_criterion_F_min     ? 
_reflns.pdbx_chi_squared             ? 
_reflns.pdbx_scaling_rejects         ? 
_reflns.pdbx_ordinal                 1 
_reflns.pdbx_diffrn_id               1 
# 
_refine.entry_id                                 2AID 
_refine.ls_number_reflns_obs                     12260 
_refine.ls_number_reflns_all                     ? 
_refine.pdbx_ls_sigma_I                          ? 
_refine.pdbx_ls_sigma_F                          0.0 
_refine.pdbx_data_cutoff_high_absF               ? 
_refine.pdbx_data_cutoff_low_absF                ? 
_refine.pdbx_data_cutoff_high_rms_absF           ? 
_refine.ls_d_res_low                             7.0 
_refine.ls_d_res_high                            1.9 
_refine.ls_percent_reflns_obs                    77. 
_refine.ls_R_factor_obs                          0.1790000 
_refine.ls_R_factor_all                          ? 
_refine.ls_R_factor_R_work                       0.1790000 
_refine.ls_R_factor_R_free                       ? 
_refine.ls_R_factor_R_free_error                 ? 
_refine.ls_R_factor_R_free_error_details         ? 
_refine.ls_percent_reflns_R_free                 ? 
_refine.ls_number_reflns_R_free                  ? 
_refine.ls_number_parameters                     ? 
_refine.ls_number_restraints                     ? 
_refine.occupancy_min                            ? 
_refine.occupancy_max                            ? 
_refine.B_iso_mean                               ? 
_refine.aniso_B[1][1]                            ? 
_refine.aniso_B[2][2]                            ? 
_refine.aniso_B[3][3]                            ? 
_refine.aniso_B[1][2]                            ? 
_refine.aniso_B[1][3]                            ? 
_refine.aniso_B[2][3]                            ? 
_refine.solvent_model_details                    ? 
_refine.solvent_model_param_ksol                 ? 
_refine.solvent_model_param_bsol                 ? 
_refine.pdbx_ls_cross_valid_method               ? 
_refine.details                                  ? 
_refine.pdbx_starting_model                      'PDB ENTRY 3HVP' 
_refine.pdbx_method_to_determine_struct          'MOLECULAR REPLACEMENT' 
_refine.pdbx_isotropic_thermal_model             RESTRAINED 
_refine.pdbx_stereochemistry_target_values       ? 
_refine.pdbx_stereochem_target_val_spec_case     ? 
_refine.pdbx_R_Free_selection_details            ? 
_refine.pdbx_overall_ESU_R                       ? 
_refine.pdbx_overall_ESU_R_Free                  ? 
_refine.overall_SU_ML                            ? 
_refine.overall_SU_B                             ? 
_refine.pdbx_refine_id                           'X-RAY DIFFRACTION' 
_refine.ls_redundancy_reflns_obs                 ? 
_refine.pdbx_overall_phase_error                 ? 
_refine.B_iso_min                                ? 
_refine.B_iso_max                                ? 
_refine.correlation_coeff_Fo_to_Fc               ? 
_refine.correlation_coeff_Fo_to_Fc_free          ? 
_refine.pdbx_solvent_vdw_probe_radii             ? 
_refine.pdbx_solvent_ion_probe_radii             ? 
_refine.pdbx_solvent_shrinkage_radii             ? 
_refine.overall_SU_R_Cruickshank_DPI             ? 
_refine.overall_SU_R_free                        ? 
_refine.ls_wR_factor_R_free                      ? 
_refine.ls_wR_factor_R_work                      ? 
_refine.overall_FOM_free_R_set                   ? 
_refine.overall_FOM_work_R_set                   ? 
_refine.pdbx_diffrn_id                           1 
_refine.pdbx_TLS_residual_ADP_flag               ? 
_refine.pdbx_overall_SU_R_free_Cruickshank_DPI   ? 
_refine.pdbx_overall_SU_R_Blow_DPI               ? 
_refine.pdbx_overall_SU_R_free_Blow_DPI          ? 
# 
_refine_hist.pdbx_refine_id                   'X-RAY DIFFRACTION' 
_refine_hist.cycle_id                         LAST 
_refine_hist.pdbx_number_atoms_protein        1516 
_refine_hist.pdbx_number_atoms_nucleic_acid   0 
_refine_hist.pdbx_number_atoms_ligand         60 
_refine_hist.number_atoms_solvent             106 
_refine_hist.number_atoms_total               1682 
_refine_hist.d_res_high                       1.9 
_refine_hist.d_res_low                        7.0 
# 
loop_
_refine_ls_restr.type 
_refine_ls_restr.dev_ideal 
_refine_ls_restr.dev_ideal_target 
_refine_ls_restr.weight 
_refine_ls_restr.number 
_refine_ls_restr.pdbx_refine_id 
_refine_ls_restr.pdbx_restraint_function 
x_bond_d                0.016 ? ? ? 'X-RAY DIFFRACTION' ? 
x_bond_d_na             ?     ? ? ? 'X-RAY DIFFRACTION' ? 
x_bond_d_prot           ?     ? ? ? 'X-RAY DIFFRACTION' ? 
x_angle_d               ?     ? ? ? 'X-RAY DIFFRACTION' ? 
x_angle_d_na            ?     ? ? ? 'X-RAY DIFFRACTION' ? 
x_angle_d_prot          ?     ? ? ? 'X-RAY DIFFRACTION' ? 
x_angle_deg             3.24  ? ? ? 'X-RAY DIFFRACTION' ? 
x_angle_deg_na          ?     ? ? ? 'X-RAY DIFFRACTION' ? 
x_angle_deg_prot        ?     ? ? ? 'X-RAY DIFFRACTION' ? 
x_dihedral_angle_d      28.0  ? ? ? 'X-RAY DIFFRACTION' ? 
x_dihedral_angle_d_na   ?     ? ? ? 'X-RAY DIFFRACTION' ? 
x_dihedral_angle_d_prot ?     ? ? ? 'X-RAY DIFFRACTION' ? 
x_improper_angle_d      1.41  ? ? ? 'X-RAY DIFFRACTION' ? 
x_improper_angle_d_na   ?     ? ? ? 'X-RAY DIFFRACTION' ? 
x_improper_angle_d_prot ?     ? ? ? 'X-RAY DIFFRACTION' ? 
x_mcbond_it             ?     ? ? ? 'X-RAY DIFFRACTION' ? 
x_mcangle_it            ?     ? ? ? 'X-RAY DIFFRACTION' ? 
x_scbond_it             ?     ? ? ? 'X-RAY DIFFRACTION' ? 
x_scangle_it            ?     ? ? ? 'X-RAY DIFFRACTION' ? 
# 
loop_
_pdbx_xplor_file.serial_no 
_pdbx_xplor_file.param_file 
_pdbx_xplor_file.topol_file 
_pdbx_xplor_file.pdbx_refine_id 
1 PARAM19X.PRO TOPH19X.PRO 'X-RAY DIFFRACTION' 
2 ?            ?           'X-RAY DIFFRACTION' 
# 
_struct.entry_id                  2AID 
_struct.title                     
'STRUCTURE OF A NON-PEPTIDE INHIBITOR COMPLEXED WITH HIV-1 PROTEASE: DEVELOPING A CYCLE OF STRUCTURE-BASED DRUG DESIGN' 
_struct.pdbx_model_details        ? 
_struct.pdbx_CASP_flag            ? 
_struct.pdbx_model_type_details   ? 
# 
_struct_keywords.entry_id        2AID 
_struct_keywords.pdbx_keywords   'ASPARTYL PROTEASE' 
_struct_keywords.text            'ASPARTYL PROTEASE, HIV, NON-PEPTIDE INHIBITOR, DRUG DESIGN' 
# 
loop_
_struct_asym.id 
_struct_asym.pdbx_blank_PDB_chainid_flag 
_struct_asym.pdbx_modified 
_struct_asym.entity_id 
_struct_asym.details 
A N N 1 ? 
B N N 1 ? 
C N N 2 ? 
D N N 3 ? 
E N N 2 ? 
F N N 3 ? 
G N N 4 ? 
H N N 4 ? 
# 
_struct_ref.id                         1 
_struct_ref.db_name                    UNP 
_struct_ref.db_code                    POL_HV1A2 
_struct_ref.entity_id                  1 
_struct_ref.pdbx_db_accession          P03369 
_struct_ref.pdbx_align_begin           1 
_struct_ref.pdbx_seq_one_letter_code   
;FFREDLAFLQGKAREFSSEQTRANSPTRRELQVWGGENNSLSEAGADRQGTVSFNFPQITLWQRPLVTIRIGGQLKEALL
DTGADDTVLEEMNLPGKWKPKMIGGIGGFIKVRQYDQIPVEICGHKAIGTVLVGPTPVNIIGRNLLTQIGCTLNFPISPI
ETVPVKLKPGMDGPKVKQWPLTEEKIKALVEICTEMEKEGKISKIGPENPYNTPVFAIKKKDSTKWRKLVDFRELNKRTQ
DFWEVQLGIPHPAGLKKKKSVTVLDVGDAYFSVPLDKDFRKYTAFTIPSINNETPGIRYQYNVLPQGWKGSPAIFQSSMT
KILEPFRKQNPDIVIYQYMDDLYVGSDLEIGQHRTKIEELRQHLLRWGFTTPDKKHQKEPPFLWMGYELHPDKWTVQPIM
LPEKDSWTVNDIQKLVGKLNWASQIYAGIKVKQLCKLLRGTKALTEVIPLTEEAELELAENREILKEPVHEVYYDPSKDL
VAEIQKQGQGQWTYQIYQEPFKNLKTGKYARMRGAHTNDVKQLTEAVQKVSTESIVIWGKIPKFKLPIQKETWEAWWMEY
WQATWIPEWEFVNTPPLVKLWYQLEKEPIVGAETFYVDGAANRETKLGKAGYVTDRGRQKVVSIADTTNQKTELQAIHLA
LQDSGLEVNIVTDSQYALGIIQAQPDKSESELVSQIIEQLIKKEKVYLAWVPAHKGIGGNEQVDKLVSAGIRKVLFLNGI
DKAQEEHEKYHSNWRAMASDFNLPPVVAKEIVASCDKCQLKGEAMHGQVDCSPGIWQLDCTHLEGKIILVAVHVASGYIE
AEVIPAETGQETAYFLLKLAGRWPVKTIHTDNGSNFTSTTVKAACWWAGIKQEFGIPYNPQSQGVVESMNNELKKIIGQV
RDQAEHLKTAVQMAVFIHNFKRKGGIGGYSAGERIVDIIATDIQTKELQKQITKIQNFRVYYRDNKDPLWKGPAKLLWKG
EGAVVIQDNSDIKVVPRRKAKIIRDYGKQMAGDDCVASRQDED
;
_struct_ref.pdbx_db_isoform            ? 
# 
loop_
_struct_ref_seq.align_id 
_struct_ref_seq.ref_id 
_struct_ref_seq.pdbx_PDB_id_code 
_struct_ref_seq.pdbx_strand_id 
_struct_ref_seq.seq_align_beg 
_struct_ref_seq.pdbx_seq_align_beg_ins_code 
_struct_ref_seq.seq_align_end 
_struct_ref_seq.pdbx_seq_align_end_ins_code 
_struct_ref_seq.pdbx_db_accession 
_struct_ref_seq.db_align_beg 
_struct_ref_seq.pdbx_db_align_beg_ins_code 
_struct_ref_seq.db_align_end 
_struct_ref_seq.pdbx_db_align_end_ins_code 
_struct_ref_seq.pdbx_auth_seq_align_beg 
_struct_ref_seq.pdbx_auth_seq_align_end 
1 1 2AID A 1 ? 99 ? P03369 57 ? 155 ? 1 99 
2 1 2AID B 1 ? 99 ? P03369 57 ? 155 ? 1 99 
# 
loop_
_struct_ref_seq_dif.align_id 
_struct_ref_seq_dif.pdbx_pdb_id_code 
_struct_ref_seq_dif.mon_id 
_struct_ref_seq_dif.pdbx_pdb_strand_id 
_struct_ref_seq_dif.seq_num 
_struct_ref_seq_dif.pdbx_pdb_ins_code 
_struct_ref_seq_dif.pdbx_seq_db_name 
_struct_ref_seq_dif.pdbx_seq_db_accession_code 
_struct_ref_seq_dif.db_mon_id 
_struct_ref_seq_dif.pdbx_seq_db_seq_num 
_struct_ref_seq_dif.details 
_struct_ref_seq_dif.pdbx_auth_seq_num 
_struct_ref_seq_dif.pdbx_ordinal 
1 2AID LYS A 7 ? UNP P03369 GLN 63 'engineered mutation' 7 1 
2 2AID LYS B 7 ? UNP P03369 GLN 63 'engineered mutation' 7 2 
# 
_pdbx_struct_assembly.id                   1 
_pdbx_struct_assembly.details              author_and_software_defined_assembly 
_pdbx_struct_assembly.method_details       PISA 
_pdbx_struct_assembly.oligomeric_details   dimeric 
_pdbx_struct_assembly.oligomeric_count     2 
# 
loop_
_pdbx_struct_assembly_prop.biol_id 
_pdbx_struct_assembly_prop.type 
_pdbx_struct_assembly_prop.value 
_pdbx_struct_assembly_prop.details 
1 'ABSA (A^2)' 5550 ? 
1 MORE         -46  ? 
1 'SSA (A^2)'  9350 ? 
# 
_pdbx_struct_assembly_gen.assembly_id       1 
_pdbx_struct_assembly_gen.oper_expression   1 
_pdbx_struct_assembly_gen.asym_id_list      A,B,C,D,E,F,G,H 
# 
_pdbx_struct_oper_list.id                   1 
_pdbx_struct_oper_list.type                 'identity operation' 
_pdbx_struct_oper_list.name                 1_555 
_pdbx_struct_oper_list.symmetry_operation   x,y,z 
_pdbx_struct_oper_list.matrix[1][1]         1.0000000000 
_pdbx_struct_oper_list.matrix[1][2]         0.0000000000 
_pdbx_struct_oper_list.matrix[1][3]         0.0000000000 
_pdbx_struct_oper_list.vector[1]            0.0000000000 
_pdbx_struct_oper_list.matrix[2][1]         0.0000000000 
_pdbx_struct_oper_list.matrix[2][2]         1.0000000000 
_pdbx_struct_oper_list.matrix[2][3]         0.0000000000 
_pdbx_struct_oper_list.vector[2]            0.0000000000 
_pdbx_struct_oper_list.matrix[3][1]         0.0000000000 
_pdbx_struct_oper_list.matrix[3][2]         0.0000000000 
_pdbx_struct_oper_list.matrix[3][3]         1.0000000000 
_pdbx_struct_oper_list.vector[3]            0.0000000000 
# 
_struct_biol.id        1 
_struct_biol.details   ? 
# 
loop_
_struct_conf.conf_type_id 
_struct_conf.id 
_struct_conf.pdbx_PDB_helix_id 
_struct_conf.beg_label_comp_id 
_struct_conf.beg_label_asym_id 
_struct_conf.beg_label_seq_id 
_struct_conf.pdbx_beg_PDB_ins_code 
_struct_conf.end_label_comp_id 
_struct_conf.end_label_asym_id 
_struct_conf.end_label_seq_id 
_struct_conf.pdbx_end_PDB_ins_code 
_struct_conf.beg_auth_comp_id 
_struct_conf.beg_auth_asym_id 
_struct_conf.beg_auth_seq_id 
_struct_conf.end_auth_comp_id 
_struct_conf.end_auth_asym_id 
_struct_conf.end_auth_seq_id 
_struct_conf.pdbx_PDB_helix_class 
_struct_conf.details 
_struct_conf.pdbx_PDB_helix_length 
HELX_P HELX_P1 1 ARG A 87 ? GLN A 92 ? ARG A 87 GLN A 92 1 ? 6 
HELX_P HELX_P2 2 ARG B 87 ? LEU B 90 ? ARG B 87 LEU B 90 1 ? 4 
# 
_struct_conf_type.id          HELX_P 
_struct_conf_type.criteria    ? 
_struct_conf_type.reference   ? 
# 
loop_
_struct_sheet.id 
_struct_sheet.type 
_struct_sheet.number_strands 
_struct_sheet.details 
A ? 4 ? 
B ? 3 ? 
C ? 2 ? 
D ? 3 ? 
E ? 3 ? 
F ? 2 ? 
# 
loop_
_struct_sheet_order.sheet_id 
_struct_sheet_order.range_id_1 
_struct_sheet_order.range_id_2 
_struct_sheet_order.offset 
_struct_sheet_order.sense 
A 1 2 ? anti-parallel 
A 2 3 ? anti-parallel 
A 3 4 ? anti-parallel 
B 1 2 ? anti-parallel 
B 2 3 ? anti-parallel 
C 1 2 ? anti-parallel 
D 1 2 ? anti-parallel 
D 2 3 ? parallel      
E 1 2 ? anti-parallel 
E 2 3 ? anti-parallel 
F 1 2 ? anti-parallel 
# 
loop_
_struct_sheet_range.sheet_id 
_struct_sheet_range.id 
_struct_sheet_range.beg_label_comp_id 
_struct_sheet_range.beg_label_asym_id 
_struct_sheet_range.beg_label_seq_id 
_struct_sheet_range.pdbx_beg_PDB_ins_code 
_struct_sheet_range.end_label_comp_id 
_struct_sheet_range.end_label_asym_id 
_struct_sheet_range.end_label_seq_id 
_struct_sheet_range.pdbx_end_PDB_ins_code 
_struct_sheet_range.beg_auth_comp_id 
_struct_sheet_range.beg_auth_asym_id 
_struct_sheet_range.beg_auth_seq_id 
_struct_sheet_range.end_auth_comp_id 
_struct_sheet_range.end_auth_asym_id 
_struct_sheet_range.end_auth_seq_id 
A 1 GLN A 18 ? LEU A 23 ? GLN A 18 LEU A 23 
A 2 LEU A 10 ? ILE A 15 ? LEU A 10 ILE A 15 
A 3 ILE A 62 ? ILE A 66 ? ILE A 62 ILE A 66 
A 4 HIS A 69 ? GLY A 73 ? HIS A 69 GLY A 73 
B 1 LYS A 43 ? GLY A 48 ? LYS A 43 GLY A 48 
B 2 PHE A 53 ? TYR A 59 ? PHE A 53 TYR A 59 
B 3 VAL A 75 ? GLY A 78 ? VAL A 75 GLY A 78 
C 1 THR A 96 ? ASN A 98 ? THR A 96 ASN A 98 
C 2 THR B 96 ? ASN B 98 ? THR B 96 ASN B 98 
D 1 LEU B 10 ? ILE B 15 ? LEU B 10 ILE B 15 
D 2 GLN B 18 ? LEU B 24 ? GLN B 18 LEU B 24 
D 3 ASN B 83 ? ILE B 85 ? ASN B 83 ILE B 85 
E 1 LYS B 43 ? GLY B 49 ? LYS B 43 GLY B 49 
E 2 GLY B 52 ? TYR B 59 ? GLY B 52 TYR B 59 
E 3 VAL B 75 ? GLY B 78 ? VAL B 75 GLY B 78 
F 1 ILE B 62 ? ILE B 66 ? ILE B 62 ILE B 66 
F 2 HIS B 69 ? GLY B 73 ? HIS B 69 GLY B 73 
# 
loop_
_pdbx_struct_sheet_hbond.sheet_id 
_pdbx_struct_sheet_hbond.range_id_1 
_pdbx_struct_sheet_hbond.range_id_2 
_pdbx_struct_sheet_hbond.range_1_label_atom_id 
_pdbx_struct_sheet_hbond.range_1_label_comp_id 
_pdbx_struct_sheet_hbond.range_1_label_asym_id 
_pdbx_struct_sheet_hbond.range_1_label_seq_id 
_pdbx_struct_sheet_hbond.range_1_PDB_ins_code 
_pdbx_struct_sheet_hbond.range_1_auth_atom_id 
_pdbx_struct_sheet_hbond.range_1_auth_comp_id 
_pdbx_struct_sheet_hbond.range_1_auth_asym_id 
_pdbx_struct_sheet_hbond.range_1_auth_seq_id 
_pdbx_struct_sheet_hbond.range_2_label_atom_id 
_pdbx_struct_sheet_hbond.range_2_label_comp_id 
_pdbx_struct_sheet_hbond.range_2_label_asym_id 
_pdbx_struct_sheet_hbond.range_2_label_seq_id 
_pdbx_struct_sheet_hbond.range_2_PDB_ins_code 
_pdbx_struct_sheet_hbond.range_2_auth_atom_id 
_pdbx_struct_sheet_hbond.range_2_auth_comp_id 
_pdbx_struct_sheet_hbond.range_2_auth_asym_id 
_pdbx_struct_sheet_hbond.range_2_auth_seq_id 
A 1 2 O GLN A 18 ? O GLN A 18 N ILE A 15 ? N ILE A 15 
A 2 3 O ARG A 14 ? O ARG A 14 N GLU A 65 ? N GLU A 65 
A 3 4 O ILE A 62 ? O ILE A 62 N GLY A 73 ? N GLY A 73 
B 1 2 O LYS A 43 ? O LYS A 43 N GLN A 58 ? N GLN A 58 
B 2 3 O ARG A 57 ? O ARG A 57 N VAL A 77 ? N VAL A 77 
C 1 2 O THR A 96 ? O THR A 96 N ASN B 98 ? N ASN B 98 
D 1 2 O VAL B 11 ? O VAL B 11 N ALA B 22 ? N ALA B 22 
D 2 3 O LEU B 23 ? O LEU B 23 N ASN B 83 ? N ASN B 83 
E 1 2 O LYS B 43 ? O LYS B 43 N GLN B 58 ? N GLN B 58 
E 2 3 O ARG B 57 ? O ARG B 57 N VAL B 77 ? N VAL B 77 
F 1 2 O ILE B 62 ? O ILE B 62 N GLY B 73 ? N GLY B 73 
# 
loop_
_struct_site.id 
_struct_site.pdbx_evidence_code 
_struct_site.pdbx_auth_asym_id 
_struct_site.pdbx_auth_comp_id 
_struct_site.pdbx_auth_seq_id 
_struct_site.pdbx_auth_ins_code 
_struct_site.pdbx_num_residues 
_struct_site.details 
AC1 Software A CL  203 ? 3  'BINDING SITE FOR RESIDUE CL A 203'  
AC2 Software B CL  204 ? 3  'BINDING SITE FOR RESIDUE CL B 204'  
AC3 Software A THK 201 ? 13 'BINDING SITE FOR RESIDUE THK A 201' 
AC4 Software B THK 202 ? 12 'BINDING SITE FOR RESIDUE THK B 202' 
# 
loop_
_struct_site_gen.id 
_struct_site_gen.site_id 
_struct_site_gen.pdbx_num_res 
_struct_site_gen.label_comp_id 
_struct_site_gen.label_asym_id 
_struct_site_gen.label_seq_id 
_struct_site_gen.pdbx_auth_ins_code 
_struct_site_gen.auth_comp_id 
_struct_site_gen.auth_asym_id 
_struct_site_gen.auth_seq_id 
_struct_site_gen.label_atom_id 
_struct_site_gen.label_alt_id 
_struct_site_gen.symmetry 
_struct_site_gen.details 
1  AC1 3  ILE A 50 ? ILE A 50  . ? 1_555 ? 
2  AC1 3  THK D .  ? THK A 201 . ? 1_555 ? 
3  AC1 3  ILE B 50 ? ILE B 50  . ? 1_555 ? 
4  AC2 3  THK D .  ? THK A 201 . ? 1_555 ? 
5  AC2 3  GLY B 48 ? GLY B 48  . ? 1_555 ? 
6  AC2 3  THK F .  ? THK B 202 . ? 1_555 ? 
7  AC3 13 ASP A 25 ? ASP A 25  . ? 1_555 ? 
8  AC3 13 GLY A 27 ? GLY A 27  . ? 1_555 ? 
9  AC3 13 ALA A 28 ? ALA A 28  . ? 1_555 ? 
10 AC3 13 ASP A 29 ? ASP A 29  . ? 1_555 ? 
11 AC3 13 GLY A 48 ? GLY A 48  . ? 1_555 ? 
12 AC3 13 PRO A 81 ? PRO A 81  . ? 1_555 ? 
13 AC3 13 VAL A 82 ? VAL A 82  . ? 1_555 ? 
14 AC3 13 CL  C .  ? CL  A 203 . ? 1_555 ? 
15 AC3 13 HOH G .  ? HOH A 461 . ? 1_555 ? 
16 AC3 13 ASP B 25 ? ASP B 25  . ? 1_555 ? 
17 AC3 13 GLY B 27 ? GLY B 27  . ? 1_555 ? 
18 AC3 13 THK F .  ? THK B 202 . ? 1_555 ? 
19 AC3 13 CL  E .  ? CL  B 204 . ? 1_555 ? 
20 AC4 12 ARG A 8  ? ARG A 8   . ? 1_555 ? 
21 AC4 12 LEU A 10 ? LEU A 10  . ? 1_555 ? 
22 AC4 12 ILE A 50 ? ILE A 50  . ? 1_555 ? 
23 AC4 12 VAL A 82 ? VAL A 82  . ? 1_555 ? 
24 AC4 12 THK D .  ? THK A 201 . ? 1_555 ? 
25 AC4 12 ALA B 28 ? ALA B 28  . ? 1_555 ? 
26 AC4 12 ASP B 29 ? ASP B 29  . ? 1_555 ? 
27 AC4 12 ASP B 30 ? ASP B 30  . ? 1_555 ? 
28 AC4 12 VAL B 32 ? VAL B 32  . ? 1_555 ? 
29 AC4 12 GLY B 48 ? GLY B 48  . ? 1_555 ? 
30 AC4 12 ILE B 84 ? ILE B 84  . ? 1_555 ? 
31 AC4 12 CL  E .  ? CL  B 204 . ? 1_555 ? 
# 
loop_
_pdbx_validate_symm_contact.id 
_pdbx_validate_symm_contact.PDB_model_num 
_pdbx_validate_symm_contact.auth_atom_id_1 
_pdbx_validate_symm_contact.auth_asym_id_1 
_pdbx_validate_symm_contact.auth_comp_id_1 
_pdbx_validate_symm_contact.auth_seq_id_1 
_pdbx_validate_symm_contact.PDB_ins_code_1 
_pdbx_validate_symm_contact.label_alt_id_1 
_pdbx_validate_symm_contact.site_symmetry_1 
_pdbx_validate_symm_contact.auth_atom_id_2 
_pdbx_validate_symm_contact.auth_asym_id_2 
_pdbx_validate_symm_contact.auth_comp_id_2 
_pdbx_validate_symm_contact.auth_seq_id_2 
_pdbx_validate_symm_contact.PDB_ins_code_2 
_pdbx_validate_symm_contact.label_alt_id_2 
_pdbx_validate_symm_contact.site_symmetry_2 
_pdbx_validate_symm_contact.dist 
1 1 NH2 A ARG 14 ? ? 1_555 NZ A LYS 55 ? ? 2_455 2.08 
2 1 OG1 B THR 12 ? ? 1_555 NZ B LYS 41 ? ? 3_655 2.17 
# 
loop_
_pdbx_validate_rmsd_bond.id 
_pdbx_validate_rmsd_bond.PDB_model_num 
_pdbx_validate_rmsd_bond.auth_atom_id_1 
_pdbx_validate_rmsd_bond.auth_asym_id_1 
_pdbx_validate_rmsd_bond.auth_comp_id_1 
_pdbx_validate_rmsd_bond.auth_seq_id_1 
_pdbx_validate_rmsd_bond.PDB_ins_code_1 
_pdbx_validate_rmsd_bond.label_alt_id_1 
_pdbx_validate_rmsd_bond.auth_atom_id_2 
_pdbx_validate_rmsd_bond.auth_asym_id_2 
_pdbx_validate_rmsd_bond.auth_comp_id_2 
_pdbx_validate_rmsd_bond.auth_seq_id_2 
_pdbx_validate_rmsd_bond.PDB_ins_code_2 
_pdbx_validate_rmsd_bond.label_alt_id_2 
_pdbx_validate_rmsd_bond.bond_value 
_pdbx_validate_rmsd_bond.bond_target_value 
_pdbx_validate_rmsd_bond.bond_deviation 
_pdbx_validate_rmsd_bond.bond_standard_deviation 
_pdbx_validate_rmsd_bond.linker_flag 
1 1 NE2 A HIS 69 ? ? CD2 A HIS 69 ? ? 1.305 1.373 -0.068 0.011 N 
2 1 NE2 B HIS 69 ? ? CD2 B HIS 69 ? ? 1.305 1.373 -0.068 0.011 N 
# 
loop_
_pdbx_validate_rmsd_angle.id 
_pdbx_validate_rmsd_angle.PDB_model_num 
_pdbx_validate_rmsd_angle.auth_atom_id_1 
_pdbx_validate_rmsd_angle.auth_asym_id_1 
_pdbx_validate_rmsd_angle.auth_comp_id_1 
_pdbx_validate_rmsd_angle.auth_seq_id_1 
_pdbx_validate_rmsd_angle.PDB_ins_code_1 
_pdbx_validate_rmsd_angle.label_alt_id_1 
_pdbx_validate_rmsd_angle.auth_atom_id_2 
_pdbx_validate_rmsd_angle.auth_asym_id_2 
_pdbx_validate_rmsd_angle.auth_comp_id_2 
_pdbx_validate_rmsd_angle.auth_seq_id_2 
_pdbx_validate_rmsd_angle.PDB_ins_code_2 
_pdbx_validate_rmsd_angle.label_alt_id_2 
_pdbx_validate_rmsd_angle.auth_atom_id_3 
_pdbx_validate_rmsd_angle.auth_asym_id_3 
_pdbx_validate_rmsd_angle.auth_comp_id_3 
_pdbx_validate_rmsd_angle.auth_seq_id_3 
_pdbx_validate_rmsd_angle.PDB_ins_code_3 
_pdbx_validate_rmsd_angle.label_alt_id_3 
_pdbx_validate_rmsd_angle.angle_value 
_pdbx_validate_rmsd_angle.angle_target_value 
_pdbx_validate_rmsd_angle.angle_deviation 
_pdbx_validate_rmsd_angle.angle_standard_deviation 
_pdbx_validate_rmsd_angle.linker_flag 
1  1 CE2 A TRP 6  ? ? CD2 A TRP 6  ? ? CG  A TRP 6  ? ? 102.37 107.30 -4.93  0.80 N 
2  1 NE  A ARG 14 ? ? CZ  A ARG 14 ? ? NH1 A ARG 14 ? ? 123.42 120.30 3.12   0.50 N 
3  1 CD1 A TRP 42 ? ? CG  A TRP 42 ? ? CD2 A TRP 42 ? ? 113.30 106.30 7.00   0.80 N 
4  1 CB  A TRP 42 ? ? CG  A TRP 42 ? ? CD1 A TRP 42 ? ? 119.05 127.00 -7.95  1.30 N 
5  1 CG  A TRP 42 ? ? CD1 A TRP 42 ? ? NE1 A TRP 42 ? ? 103.92 110.10 -6.18  1.00 N 
6  1 CE2 A TRP 42 ? ? CD2 A TRP 42 ? ? CG  A TRP 42 ? ? 101.33 107.30 -5.97  0.80 N 
7  1 CG  A TRP 42 ? ? CD2 A TRP 42 ? ? CE3 A TRP 42 ? ? 139.30 133.90 5.40   0.90 N 
8  1 NE  A ARG 87 ? ? CZ  A ARG 87 ? ? NH1 A ARG 87 ? ? 128.35 120.30 8.05   0.50 N 
9  1 NE  A ARG 87 ? ? CZ  A ARG 87 ? ? NH2 A ARG 87 ? ? 109.28 120.30 -11.02 0.50 N 
10 1 CD1 B TRP 6  ? ? CG  B TRP 6  ? ? CD2 B TRP 6  ? ? 112.25 106.30 5.95   0.80 N 
11 1 CE2 B TRP 6  ? ? CD2 B TRP 6  ? ? CG  B TRP 6  ? ? 101.47 107.30 -5.83  0.80 N 
12 1 N   B VAL 11 ? ? CA  B VAL 11 ? ? CB  B VAL 11 ? ? 96.51  111.50 -14.99 2.20 N 
13 1 CG1 B VAL 32 ? ? CB  B VAL 32 ? ? CG2 B VAL 32 ? ? 99.62  110.90 -11.28 1.60 N 
14 1 CD1 B TRP 42 ? ? CG  B TRP 42 ? ? CD2 B TRP 42 ? ? 114.31 106.30 8.01   0.80 N 
15 1 CB  B TRP 42 ? ? CG  B TRP 42 ? ? CD1 B TRP 42 ? ? 118.15 127.00 -8.85  1.30 N 
16 1 CG  B TRP 42 ? ? CD1 B TRP 42 ? ? NE1 B TRP 42 ? ? 102.66 110.10 -7.44  1.00 N 
17 1 CE2 B TRP 42 ? ? CD2 B TRP 42 ? ? CG  B TRP 42 ? ? 101.01 107.30 -6.29  0.80 N 
18 1 CG  B TRP 42 ? ? CD2 B TRP 42 ? ? CE3 B TRP 42 ? ? 140.81 133.90 6.91   0.90 N 
19 1 CB  B VAL 82 ? ? CA  B VAL 82 ? ? C   B VAL 82 ? ? 99.38  111.40 -12.02 1.90 N 
20 1 NE  B ARG 87 ? ? CZ  B ARG 87 ? ? NH1 B ARG 87 ? ? 128.94 120.30 8.64   0.50 N 
21 1 NE  B ARG 87 ? ? CZ  B ARG 87 ? ? NH2 B ARG 87 ? ? 115.72 120.30 -4.58  0.50 N 
# 
_pdbx_validate_torsion.id              1 
_pdbx_validate_torsion.PDB_model_num   1 
_pdbx_validate_torsion.auth_comp_id    GLU 
_pdbx_validate_torsion.auth_asym_id    A 
_pdbx_validate_torsion.auth_seq_id     35 
_pdbx_validate_torsion.PDB_ins_code    ? 
_pdbx_validate_torsion.label_alt_id    ? 
_pdbx_validate_torsion.phi             -39.21 
_pdbx_validate_torsion.psi             130.33 
# 
_pdbx_validate_planes.id              1 
_pdbx_validate_planes.PDB_model_num   1 
_pdbx_validate_planes.auth_comp_id    ARG 
_pdbx_validate_planes.auth_asym_id    A 
_pdbx_validate_planes.auth_seq_id     87 
_pdbx_validate_planes.PDB_ins_code    ? 
_pdbx_validate_planes.label_alt_id    ? 
_pdbx_validate_planes.rmsd            0.085 
_pdbx_validate_planes.type            'SIDE CHAIN' 
# 
loop_
_chem_comp_atom.comp_id 
_chem_comp_atom.atom_id 
_chem_comp_atom.type_symbol 
_chem_comp_atom.pdbx_aromatic_flag 
_chem_comp_atom.pdbx_stereo_config 
_chem_comp_atom.pdbx_ordinal 
ALA N    N  N N 1   
ALA CA   C  N S 2   
ALA C    C  N N 3   
ALA O    O  N N 4   
ALA CB   C  N N 5   
ALA OXT  O  N N 6   
ALA H    H  N N 7   
ALA H2   H  N N 8   
ALA HA   H  N N 9   
ALA HB1  H  N N 10  
ALA HB2  H  N N 11  
ALA HB3  H  N N 12  
ALA HXT  H  N N 13  
ARG N    N  N N 14  
ARG CA   C  N S 15  
ARG C    C  N N 16  
ARG O    O  N N 17  
ARG CB   C  N N 18  
ARG CG   C  N N 19  
ARG CD   C  N N 20  
ARG NE   N  N N 21  
ARG CZ   C  N N 22  
ARG NH1  N  N N 23  
ARG NH2  N  N N 24  
ARG OXT  O  N N 25  
ARG H    H  N N 26  
ARG H2   H  N N 27  
ARG HA   H  N N 28  
ARG HB2  H  N N 29  
ARG HB3  H  N N 30  
ARG HG2  H  N N 31  
ARG HG3  H  N N 32  
ARG HD2  H  N N 33  
ARG HD3  H  N N 34  
ARG HE   H  N N 35  
ARG HH11 H  N N 36  
ARG HH12 H  N N 37  
ARG HH21 H  N N 38  
ARG HH22 H  N N 39  
ARG HXT  H  N N 40  
ASN N    N  N N 41  
ASN CA   C  N S 42  
ASN C    C  N N 43  
ASN O    O  N N 44  
ASN CB   C  N N 45  
ASN CG   C  N N 46  
ASN OD1  O  N N 47  
ASN ND2  N  N N 48  
ASN OXT  O  N N 49  
ASN H    H  N N 50  
ASN H2   H  N N 51  
ASN HA   H  N N 52  
ASN HB2  H  N N 53  
ASN HB3  H  N N 54  
ASN HD21 H  N N 55  
ASN HD22 H  N N 56  
ASN HXT  H  N N 57  
ASP N    N  N N 58  
ASP CA   C  N S 59  
ASP C    C  N N 60  
ASP O    O  N N 61  
ASP CB   C  N N 62  
ASP CG   C  N N 63  
ASP OD1  O  N N 64  
ASP OD2  O  N N 65  
ASP OXT  O  N N 66  
ASP H    H  N N 67  
ASP H2   H  N N 68  
ASP HA   H  N N 69  
ASP HB2  H  N N 70  
ASP HB3  H  N N 71  
ASP HD2  H  N N 72  
ASP HXT  H  N N 73  
CL  CL   CL N N 74  
CYS N    N  N N 75  
CYS CA   C  N R 76  
CYS C    C  N N 77  
CYS O    O  N N 78  
CYS CB   C  N N 79  
CYS SG   S  N N 80  
CYS OXT  O  N N 81  
CYS H    H  N N 82  
CYS H2   H  N N 83  
CYS HA   H  N N 84  
CYS HB2  H  N N 85  
CYS HB3  H  N N 86  
CYS HG   H  N N 87  
CYS HXT  H  N N 88  
GLN N    N  N N 89  
GLN CA   C  N S 90  
GLN C    C  N N 91  
GLN O    O  N N 92  
GLN CB   C  N N 93  
GLN CG   C  N N 94  
GLN CD   C  N N 95  
GLN OE1  O  N N 96  
GLN NE2  N  N N 97  
GLN OXT  O  N N 98  
GLN H    H  N N 99  
GLN H2   H  N N 100 
GLN HA   H  N N 101 
GLN HB2  H  N N 102 
GLN HB3  H  N N 103 
GLN HG2  H  N N 104 
GLN HG3  H  N N 105 
GLN HE21 H  N N 106 
GLN HE22 H  N N 107 
GLN HXT  H  N N 108 
GLU N    N  N N 109 
GLU CA   C  N S 110 
GLU C    C  N N 111 
GLU O    O  N N 112 
GLU CB   C  N N 113 
GLU CG   C  N N 114 
GLU CD   C  N N 115 
GLU OE1  O  N N 116 
GLU OE2  O  N N 117 
GLU OXT  O  N N 118 
GLU H    H  N N 119 
GLU H2   H  N N 120 
GLU HA   H  N N 121 
GLU HB2  H  N N 122 
GLU HB3  H  N N 123 
GLU HG2  H  N N 124 
GLU HG3  H  N N 125 
GLU HE2  H  N N 126 
GLU HXT  H  N N 127 
GLY N    N  N N 128 
GLY CA   C  N N 129 
GLY C    C  N N 130 
GLY O    O  N N 131 
GLY OXT  O  N N 132 
GLY H    H  N N 133 
GLY H2   H  N N 134 
GLY HA2  H  N N 135 
GLY HA3  H  N N 136 
GLY HXT  H  N N 137 
HIS N    N  N N 138 
HIS CA   C  N S 139 
HIS C    C  N N 140 
HIS O    O  N N 141 
HIS CB   C  N N 142 
HIS CG   C  Y N 143 
HIS ND1  N  Y N 144 
HIS CD2  C  Y N 145 
HIS CE1  C  Y N 146 
HIS NE2  N  Y N 147 
HIS OXT  O  N N 148 
HIS H    H  N N 149 
HIS H2   H  N N 150 
HIS HA   H  N N 151 
HIS HB2  H  N N 152 
HIS HB3  H  N N 153 
HIS HD1  H  N N 154 
HIS HD2  H  N N 155 
HIS HE1  H  N N 156 
HIS HE2  H  N N 157 
HIS HXT  H  N N 158 
HOH O    O  N N 159 
HOH H1   H  N N 160 
HOH H2   H  N N 161 
ILE N    N  N N 162 
ILE CA   C  N S 163 
ILE C    C  N N 164 
ILE O    O  N N 165 
ILE CB   C  N S 166 
ILE CG1  C  N N 167 
ILE CG2  C  N N 168 
ILE CD1  C  N N 169 
ILE OXT  O  N N 170 
ILE H    H  N N 171 
ILE H2   H  N N 172 
ILE HA   H  N N 173 
ILE HB   H  N N 174 
ILE HG12 H  N N 175 
ILE HG13 H  N N 176 
ILE HG21 H  N N 177 
ILE HG22 H  N N 178 
ILE HG23 H  N N 179 
ILE HD11 H  N N 180 
ILE HD12 H  N N 181 
ILE HD13 H  N N 182 
ILE HXT  H  N N 183 
LEU N    N  N N 184 
LEU CA   C  N S 185 
LEU C    C  N N 186 
LEU O    O  N N 187 
LEU CB   C  N N 188 
LEU CG   C  N N 189 
LEU CD1  C  N N 190 
LEU CD2  C  N N 191 
LEU OXT  O  N N 192 
LEU H    H  N N 193 
LEU H2   H  N N 194 
LEU HA   H  N N 195 
LEU HB2  H  N N 196 
LEU HB3  H  N N 197 
LEU HG   H  N N 198 
LEU HD11 H  N N 199 
LEU HD12 H  N N 200 
LEU HD13 H  N N 201 
LEU HD21 H  N N 202 
LEU HD22 H  N N 203 
LEU HD23 H  N N 204 
LEU HXT  H  N N 205 
LYS N    N  N N 206 
LYS CA   C  N S 207 
LYS C    C  N N 208 
LYS O    O  N N 209 
LYS CB   C  N N 210 
LYS CG   C  N N 211 
LYS CD   C  N N 212 
LYS CE   C  N N 213 
LYS NZ   N  N N 214 
LYS OXT  O  N N 215 
LYS H    H  N N 216 
LYS H2   H  N N 217 
LYS HA   H  N N 218 
LYS HB2  H  N N 219 
LYS HB3  H  N N 220 
LYS HG2  H  N N 221 
LYS HG3  H  N N 222 
LYS HD2  H  N N 223 
LYS HD3  H  N N 224 
LYS HE2  H  N N 225 
LYS HE3  H  N N 226 
LYS HZ1  H  N N 227 
LYS HZ2  H  N N 228 
LYS HZ3  H  N N 229 
LYS HXT  H  N N 230 
MET N    N  N N 231 
MET CA   C  N S 232 
MET C    C  N N 233 
MET O    O  N N 234 
MET CB   C  N N 235 
MET CG   C  N N 236 
MET SD   S  N N 237 
MET CE   C  N N 238 
MET OXT  O  N N 239 
MET H    H  N N 240 
MET H2   H  N N 241 
MET HA   H  N N 242 
MET HB2  H  N N 243 
MET HB3  H  N N 244 
MET HG2  H  N N 245 
MET HG3  H  N N 246 
MET HE1  H  N N 247 
MET HE2  H  N N 248 
MET HE3  H  N N 249 
MET HXT  H  N N 250 
PHE N    N  N N 251 
PHE CA   C  N S 252 
PHE C    C  N N 253 
PHE O    O  N N 254 
PHE CB   C  N N 255 
PHE CG   C  Y N 256 
PHE CD1  C  Y N 257 
PHE CD2  C  Y N 258 
PHE CE1  C  Y N 259 
PHE CE2  C  Y N 260 
PHE CZ   C  Y N 261 
PHE OXT  O  N N 262 
PHE H    H  N N 263 
PHE H2   H  N N 264 
PHE HA   H  N N 265 
PHE HB2  H  N N 266 
PHE HB3  H  N N 267 
PHE HD1  H  N N 268 
PHE HD2  H  N N 269 
PHE HE1  H  N N 270 
PHE HE2  H  N N 271 
PHE HZ   H  N N 272 
PHE HXT  H  N N 273 
PRO N    N  N N 274 
PRO CA   C  N S 275 
PRO C    C  N N 276 
PRO O    O  N N 277 
PRO CB   C  N N 278 
PRO CG   C  N N 279 
PRO CD   C  N N 280 
PRO OXT  O  N N 281 
PRO H    H  N N 282 
PRO HA   H  N N 283 
PRO HB2  H  N N 284 
PRO HB3  H  N N 285 
PRO HG2  H  N N 286 
PRO HG3  H  N N 287 
PRO HD2  H  N N 288 
PRO HD3  H  N N 289 
PRO HXT  H  N N 290 
THK N1   N  N N 291 
THK C2   C  N N 292 
THK C3   C  N N 293 
THK C4   C  N N 294 
THK O19  O  N N 295 
THK C5   C  N N 296 
THK C6   C  N N 297 
THK C7   C  N N 298 
THK C8   C  N N 299 
THK C9   C  N N 300 
THK C10  C  N N 301 
THK C12  C  Y N 302 
THK C13  C  Y N 303 
THK C14  C  Y N 304 
THK C15  C  Y N 305 
THK F18  F  N N 306 
THK C16  C  Y N 307 
THK C17  C  Y N 308 
THK C20  C  Y N 309 
THK C21  C  Y N 310 
THK C22  C  Y N 311 
THK C23  C  Y N 312 
THK CL6  CL N N 313 
THK C24  C  Y N 314 
THK C25  C  Y N 315 
THK S51  S  N N 316 
THK C52  C  N N 317 
THK C55  C  N N 318 
THK S58  S  N N 319 
THK H21A H  N N 320 
THK H22A H  N N 321 
THK H31  H  N N 322 
THK H32  H  N N 323 
THK HO9  H  N N 324 
THK H51  H  N N 325 
THK H52  H  N N 326 
THK H61  H  N N 327 
THK H62  H  N N 328 
THK H71  H  N N 329 
THK H72  H  N N 330 
THK H81  H  N N 331 
THK H82  H  N N 332 
THK H91  H  N N 333 
THK H92  H  N N 334 
THK H13  H  N N 335 
THK H14  H  N N 336 
THK H16  H  N N 337 
THK H17  H  N N 338 
THK H21  H  N N 339 
THK H22  H  N N 340 
THK H24  H  N N 341 
THK H25  H  N N 342 
THK H521 H  N N 343 
THK H522 H  N N 344 
THK H551 H  N N 345 
THK H552 H  N N 346 
THR N    N  N N 347 
THR CA   C  N S 348 
THR C    C  N N 349 
THR O    O  N N 350 
THR CB   C  N R 351 
THR OG1  O  N N 352 
THR CG2  C  N N 353 
THR OXT  O  N N 354 
THR H    H  N N 355 
THR H2   H  N N 356 
THR HA   H  N N 357 
THR HB   H  N N 358 
THR HG1  H  N N 359 
THR HG21 H  N N 360 
THR HG22 H  N N 361 
THR HG23 H  N N 362 
THR HXT  H  N N 363 
TRP N    N  N N 364 
TRP CA   C  N S 365 
TRP C    C  N N 366 
TRP O    O  N N 367 
TRP CB   C  N N 368 
TRP CG   C  Y N 369 
TRP CD1  C  Y N 370 
TRP CD2  C  Y N 371 
TRP NE1  N  Y N 372 
TRP CE2  C  Y N 373 
TRP CE3  C  Y N 374 
TRP CZ2  C  Y N 375 
TRP CZ3  C  Y N 376 
TRP CH2  C  Y N 377 
TRP OXT  O  N N 378 
TRP H    H  N N 379 
TRP H2   H  N N 380 
TRP HA   H  N N 381 
TRP HB2  H  N N 382 
TRP HB3  H  N N 383 
TRP HD1  H  N N 384 
TRP HE1  H  N N 385 
TRP HE3  H  N N 386 
TRP HZ2  H  N N 387 
TRP HZ3  H  N N 388 
TRP HH2  H  N N 389 
TRP HXT  H  N N 390 
TYR N    N  N N 391 
TYR CA   C  N S 392 
TYR C    C  N N 393 
TYR O    O  N N 394 
TYR CB   C  N N 395 
TYR CG   C  Y N 396 
TYR CD1  C  Y N 397 
TYR CD2  C  Y N 398 
TYR CE1  C  Y N 399 
TYR CE2  C  Y N 400 
TYR CZ   C  Y N 401 
TYR OH   O  N N 402 
TYR OXT  O  N N 403 
TYR H    H  N N 404 
TYR H2   H  N N 405 
TYR HA   H  N N 406 
TYR HB2  H  N N 407 
TYR HB3  H  N N 408 
TYR HD1  H  N N 409 
TYR HD2  H  N N 410 
TYR HE1  H  N N 411 
TYR HE2  H  N N 412 
TYR HH   H  N N 413 
TYR HXT  H  N N 414 
VAL N    N  N N 415 
VAL CA   C  N S 416 
VAL C    C  N N 417 
VAL O    O  N N 418 
VAL CB   C  N N 419 
VAL CG1  C  N N 420 
VAL CG2  C  N N 421 
VAL OXT  O  N N 422 
VAL H    H  N N 423 
VAL H2   H  N N 424 
VAL HA   H  N N 425 
VAL HB   H  N N 426 
VAL HG11 H  N N 427 
VAL HG12 H  N N 428 
VAL HG13 H  N N 429 
VAL HG21 H  N N 430 
VAL HG22 H  N N 431 
VAL HG23 H  N N 432 
VAL HXT  H  N N 433 
# 
loop_
_chem_comp_bond.comp_id 
_chem_comp_bond.atom_id_1 
_chem_comp_bond.atom_id_2 
_chem_comp_bond.value_order 
_chem_comp_bond.pdbx_aromatic_flag 
_chem_comp_bond.pdbx_stereo_config 
_chem_comp_bond.pdbx_ordinal 
ALA N   CA   sing N N 1   
ALA N   H    sing N N 2   
ALA N   H2   sing N N 3   
ALA CA  C    sing N N 4   
ALA CA  CB   sing N N 5   
ALA CA  HA   sing N N 6   
ALA C   O    doub N N 7   
ALA C   OXT  sing N N 8   
ALA CB  HB1  sing N N 9   
ALA CB  HB2  sing N N 10  
ALA CB  HB3  sing N N 11  
ALA OXT HXT  sing N N 12  
ARG N   CA   sing N N 13  
ARG N   H    sing N N 14  
ARG N   H2   sing N N 15  
ARG CA  C    sing N N 16  
ARG CA  CB   sing N N 17  
ARG CA  HA   sing N N 18  
ARG C   O    doub N N 19  
ARG C   OXT  sing N N 20  
ARG CB  CG   sing N N 21  
ARG CB  HB2  sing N N 22  
ARG CB  HB3  sing N N 23  
ARG CG  CD   sing N N 24  
ARG CG  HG2  sing N N 25  
ARG CG  HG3  sing N N 26  
ARG CD  NE   sing N N 27  
ARG CD  HD2  sing N N 28  
ARG CD  HD3  sing N N 29  
ARG NE  CZ   sing N N 30  
ARG NE  HE   sing N N 31  
ARG CZ  NH1  sing N N 32  
ARG CZ  NH2  doub N N 33  
ARG NH1 HH11 sing N N 34  
ARG NH1 HH12 sing N N 35  
ARG NH2 HH21 sing N N 36  
ARG NH2 HH22 sing N N 37  
ARG OXT HXT  sing N N 38  
ASN N   CA   sing N N 39  
ASN N   H    sing N N 40  
ASN N   H2   sing N N 41  
ASN CA  C    sing N N 42  
ASN CA  CB   sing N N 43  
ASN CA  HA   sing N N 44  
ASN C   O    doub N N 45  
ASN C   OXT  sing N N 46  
ASN CB  CG   sing N N 47  
ASN CB  HB2  sing N N 48  
ASN CB  HB3  sing N N 49  
ASN CG  OD1  doub N N 50  
ASN CG  ND2  sing N N 51  
ASN ND2 HD21 sing N N 52  
ASN ND2 HD22 sing N N 53  
ASN OXT HXT  sing N N 54  
ASP N   CA   sing N N 55  
ASP N   H    sing N N 56  
ASP N   H2   sing N N 57  
ASP CA  C    sing N N 58  
ASP CA  CB   sing N N 59  
ASP CA  HA   sing N N 60  
ASP C   O    doub N N 61  
ASP C   OXT  sing N N 62  
ASP CB  CG   sing N N 63  
ASP CB  HB2  sing N N 64  
ASP CB  HB3  sing N N 65  
ASP CG  OD1  doub N N 66  
ASP CG  OD2  sing N N 67  
ASP OD2 HD2  sing N N 68  
ASP OXT HXT  sing N N 69  
CYS N   CA   sing N N 70  
CYS N   H    sing N N 71  
CYS N   H2   sing N N 72  
CYS CA  C    sing N N 73  
CYS CA  CB   sing N N 74  
CYS CA  HA   sing N N 75  
CYS C   O    doub N N 76  
CYS C   OXT  sing N N 77  
CYS CB  SG   sing N N 78  
CYS CB  HB2  sing N N 79  
CYS CB  HB3  sing N N 80  
CYS SG  HG   sing N N 81  
CYS OXT HXT  sing N N 82  
GLN N   CA   sing N N 83  
GLN N   H    sing N N 84  
GLN N   H2   sing N N 85  
GLN CA  C    sing N N 86  
GLN CA  CB   sing N N 87  
GLN CA  HA   sing N N 88  
GLN C   O    doub N N 89  
GLN C   OXT  sing N N 90  
GLN CB  CG   sing N N 91  
GLN CB  HB2  sing N N 92  
GLN CB  HB3  sing N N 93  
GLN CG  CD   sing N N 94  
GLN CG  HG2  sing N N 95  
GLN CG  HG3  sing N N 96  
GLN CD  OE1  doub N N 97  
GLN CD  NE2  sing N N 98  
GLN NE2 HE21 sing N N 99  
GLN NE2 HE22 sing N N 100 
GLN OXT HXT  sing N N 101 
GLU N   CA   sing N N 102 
GLU N   H    sing N N 103 
GLU N   H2   sing N N 104 
GLU CA  C    sing N N 105 
GLU CA  CB   sing N N 106 
GLU CA  HA   sing N N 107 
GLU C   O    doub N N 108 
GLU C   OXT  sing N N 109 
GLU CB  CG   sing N N 110 
GLU CB  HB2  sing N N 111 
GLU CB  HB3  sing N N 112 
GLU CG  CD   sing N N 113 
GLU CG  HG2  sing N N 114 
GLU CG  HG3  sing N N 115 
GLU CD  OE1  doub N N 116 
GLU CD  OE2  sing N N 117 
GLU OE2 HE2  sing N N 118 
GLU OXT HXT  sing N N 119 
GLY N   CA   sing N N 120 
GLY N   H    sing N N 121 
GLY N   H2   sing N N 122 
GLY CA  C    sing N N 123 
GLY CA  HA2  sing N N 124 
GLY CA  HA3  sing N N 125 
GLY C   O    doub N N 126 
GLY C   OXT  sing N N 127 
GLY OXT HXT  sing N N 128 
HIS N   CA   sing N N 129 
HIS N   H    sing N N 130 
HIS N   H2   sing N N 131 
HIS CA  C    sing N N 132 
HIS CA  CB   sing N N 133 
HIS CA  HA   sing N N 134 
HIS C   O    doub N N 135 
HIS C   OXT  sing N N 136 
HIS CB  CG   sing N N 137 
HIS CB  HB2  sing N N 138 
HIS CB  HB3  sing N N 139 
HIS CG  ND1  sing Y N 140 
HIS CG  CD2  doub Y N 141 
HIS ND1 CE1  doub Y N 142 
HIS ND1 HD1  sing N N 143 
HIS CD2 NE2  sing Y N 144 
HIS CD2 HD2  sing N N 145 
HIS CE1 NE2  sing Y N 146 
HIS CE1 HE1  sing N N 147 
HIS NE2 HE2  sing N N 148 
HIS OXT HXT  sing N N 149 
HOH O   H1   sing N N 150 
HOH O   H2   sing N N 151 
ILE N   CA   sing N N 152 
ILE N   H    sing N N 153 
ILE N   H2   sing N N 154 
ILE CA  C    sing N N 155 
ILE CA  CB   sing N N 156 
ILE CA  HA   sing N N 157 
ILE C   O    doub N N 158 
ILE C   OXT  sing N N 159 
ILE CB  CG1  sing N N 160 
ILE CB  CG2  sing N N 161 
ILE CB  HB   sing N N 162 
ILE CG1 CD1  sing N N 163 
ILE CG1 HG12 sing N N 164 
ILE CG1 HG13 sing N N 165 
ILE CG2 HG21 sing N N 166 
ILE CG2 HG22 sing N N 167 
ILE CG2 HG23 sing N N 168 
ILE CD1 HD11 sing N N 169 
ILE CD1 HD12 sing N N 170 
ILE CD1 HD13 sing N N 171 
ILE OXT HXT  sing N N 172 
LEU N   CA   sing N N 173 
LEU N   H    sing N N 174 
LEU N   H2   sing N N 175 
LEU CA  C    sing N N 176 
LEU CA  CB   sing N N 177 
LEU CA  HA   sing N N 178 
LEU C   O    doub N N 179 
LEU C   OXT  sing N N 180 
LEU CB  CG   sing N N 181 
LEU CB  HB2  sing N N 182 
LEU CB  HB3  sing N N 183 
LEU CG  CD1  sing N N 184 
LEU CG  CD2  sing N N 185 
LEU CG  HG   sing N N 186 
LEU CD1 HD11 sing N N 187 
LEU CD1 HD12 sing N N 188 
LEU CD1 HD13 sing N N 189 
LEU CD2 HD21 sing N N 190 
LEU CD2 HD22 sing N N 191 
LEU CD2 HD23 sing N N 192 
LEU OXT HXT  sing N N 193 
LYS N   CA   sing N N 194 
LYS N   H    sing N N 195 
LYS N   H2   sing N N 196 
LYS CA  C    sing N N 197 
LYS CA  CB   sing N N 198 
LYS CA  HA   sing N N 199 
LYS C   O    doub N N 200 
LYS C   OXT  sing N N 201 
LYS CB  CG   sing N N 202 
LYS CB  HB2  sing N N 203 
LYS CB  HB3  sing N N 204 
LYS CG  CD   sing N N 205 
LYS CG  HG2  sing N N 206 
LYS CG  HG3  sing N N 207 
LYS CD  CE   sing N N 208 
LYS CD  HD2  sing N N 209 
LYS CD  HD3  sing N N 210 
LYS CE  NZ   sing N N 211 
LYS CE  HE2  sing N N 212 
LYS CE  HE3  sing N N 213 
LYS NZ  HZ1  sing N N 214 
LYS NZ  HZ2  sing N N 215 
LYS NZ  HZ3  sing N N 216 
LYS OXT HXT  sing N N 217 
MET N   CA   sing N N 218 
MET N   H    sing N N 219 
MET N   H2   sing N N 220 
MET CA  C    sing N N 221 
MET CA  CB   sing N N 222 
MET CA  HA   sing N N 223 
MET C   O    doub N N 224 
MET C   OXT  sing N N 225 
MET CB  CG   sing N N 226 
MET CB  HB2  sing N N 227 
MET CB  HB3  sing N N 228 
MET CG  SD   sing N N 229 
MET CG  HG2  sing N N 230 
MET CG  HG3  sing N N 231 
MET SD  CE   sing N N 232 
MET CE  HE1  sing N N 233 
MET CE  HE2  sing N N 234 
MET CE  HE3  sing N N 235 
MET OXT HXT  sing N N 236 
PHE N   CA   sing N N 237 
PHE N   H    sing N N 238 
PHE N   H2   sing N N 239 
PHE CA  C    sing N N 240 
PHE CA  CB   sing N N 241 
PHE CA  HA   sing N N 242 
PHE C   O    doub N N 243 
PHE C   OXT  sing N N 244 
PHE CB  CG   sing N N 245 
PHE CB  HB2  sing N N 246 
PHE CB  HB3  sing N N 247 
PHE CG  CD1  doub Y N 248 
PHE CG  CD2  sing Y N 249 
PHE CD1 CE1  sing Y N 250 
PHE CD1 HD1  sing N N 251 
PHE CD2 CE2  doub Y N 252 
PHE CD2 HD2  sing N N 253 
PHE CE1 CZ   doub Y N 254 
PHE CE1 HE1  sing N N 255 
PHE CE2 CZ   sing Y N 256 
PHE CE2 HE2  sing N N 257 
PHE CZ  HZ   sing N N 258 
PHE OXT HXT  sing N N 259 
PRO N   CA   sing N N 260 
PRO N   CD   sing N N 261 
PRO N   H    sing N N 262 
PRO CA  C    sing N N 263 
PRO CA  CB   sing N N 264 
PRO CA  HA   sing N N 265 
PRO C   O    doub N N 266 
PRO C   OXT  sing N N 267 
PRO CB  CG   sing N N 268 
PRO CB  HB2  sing N N 269 
PRO CB  HB3  sing N N 270 
PRO CG  CD   sing N N 271 
PRO CG  HG2  sing N N 272 
PRO CG  HG3  sing N N 273 
PRO CD  HD2  sing N N 274 
PRO CD  HD3  sing N N 275 
PRO OXT HXT  sing N N 276 
THK N1  C2   sing N N 277 
THK N1  C6   sing N N 278 
THK N1  C7   sing N N 279 
THK C2  C3   sing N N 280 
THK C2  H21A sing N N 281 
THK C2  H22A sing N N 282 
THK C3  C4   sing N N 283 
THK C3  H31  sing N N 284 
THK C3  H32  sing N N 285 
THK C4  O19  sing N N 286 
THK C4  C5   sing N N 287 
THK C4  C20  sing N N 288 
THK O19 HO9  sing N N 289 
THK C5  C6   sing N N 290 
THK C5  H51  sing N N 291 
THK C5  H52  sing N N 292 
THK C6  H61  sing N N 293 
THK C6  H62  sing N N 294 
THK C7  C8   sing N N 295 
THK C7  H71  sing N N 296 
THK C7  H72  sing N N 297 
THK C8  C9   sing N N 298 
THK C8  H81  sing N N 299 
THK C8  H82  sing N N 300 
THK C9  C10  sing N N 301 
THK C9  H91  sing N N 302 
THK C9  H92  sing N N 303 
THK C10 C12  sing N N 304 
THK C10 S51  sing N N 305 
THK C10 S58  sing N N 306 
THK C12 C13  doub Y N 307 
THK C12 C17  sing Y N 308 
THK C13 C14  sing Y N 309 
THK C13 H13  sing N N 310 
THK C14 C15  doub Y N 311 
THK C14 H14  sing N N 312 
THK C15 F18  sing N N 313 
THK C15 C16  sing Y N 314 
THK C16 C17  doub Y N 315 
THK C16 H16  sing N N 316 
THK C17 H17  sing N N 317 
THK C20 C21  doub Y N 318 
THK C20 C25  sing Y N 319 
THK C21 C22  sing Y N 320 
THK C21 H21  sing N N 321 
THK C22 C23  doub Y N 322 
THK C22 H22  sing N N 323 
THK C23 CL6  sing N N 324 
THK C23 C24  sing Y N 325 
THK C24 C25  doub Y N 326 
THK C24 H24  sing N N 327 
THK C25 H25  sing N N 328 
THK S51 C52  sing N N 329 
THK C52 C55  sing N N 330 
THK C52 H521 sing N N 331 
THK C52 H522 sing N N 332 
THK C55 S58  sing N N 333 
THK C55 H551 sing N N 334 
THK C55 H552 sing N N 335 
THR N   CA   sing N N 336 
THR N   H    sing N N 337 
THR N   H2   sing N N 338 
THR CA  C    sing N N 339 
THR CA  CB   sing N N 340 
THR CA  HA   sing N N 341 
THR C   O    doub N N 342 
THR C   OXT  sing N N 343 
THR CB  OG1  sing N N 344 
THR CB  CG2  sing N N 345 
THR CB  HB   sing N N 346 
THR OG1 HG1  sing N N 347 
THR CG2 HG21 sing N N 348 
THR CG2 HG22 sing N N 349 
THR CG2 HG23 sing N N 350 
THR OXT HXT  sing N N 351 
TRP N   CA   sing N N 352 
TRP N   H    sing N N 353 
TRP N   H2   sing N N 354 
TRP CA  C    sing N N 355 
TRP CA  CB   sing N N 356 
TRP CA  HA   sing N N 357 
TRP C   O    doub N N 358 
TRP C   OXT  sing N N 359 
TRP CB  CG   sing N N 360 
TRP CB  HB2  sing N N 361 
TRP CB  HB3  sing N N 362 
TRP CG  CD1  doub Y N 363 
TRP CG  CD2  sing Y N 364 
TRP CD1 NE1  sing Y N 365 
TRP CD1 HD1  sing N N 366 
TRP CD2 CE2  doub Y N 367 
TRP CD2 CE3  sing Y N 368 
TRP NE1 CE2  sing Y N 369 
TRP NE1 HE1  sing N N 370 
TRP CE2 CZ2  sing Y N 371 
TRP CE3 CZ3  doub Y N 372 
TRP CE3 HE3  sing N N 373 
TRP CZ2 CH2  doub Y N 374 
TRP CZ2 HZ2  sing N N 375 
TRP CZ3 CH2  sing Y N 376 
TRP CZ3 HZ3  sing N N 377 
TRP CH2 HH2  sing N N 378 
TRP OXT HXT  sing N N 379 
TYR N   CA   sing N N 380 
TYR N   H    sing N N 381 
TYR N   H2   sing N N 382 
TYR CA  C    sing N N 383 
TYR CA  CB   sing N N 384 
TYR CA  HA   sing N N 385 
TYR C   O    doub N N 386 
TYR C   OXT  sing N N 387 
TYR CB  CG   sing N N 388 
TYR CB  HB2  sing N N 389 
TYR CB  HB3  sing N N 390 
TYR CG  CD1  doub Y N 391 
TYR CG  CD2  sing Y N 392 
TYR CD1 CE1  sing Y N 393 
TYR CD1 HD1  sing N N 394 
TYR CD2 CE2  doub Y N 395 
TYR CD2 HD2  sing N N 396 
TYR CE1 CZ   doub Y N 397 
TYR CE1 HE1  sing N N 398 
TYR CE2 CZ   sing Y N 399 
TYR CE2 HE2  sing N N 400 
TYR CZ  OH   sing N N 401 
TYR OH  HH   sing N N 402 
TYR OXT HXT  sing N N 403 
VAL N   CA   sing N N 404 
VAL N   H    sing N N 405 
VAL N   H2   sing N N 406 
VAL CA  C    sing N N 407 
VAL CA  CB   sing N N 408 
VAL CA  HA   sing N N 409 
VAL C   O    doub N N 410 
VAL C   OXT  sing N N 411 
VAL CB  CG1  sing N N 412 
VAL CB  CG2  sing N N 413 
VAL CB  HB   sing N N 414 
VAL CG1 HG11 sing N N 415 
VAL CG1 HG12 sing N N 416 
VAL CG1 HG13 sing N N 417 
VAL CG2 HG21 sing N N 418 
VAL CG2 HG22 sing N N 419 
VAL CG2 HG23 sing N N 420 
VAL OXT HXT  sing N N 421 
# 
_pdbx_initial_refinement_model.id               1 
_pdbx_initial_refinement_model.entity_id_list   ? 
_pdbx_initial_refinement_model.type             'experimental model' 
_pdbx_initial_refinement_model.source_name      PDB 
_pdbx_initial_refinement_model.accession_code   3HVP 
_pdbx_initial_refinement_model.details          'PDB ENTRY 3HVP' 
# 
_atom_sites.entry_id                    2AID 
_atom_sites.fract_transf_matrix[1][1]   -0.00490024 
_atom_sites.fract_transf_matrix[1][2]   -0.01208365 
_atom_sites.fract_transf_matrix[1][3]   0.01438725 
_atom_sites.fract_transf_matrix[2][1]   0.01594771 
_atom_sites.fract_transf_matrix[2][2]   -0.00147116 
_atom_sites.fract_transf_matrix[2][3]   0.00419611 
_atom_sites.fract_transf_matrix[3][1]   -0.00147725 
_atom_sites.fract_transf_matrix[3][2]   0.01250309 
_atom_sites.fract_transf_matrix[3][3]   0.00999803 
_atom_sites.fract_transf_vector[1]      0.102143 
_atom_sites.fract_transf_vector[2]      0.022776 
_atom_sites.fract_transf_vector[3]      0.291426 
# 
loop_
_atom_type.symbol 
C  
CL 
F  
N  
O  
S  
# 
loop_
_atom_site.group_PDB 
_atom_site.id 
_atom_site.type_symbol 
_atom_site.label_atom_id 
_atom_site.label_alt_id 
_atom_site.label_comp_id 
_atom_site.label_asym_id 
_atom_site.label_entity_id 
_atom_site.label_seq_id 
_atom_site.pdbx_PDB_ins_code 
_atom_site.Cartn_x 
_atom_site.Cartn_y 
_atom_site.Cartn_z 
_atom_site.occupancy 
_atom_site.B_iso_or_equiv 
_atom_site.pdbx_formal_charge 
_atom_site.auth_seq_id 
_atom_site.auth_comp_id 
_atom_site.auth_asym_id 
_atom_site.auth_atom_id 
_atom_site.pdbx_PDB_model_num 
ATOM   1    N  N   . PRO A 1 1  ? 7.769   16.426  5.958   1.00 32.73 ? 1   PRO A N   1 
ATOM   2    C  CA  . PRO A 1 1  ? 6.610   16.431  6.836   1.00 30.86 ? 1   PRO A CA  1 
ATOM   3    C  C   . PRO A 1 1  ? 6.469   15.086  7.590   1.00 29.24 ? 1   PRO A C   1 
ATOM   4    O  O   . PRO A 1 1  ? 7.220   14.125  7.375   1.00 28.62 ? 1   PRO A O   1 
ATOM   5    C  CB  . PRO A 1 1  ? 5.410   16.730  5.915   1.00 32.75 ? 1   PRO A CB  1 
ATOM   6    C  CG  . PRO A 1 1  ? 5.860   16.251  4.545   1.00 30.80 ? 1   PRO A CG  1 
ATOM   7    C  CD  . PRO A 1 1  ? 7.325   16.680  4.589   1.00 31.89 ? 1   PRO A CD  1 
ATOM   8    N  N   . GLN A 1 2  ? 5.512   15.047  8.509   1.00 26.57 ? 2   GLN A N   1 
ATOM   9    C  CA  . GLN A 1 2  ? 5.107   13.842  9.196   1.00 23.68 ? 2   GLN A CA  1 
ATOM   10   C  C   . GLN A 1 2  ? 3.665   13.708  8.755   1.00 21.52 ? 2   GLN A C   1 
ATOM   11   O  O   . GLN A 1 2  ? 2.902   14.677  8.807   1.00 21.11 ? 2   GLN A O   1 
ATOM   12   C  CB  . GLN A 1 2  ? 5.175   14.034  10.678  1.00 23.92 ? 2   GLN A CB  1 
ATOM   13   C  CG  . GLN A 1 2  ? 4.504   12.896  11.407  1.00 27.87 ? 2   GLN A CG  1 
ATOM   14   C  CD  . GLN A 1 2  ? 4.938   12.791  12.849  1.00 30.94 ? 2   GLN A CD  1 
ATOM   15   O  OE1 . GLN A 1 2  ? 5.895   12.084  13.174  1.00 30.41 ? 2   GLN A OE1 1 
ATOM   16   N  NE2 . GLN A 1 2  ? 4.281   13.518  13.768  1.00 34.42 ? 2   GLN A NE2 1 
ATOM   17   N  N   . ILE A 1 3  ? 3.281   12.575  8.223   1.00 19.80 ? 3   ILE A N   1 
ATOM   18   C  CA  . ILE A 1 3  ? 1.940   12.372  7.758   1.00 18.46 ? 3   ILE A CA  1 
ATOM   19   C  C   . ILE A 1 3  ? 1.410   11.263  8.656   1.00 17.53 ? 3   ILE A C   1 
ATOM   20   O  O   . ILE A 1 3  ? 2.004   10.183  8.715   1.00 18.15 ? 3   ILE A O   1 
ATOM   21   C  CB  . ILE A 1 3  ? 2.057   11.986  6.267   1.00 22.27 ? 3   ILE A CB  1 
ATOM   22   C  CG1 . ILE A 1 3  ? 2.721   13.150  5.525   1.00 21.82 ? 3   ILE A CG1 1 
ATOM   23   C  CG2 . ILE A 1 3  ? 0.688   11.562  5.701   1.00 18.53 ? 3   ILE A CG2 1 
ATOM   24   C  CD1 . ILE A 1 3  ? 2.815   12.936  4.021   1.00 24.87 ? 3   ILE A CD1 1 
ATOM   25   N  N   . THR A 1 4  ? 0.379   11.521  9.447   1.00 16.17 ? 4   THR A N   1 
ATOM   26   C  CA  . THR A 1 4  ? -0.265  10.483  10.255  1.00 16.87 ? 4   THR A CA  1 
ATOM   27   C  C   . THR A 1 4  ? -1.295  9.708   9.412   1.00 16.84 ? 4   THR A C   1 
ATOM   28   O  O   . THR A 1 4  ? -1.618  10.135  8.308   1.00 17.06 ? 4   THR A O   1 
ATOM   29   C  CB  . THR A 1 4  ? -0.946  11.109  11.528  1.00 19.56 ? 4   THR A CB  1 
ATOM   30   O  OG1 . THR A 1 4  ? -1.891  12.094  11.104  1.00 21.09 ? 4   THR A OG1 1 
ATOM   31   C  CG2 . THR A 1 4  ? 0.076   11.713  12.480  1.00 16.77 ? 4   THR A CG2 1 
ATOM   32   N  N   . LEU A 1 5  ? -1.901  8.581   9.812   1.00 17.03 ? 5   LEU A N   1 
ATOM   33   C  CA  . LEU A 1 5  ? -2.644  7.761   8.870   1.00 16.07 ? 5   LEU A CA  1 
ATOM   34   C  C   . LEU A 1 5  ? -4.070  7.611   9.301   1.00 16.35 ? 5   LEU A C   1 
ATOM   35   O  O   . LEU A 1 5  ? -4.699  6.577   9.076   1.00 16.20 ? 5   LEU A O   1 
ATOM   36   C  CB  . LEU A 1 5  ? -1.894  6.427   8.787   1.00 17.04 ? 5   LEU A CB  1 
ATOM   37   C  CG  . LEU A 1 5  ? -0.445  6.526   8.213   1.00 20.91 ? 5   LEU A CG  1 
ATOM   38   C  CD1 . LEU A 1 5  ? 0.394   5.265   8.427   1.00 16.78 ? 5   LEU A CD1 1 
ATOM   39   C  CD2 . LEU A 1 5  ? -0.622  6.948   6.754   1.00 16.73 ? 5   LEU A CD2 1 
ATOM   40   N  N   . TRP A 1 6  ? -4.605  8.584   10.040  1.00 17.35 ? 6   TRP A N   1 
ATOM   41   C  CA  . TRP A 1 6  ? -6.031  8.533   10.358  1.00 18.11 ? 6   TRP A CA  1 
ATOM   42   C  C   . TRP A 1 6  ? -6.781  8.994   9.082   1.00 16.78 ? 6   TRP A C   1 
ATOM   43   O  O   . TRP A 1 6  ? -7.980  8.768   8.934   1.00 16.99 ? 6   TRP A O   1 
ATOM   44   C  CB  . TRP A 1 6  ? -6.370  9.467   11.541  1.00 16.45 ? 6   TRP A CB  1 
ATOM   45   C  CG  . TRP A 1 6  ? -5.424  9.348   12.735  1.00 23.40 ? 6   TRP A CG  1 
ATOM   46   C  CD1 . TRP A 1 6  ? -4.286  10.123  12.869  1.00 28.33 ? 6   TRP A CD1 1 
ATOM   47   C  CD2 . TRP A 1 6  ? -5.532  8.490   13.776  1.00 22.21 ? 6   TRP A CD2 1 
ATOM   48   N  NE1 . TRP A 1 6  ? -3.664  9.746   13.975  1.00 24.65 ? 6   TRP A NE1 1 
ATOM   49   C  CE2 . TRP A 1 6  ? -4.383  8.777   14.523  1.00 24.44 ? 6   TRP A CE2 1 
ATOM   50   C  CE3 . TRP A 1 6  ? -6.435  7.532   14.130  1.00 20.22 ? 6   TRP A CE3 1 
ATOM   51   C  CZ2 . TRP A 1 6  ? -4.077  8.133   15.681  1.00 24.41 ? 6   TRP A CZ2 1 
ATOM   52   C  CZ3 . TRP A 1 6  ? -6.141  6.863   15.296  1.00 25.69 ? 6   TRP A CZ3 1 
ATOM   53   C  CH2 . TRP A 1 6  ? -4.989  7.155   16.042  1.00 29.25 ? 6   TRP A CH2 1 
ATOM   54   N  N   . LYS A 1 7  ? -6.128  9.634   8.107   1.00 16.21 ? 7   LYS A N   1 
ATOM   55   C  CA  . LYS A 1 7  ? -6.750  9.983   6.823   1.00 15.59 ? 7   LYS A CA  1 
ATOM   56   C  C   . LYS A 1 7  ? -5.868  9.315   5.741   1.00 14.24 ? 7   LYS A C   1 
ATOM   57   O  O   . LYS A 1 7  ? -4.715  9.004   6.027   1.00 14.03 ? 7   LYS A O   1 
ATOM   58   C  CB  . LYS A 1 7  ? -6.745  11.497  6.655   1.00 17.27 ? 7   LYS A CB  1 
ATOM   59   C  CG  . LYS A 1 7  ? -7.597  12.353  7.591   1.00 24.05 ? 7   LYS A CG  1 
ATOM   60   C  CD  . LYS A 1 7  ? -6.798  13.667  7.841   1.00 33.16 ? 7   LYS A CD  1 
ATOM   61   C  CE  . LYS A 1 7  ? -7.596  14.792  8.554   1.00 37.73 ? 7   LYS A CE  1 
ATOM   62   N  NZ  . LYS A 1 7  ? -6.781  15.965  8.861   1.00 37.70 ? 7   LYS A NZ  1 
ATOM   63   N  N   . ARG A 1 8  ? -6.328  9.032   4.516   1.00 12.92 ? 8   ARG A N   1 
ATOM   64   C  CA  . ARG A 1 8  ? -5.507  8.411   3.479   1.00 15.46 ? 8   ARG A CA  1 
ATOM   65   C  C   . ARG A 1 8  ? -4.335  9.334   3.193   1.00 15.71 ? 8   ARG A C   1 
ATOM   66   O  O   . ARG A 1 8  ? -4.505  10.569  3.255   1.00 17.18 ? 8   ARG A O   1 
ATOM   67   C  CB  . ARG A 1 8  ? -6.297  8.223   2.201   1.00 13.42 ? 8   ARG A CB  1 
ATOM   68   C  CG  . ARG A 1 8  ? -7.424  7.254   2.410   1.00 16.58 ? 8   ARG A CG  1 
ATOM   69   C  CD  . ARG A 1 8  ? -8.105  7.080   1.095   1.00 16.91 ? 8   ARG A CD  1 
ATOM   70   N  NE  . ARG A 1 8  ? -9.073  6.001   1.204   1.00 21.65 ? 8   ARG A NE  1 
ATOM   71   C  CZ  . ARG A 1 8  ? -10.383 6.229   1.371   1.00 24.03 ? 8   ARG A CZ  1 
ATOM   72   N  NH1 . ARG A 1 8  ? -10.891 7.467   1.459   1.00 27.70 ? 8   ARG A NH1 1 
ATOM   73   N  NH2 . ARG A 1 8  ? -11.215 5.200   1.448   1.00 25.13 ? 8   ARG A NH2 1 
ATOM   74   N  N   . PRO A 1 9  ? -3.098  8.882   3.005   1.00 17.14 ? 9   PRO A N   1 
ATOM   75   C  CA  . PRO A 1 9  ? -1.974  9.778   2.684   1.00 16.02 ? 9   PRO A CA  1 
ATOM   76   C  C   . PRO A 1 9  ? -1.957  10.124  1.174   1.00 16.27 ? 9   PRO A C   1 
ATOM   77   O  O   . PRO A 1 9  ? -1.168  9.672   0.348   1.00 13.87 ? 9   PRO A O   1 
ATOM   78   C  CB  . PRO A 1 9  ? -0.760  9.000   3.236   1.00 13.46 ? 9   PRO A CB  1 
ATOM   79   C  CG  . PRO A 1 9  ? -1.170  7.583   2.980   1.00 18.21 ? 9   PRO A CG  1 
ATOM   80   C  CD  . PRO A 1 9  ? -2.637  7.554   3.423   1.00 18.08 ? 9   PRO A CD  1 
ATOM   81   N  N   . LEU A 1 10 ? -2.904  10.986  0.840   1.00 16.94 ? 10  LEU A N   1 
ATOM   82   C  CA  . LEU A 1 10 ? -3.114  11.476  -0.500  1.00 17.73 ? 10  LEU A CA  1 
ATOM   83   C  C   . LEU A 1 10 ? -2.310  12.760  -0.610  1.00 17.31 ? 10  LEU A C   1 
ATOM   84   O  O   . LEU A 1 10 ? -2.439  13.626  0.243   1.00 19.96 ? 10  LEU A O   1 
ATOM   85   C  CB  . LEU A 1 10 ? -4.578  11.660  -0.568  1.00 18.32 ? 10  LEU A CB  1 
ATOM   86   C  CG  . LEU A 1 10 ? -5.396  11.317  -1.763  1.00 20.66 ? 10  LEU A CG  1 
ATOM   87   C  CD1 . LEU A 1 10 ? -4.941  10.059  -2.447  1.00 15.68 ? 10  LEU A CD1 1 
ATOM   88   C  CD2 . LEU A 1 10 ? -6.836  11.255  -1.238  1.00 20.78 ? 10  LEU A CD2 1 
ATOM   89   N  N   . VAL A 1 11 ? -1.503  12.954  -1.625  1.00 16.72 ? 11  VAL A N   1 
ATOM   90   C  CA  . VAL A 1 11 ? -0.571  14.085  -1.759  1.00 17.01 ? 11  VAL A CA  1 
ATOM   91   C  C   . VAL A 1 11 ? -0.697  14.639  -3.224  1.00 16.20 ? 11  VAL A C   1 
ATOM   92   O  O   . VAL A 1 11 ? -1.123  13.918  -4.133  1.00 14.51 ? 11  VAL A O   1 
ATOM   93   C  CB  . VAL A 1 11 ? 0.780   13.370  -1.331  1.00 20.93 ? 11  VAL A CB  1 
ATOM   94   C  CG1 . VAL A 1 11 ? 1.763   13.150  -2.500  1.00 20.50 ? 11  VAL A CG1 1 
ATOM   95   C  CG2 . VAL A 1 11 ? 1.272   14.117  -0.112  1.00 20.80 ? 11  VAL A CG2 1 
ATOM   96   N  N   . THR A 1 12 ? -0.414  15.917  -3.505  1.00 15.74 ? 12  THR A N   1 
ATOM   97   C  CA  . THR A 1 12 ? -0.426  16.418  -4.865  1.00 16.78 ? 12  THR A CA  1 
ATOM   98   C  C   . THR A 1 12 ? 0.975   16.160  -5.411  1.00 15.83 ? 12  THR A C   1 
ATOM   99   O  O   . THR A 1 12 ? 1.990   16.380  -4.731  1.00 13.54 ? 12  THR A O   1 
ATOM   100  C  CB  . THR A 1 12 ? -0.756  17.959  -4.908  1.00 18.17 ? 12  THR A CB  1 
ATOM   101  O  OG1 . THR A 1 12 ? -1.995  18.163  -4.260  1.00 19.17 ? 12  THR A OG1 1 
ATOM   102  C  CG2 . THR A 1 12 ? -0.932  18.493  -6.324  1.00 22.91 ? 12  THR A CG2 1 
ATOM   103  N  N   . ILE A 1 13 ? 1.012   15.577  -6.601  1.00 15.15 ? 13  ILE A N   1 
ATOM   104  C  CA  . ILE A 1 13 ? 2.251   15.394  -7.300  1.00 15.81 ? 13  ILE A CA  1 
ATOM   105  C  C   . ILE A 1 13 ? 2.107   16.200  -8.598  1.00 17.73 ? 13  ILE A C   1 
ATOM   106  O  O   . ILE A 1 13 ? 0.992   16.546  -9.025  1.00 16.41 ? 13  ILE A O   1 
ATOM   107  C  CB  . ILE A 1 13 ? 2.537   13.867  -7.615  1.00 14.84 ? 13  ILE A CB  1 
ATOM   108  C  CG1 . ILE A 1 13 ? 1.492   13.301  -8.556  1.00 12.08 ? 13  ILE A CG1 1 
ATOM   109  C  CG2 . ILE A 1 13 ? 2.642   13.104  -6.291  1.00 13.73 ? 13  ILE A CG2 1 
ATOM   110  C  CD1 . ILE A 1 13 ? 1.819   11.975  -9.199  1.00 13.35 ? 13  ILE A CD1 1 
ATOM   111  N  N   . ARG A 1 14 ? 3.234   16.536  -9.241  1.00 19.07 ? 14  ARG A N   1 
ATOM   112  C  CA  . ARG A 1 14 ? 3.207   17.167  -10.542 1.00 20.28 ? 14  ARG A CA  1 
ATOM   113  C  C   . ARG A 1 14 ? 4.107   16.359  -11.457 1.00 20.36 ? 14  ARG A C   1 
ATOM   114  O  O   . ARG A 1 14 ? 5.252   16.009  -11.131 1.00 19.99 ? 14  ARG A O   1 
ATOM   115  C  CB  . ARG A 1 14 ? 3.691   18.619  -10.453 1.00 24.52 ? 14  ARG A CB  1 
ATOM   116  C  CG  . ARG A 1 14 ? 3.337   19.381  -11.731 1.00 30.81 ? 14  ARG A CG  1 
ATOM   117  C  CD  . ARG A 1 14 ? 3.302   20.901  -11.615 1.00 38.68 ? 14  ARG A CD  1 
ATOM   118  N  NE  . ARG A 1 14 ? 4.556   21.431  -11.123 1.00 43.07 ? 14  ARG A NE  1 
ATOM   119  C  CZ  . ARG A 1 14 ? 5.581   21.791  -11.914 1.00 51.04 ? 14  ARG A CZ  1 
ATOM   120  N  NH1 . ARG A 1 14 ? 5.529   21.754  -13.256 1.00 53.60 ? 14  ARG A NH1 1 
ATOM   121  N  NH2 . ARG A 1 14 ? 6.703   22.222  -11.331 1.00 52.25 ? 14  ARG A NH2 1 
ATOM   122  N  N   . ILE A 1 15 ? 3.559   16.070  -12.629 1.00 21.07 ? 15  ILE A N   1 
ATOM   123  C  CA  . ILE A 1 15 ? 4.229   15.250  -13.622 1.00 21.76 ? 15  ILE A CA  1 
ATOM   124  C  C   . ILE A 1 15 ? 3.800   15.785  -14.985 1.00 24.45 ? 15  ILE A C   1 
ATOM   125  O  O   . ILE A 1 15 ? 2.619   16.028  -15.252 1.00 24.36 ? 15  ILE A O   1 
ATOM   126  C  CB  . ILE A 1 15 ? 3.800   13.752  -13.380 1.00 18.26 ? 15  ILE A CB  1 
ATOM   127  C  CG1 . ILE A 1 15 ? 4.470   12.876  -14.397 1.00 22.00 ? 15  ILE A CG1 1 
ATOM   128  C  CG2 . ILE A 1 15 ? 2.253   13.621  -13.384 1.00 19.92 ? 15  ILE A CG2 1 
ATOM   129  C  CD1 . ILE A 1 15 ? 4.227   11.395  -14.131 1.00 22.82 ? 15  ILE A CD1 1 
ATOM   130  N  N   . GLY A 1 16 ? 4.725   16.041  -15.911 1.00 26.53 ? 16  GLY A N   1 
ATOM   131  C  CA  . GLY A 1 16 ? 4.381   16.548  -17.236 1.00 26.66 ? 16  GLY A CA  1 
ATOM   132  C  C   . GLY A 1 16 ? 3.675   17.894  -17.163 1.00 27.14 ? 16  GLY A C   1 
ATOM   133  O  O   . GLY A 1 16 ? 2.879   18.206  -18.047 1.00 28.36 ? 16  GLY A O   1 
ATOM   134  N  N   . GLY A 1 17 ? 3.948   18.651  -16.095 1.00 26.24 ? 17  GLY A N   1 
ATOM   135  C  CA  . GLY A 1 17 ? 3.286   19.902  -15.842 1.00 26.03 ? 17  GLY A CA  1 
ATOM   136  C  C   . GLY A 1 17 ? 1.799   19.697  -15.503 1.00 27.43 ? 17  GLY A C   1 
ATOM   137  O  O   . GLY A 1 17 ? 0.994   20.634  -15.618 1.00 27.95 ? 17  GLY A O   1 
ATOM   138  N  N   . GLN A 1 18 ? 1.420   18.471  -15.094 1.00 25.43 ? 18  GLN A N   1 
ATOM   139  C  CA  . GLN A 1 18 ? 0.061   18.128  -14.685 1.00 23.97 ? 18  GLN A CA  1 
ATOM   140  C  C   . GLN A 1 18 ? 0.068   17.985  -13.184 1.00 22.10 ? 18  GLN A C   1 
ATOM   141  O  O   . GLN A 1 18 ? 1.001   17.417  -12.618 1.00 20.88 ? 18  GLN A O   1 
ATOM   142  C  CB  . GLN A 1 18 ? -0.405  16.782  -15.240 1.00 26.00 ? 18  GLN A CB  1 
ATOM   143  C  CG  . GLN A 1 18 ? -0.484  16.623  -16.755 1.00 33.03 ? 18  GLN A CG  1 
ATOM   144  C  CD  . GLN A 1 18 ? -1.656  17.374  -17.339 1.00 35.94 ? 18  GLN A CD  1 
ATOM   145  O  OE1 . GLN A 1 18 ? -1.840  18.567  -17.151 1.00 39.40 ? 18  GLN A OE1 1 
ATOM   146  N  NE2 . GLN A 1 18 ? -2.525  16.707  -18.081 1.00 38.99 ? 18  GLN A NE2 1 
ATOM   147  N  N   . LEU A 1 19 ? -0.923  18.523  -12.509 1.00 19.95 ? 19  LEU A N   1 
ATOM   148  C  CA  . LEU A 1 19 ? -1.051  18.297  -11.083 1.00 21.84 ? 19  LEU A CA  1 
ATOM   149  C  C   . LEU A 1 19 ? -2.032  17.141  -10.869 1.00 22.06 ? 19  LEU A C   1 
ATOM   150  O  O   . LEU A 1 19 ? -3.062  17.091  -11.543 1.00 23.73 ? 19  LEU A O   1 
ATOM   151  C  CB  . LEU A 1 19 ? -1.603  19.539  -10.379 1.00 24.28 ? 19  LEU A CB  1 
ATOM   152  C  CG  . LEU A 1 19 ? -0.741  20.784  -10.183 1.00 24.31 ? 19  LEU A CG  1 
ATOM   153  C  CD1 . LEU A 1 19 ? -1.552  21.844  -9.411  1.00 21.43 ? 19  LEU A CD1 1 
ATOM   154  C  CD2 . LEU A 1 19 ? 0.535   20.407  -9.421  1.00 22.24 ? 19  LEU A CD2 1 
ATOM   155  N  N   . LYS A 1 20 ? -1.774  16.163  -10.012 1.00 21.93 ? 20  LYS A N   1 
ATOM   156  C  CA  . LYS A 1 20 ? -2.646  15.021  -9.754  1.00 21.00 ? 20  LYS A CA  1 
ATOM   157  C  C   . LYS A 1 20 ? -2.534  14.753  -8.254  1.00 19.07 ? 20  LYS A C   1 
ATOM   158  O  O   . LYS A 1 20 ? -1.576  15.140  -7.611  1.00 19.18 ? 20  LYS A O   1 
ATOM   159  C  CB  . LYS A 1 20 ? -2.200  13.708  -10.415 1.00 20.52 ? 20  LYS A CB  1 
ATOM   160  C  CG  . LYS A 1 20 ? -1.437  13.856  -11.706 1.00 30.29 ? 20  LYS A CG  1 
ATOM   161  C  CD  . LYS A 1 20 ? -2.422  13.892  -12.827 1.00 34.01 ? 20  LYS A CD  1 
ATOM   162  C  CE  . LYS A 1 20 ? -2.733  12.457  -13.179 1.00 37.53 ? 20  LYS A CE  1 
ATOM   163  N  NZ  . LYS A 1 20 ? -4.077  12.404  -13.728 1.00 44.27 ? 20  LYS A NZ  1 
ATOM   164  N  N   . GLU A 1 21 ? -3.503  14.043  -7.701  1.00 18.22 ? 21  GLU A N   1 
ATOM   165  C  CA  . GLU A 1 21 ? -3.507  13.578  -6.337  1.00 17.27 ? 21  GLU A CA  1 
ATOM   166  C  C   . GLU A 1 21 ? -3.070  12.130  -6.442  1.00 14.74 ? 21  GLU A C   1 
ATOM   167  O  O   . GLU A 1 21 ? -3.513  11.456  -7.394  1.00 13.37 ? 21  GLU A O   1 
ATOM   168  C  CB  . GLU A 1 21 ? -4.917  13.682  -5.803  1.00 19.23 ? 21  GLU A CB  1 
ATOM   169  C  CG  . GLU A 1 21 ? -4.927  13.945  -4.341  1.00 25.68 ? 21  GLU A CG  1 
ATOM   170  C  CD  . GLU A 1 21 ? -4.951  15.417  -3.945  1.00 31.78 ? 21  GLU A CD  1 
ATOM   171  O  OE1 . GLU A 1 21 ? -6.011  16.014  -4.032  1.00 37.58 ? 21  GLU A OE1 1 
ATOM   172  O  OE2 . GLU A 1 21 ? -3.949  15.973  -3.515  1.00 33.22 ? 21  GLU A OE2 1 
ATOM   173  N  N   . ALA A 1 22 ? -2.170  11.678  -5.563  1.00 15.30 ? 22  ALA A N   1 
ATOM   174  C  CA  . ALA A 1 22 ? -1.675  10.289  -5.529  1.00 13.45 ? 22  ALA A CA  1 
ATOM   175  C  C   . ALA A 1 22 ? -1.483  9.817   -4.109  1.00 14.17 ? 22  ALA A C   1 
ATOM   176  O  O   . ALA A 1 22 ? -1.247  10.640  -3.235  1.00 14.59 ? 22  ALA A O   1 
ATOM   177  C  CB  . ALA A 1 22 ? -0.332  10.144  -6.198  1.00 13.36 ? 22  ALA A CB  1 
ATOM   178  N  N   . LEU A 1 23 ? -1.657  8.525   -3.848  1.00 15.19 ? 23  LEU A N   1 
ATOM   179  C  CA  . LEU A 1 23 ? -1.530  7.909   -2.526  1.00 15.11 ? 23  LEU A CA  1 
ATOM   180  C  C   . LEU A 1 23 ? -0.100  7.469   -2.331  1.00 13.56 ? 23  LEU A C   1 
ATOM   181  O  O   . LEU A 1 23 ? 0.493   6.807   -3.207  1.00 13.03 ? 23  LEU A O   1 
ATOM   182  C  CB  . LEU A 1 23 ? -2.331  6.600   -2.336  1.00 17.17 ? 23  LEU A CB  1 
ATOM   183  C  CG  . LEU A 1 23 ? -3.619  6.377   -1.583  1.00 19.79 ? 23  LEU A CG  1 
ATOM   184  C  CD1 . LEU A 1 23 ? -3.990  4.925   -1.807  1.00 19.19 ? 23  LEU A CD1 1 
ATOM   185  C  CD2 . LEU A 1 23 ? -3.489  6.672   -0.123  1.00 15.15 ? 23  LEU A CD2 1 
ATOM   186  N  N   . LEU A 1 24 ? 0.377   7.782   -1.139  1.00 12.50 ? 24  LEU A N   1 
ATOM   187  C  CA  . LEU A 1 24 ? 1.662   7.336   -0.664  1.00 11.64 ? 24  LEU A CA  1 
ATOM   188  C  C   . LEU A 1 24 ? 1.439   5.914   -0.171  1.00 12.47 ? 24  LEU A C   1 
ATOM   189  O  O   . LEU A 1 24 ? 0.715   5.676   0.807   1.00 14.85 ? 24  LEU A O   1 
ATOM   190  C  CB  . LEU A 1 24 ? 2.087   8.304   0.422   1.00 13.54 ? 24  LEU A CB  1 
ATOM   191  C  CG  . LEU A 1 24 ? 3.251   9.229   0.048   1.00 18.76 ? 24  LEU A CG  1 
ATOM   192  C  CD1 . LEU A 1 24 ? 3.004   9.884   -1.307  1.00 16.08 ? 24  LEU A CD1 1 
ATOM   193  C  CD2 . LEU A 1 24 ? 3.412   10.281  1.108   1.00 14.44 ? 24  LEU A CD2 1 
ATOM   194  N  N   . ASP A 1 25 ? 1.984   4.941   -0.883  1.00 10.57 ? 25  ASP A N   1 
ATOM   195  C  CA  . ASP A 1 25 ? 1.680   3.575   -0.583  1.00 10.42 ? 25  ASP A CA  1 
ATOM   196  C  C   . ASP A 1 25 ? 2.910   2.729   -0.356  1.00 9.27  ? 25  ASP A C   1 
ATOM   197  O  O   . ASP A 1 25 ? 3.454   2.164   -1.304  1.00 6.58  ? 25  ASP A O   1 
ATOM   198  C  CB  . ASP A 1 25 ? 0.841   3.045   -1.739  1.00 13.83 ? 25  ASP A CB  1 
ATOM   199  C  CG  . ASP A 1 25 ? 0.180   1.694   -1.514  1.00 16.92 ? 25  ASP A CG  1 
ATOM   200  O  OD1 . ASP A 1 25 ? 0.530   0.996   -0.553  1.00 16.81 ? 25  ASP A OD1 1 
ATOM   201  O  OD2 . ASP A 1 25 ? -0.697  1.358   -2.317  1.00 17.10 ? 25  ASP A OD2 1 
ATOM   202  N  N   . THR A 1 26 ? 3.316   2.525   0.889   1.00 9.73  ? 26  THR A N   1 
ATOM   203  C  CA  . THR A 1 26 ? 4.454   1.635   1.216   1.00 8.72  ? 26  THR A CA  1 
ATOM   204  C  C   . THR A 1 26 ? 4.256   0.182   0.794   1.00 10.51 ? 26  THR A C   1 
ATOM   205  O  O   . THR A 1 26 ? 5.223   -0.570  0.747   1.00 11.33 ? 26  THR A O   1 
ATOM   206  C  CB  . THR A 1 26 ? 4.722   1.678   2.721   1.00 10.07 ? 26  THR A CB  1 
ATOM   207  O  OG1 . THR A 1 26 ? 3.544   1.273   3.427   1.00 11.13 ? 26  THR A OG1 1 
ATOM   208  C  CG2 . THR A 1 26 ? 5.084   3.090   3.140   1.00 9.82  ? 26  THR A CG2 1 
ATOM   209  N  N   . GLY A 1 27 ? 3.020   -0.325  0.540   1.00 10.41 ? 27  GLY A N   1 
ATOM   210  C  CA  . GLY A 1 27 ? 2.801   -1.696  0.100   1.00 10.54 ? 27  GLY A CA  1 
ATOM   211  C  C   . GLY A 1 27 ? 2.955   -1.871  -1.417  1.00 11.66 ? 27  GLY A C   1 
ATOM   212  O  O   . GLY A 1 27 ? 2.807   -2.975  -1.927  1.00 11.80 ? 27  GLY A O   1 
ATOM   213  N  N   . ALA A 1 28 ? 3.194   -0.832  -2.194  1.00 11.93 ? 28  ALA A N   1 
ATOM   214  C  CA  . ALA A 1 28 ? 3.384   -0.986  -3.618  1.00 12.75 ? 28  ALA A CA  1 
ATOM   215  C  C   . ALA A 1 28 ? 4.866   -0.818  -4.010  1.00 12.12 ? 28  ALA A C   1 
ATOM   216  O  O   . ALA A 1 28 ? 5.553   0.132   -3.631  1.00 9.46  ? 28  ALA A O   1 
ATOM   217  C  CB  . ALA A 1 28 ? 2.448   0.037   -4.279  1.00 13.04 ? 28  ALA A CB  1 
ATOM   218  N  N   . ASP A 1 29 ? 5.405   -1.735  -4.827  1.00 13.73 ? 29  ASP A N   1 
ATOM   219  C  CA  . ASP A 1 29 ? 6.820   -1.731  -5.205  1.00 15.26 ? 29  ASP A CA  1 
ATOM   220  C  C   . ASP A 1 29 ? 7.099   -0.662  -6.252  1.00 17.98 ? 29  ASP A C   1 
ATOM   221  O  O   . ASP A 1 29 ? 8.147   -0.002  -6.245  1.00 18.67 ? 29  ASP A O   1 
ATOM   222  C  CB  . ASP A 1 29 ? 7.234   -3.068  -5.781  1.00 14.28 ? 29  ASP A CB  1 
ATOM   223  C  CG  . ASP A 1 29 ? 7.058   -4.293  -4.892  1.00 14.96 ? 29  ASP A CG  1 
ATOM   224  O  OD1 . ASP A 1 29 ? 7.330   -4.263  -3.695  1.00 15.58 ? 29  ASP A OD1 1 
ATOM   225  O  OD2 . ASP A 1 29 ? 6.638   -5.300  -5.438  1.00 17.39 ? 29  ASP A OD2 1 
ATOM   226  N  N   . ASP A 1 30 ? 6.090   -0.500  -7.120  1.00 17.68 ? 30  ASP A N   1 
ATOM   227  C  CA  . ASP A 1 30 ? 6.065   0.431   -8.234  1.00 17.44 ? 30  ASP A CA  1 
ATOM   228  C  C   . ASP A 1 30 ? 5.042   1.547   -8.102  1.00 15.73 ? 30  ASP A C   1 
ATOM   229  O  O   . ASP A 1 30 ? 4.055   1.442   -7.368  1.00 16.65 ? 30  ASP A O   1 
ATOM   230  C  CB  . ASP A 1 30 ? 5.724   -0.287  -9.501  1.00 18.07 ? 30  ASP A CB  1 
ATOM   231  C  CG  . ASP A 1 30 ? 6.615   -1.493  -9.706  1.00 22.09 ? 30  ASP A CG  1 
ATOM   232  O  OD1 . ASP A 1 30 ? 7.819   -1.276  -9.759  1.00 20.61 ? 30  ASP A OD1 1 
ATOM   233  O  OD2 . ASP A 1 30 ? 6.100   -2.612  -9.789  1.00 22.90 ? 30  ASP A OD2 1 
ATOM   234  N  N   . THR A 1 31 ? 5.302   2.636   -8.799  1.00 15.20 ? 31  THR A N   1 
ATOM   235  C  CA  . THR A 1 31 ? 4.414   3.753   -8.945  1.00 13.16 ? 31  THR A CA  1 
ATOM   236  C  C   . THR A 1 31 ? 3.569   3.450   -10.156 1.00 14.64 ? 31  THR A C   1 
ATOM   237  O  O   . THR A 1 31 ? 4.106   3.204   -11.223 1.00 14.24 ? 31  THR A O   1 
ATOM   238  C  CB  . THR A 1 31 ? 5.237   4.995   -9.157  1.00 12.89 ? 31  THR A CB  1 
ATOM   239  O  OG1 . THR A 1 31 ? 5.968   5.139   -7.940  1.00 13.29 ? 31  THR A OG1 1 
ATOM   240  C  CG2 . THR A 1 31 ? 4.405   6.246   -9.472  1.00 12.44 ? 31  THR A CG2 1 
ATOM   241  N  N   . VAL A 1 32 ? 2.242   3.459   -10.009 1.00 15.40 ? 32  VAL A N   1 
ATOM   242  C  CA  . VAL A 1 32 ? 1.330   3.280   -11.115 1.00 15.32 ? 32  VAL A CA  1 
ATOM   243  C  C   . VAL A 1 32 ? 0.267   4.389   -11.082 1.00 14.27 ? 32  VAL A C   1 
ATOM   244  O  O   . VAL A 1 32 ? -0.272  4.826   -10.075 1.00 12.65 ? 32  VAL A O   1 
ATOM   245  C  CB  . VAL A 1 32 ? 0.736   1.822   -11.056 1.00 16.43 ? 32  VAL A CB  1 
ATOM   246  C  CG1 . VAL A 1 32 ? 0.043   1.567   -9.764  1.00 22.68 ? 32  VAL A CG1 1 
ATOM   247  C  CG2 . VAL A 1 32 ? -0.288  1.625   -12.144 1.00 10.57 ? 32  VAL A CG2 1 
ATOM   248  N  N   . LEU A 1 33 ? 0.095   4.969   -12.263 1.00 14.55 ? 33  LEU A N   1 
ATOM   249  C  CA  . LEU A 1 33 ? -0.749  6.101   -12.478 1.00 13.55 ? 33  LEU A CA  1 
ATOM   250  C  C   . LEU A 1 33 ? -1.836  5.757   -13.478 1.00 13.16 ? 33  LEU A C   1 
ATOM   251  O  O   . LEU A 1 33 ? -1.656  4.923   -14.392 1.00 11.80 ? 33  LEU A O   1 
ATOM   252  C  CB  . LEU A 1 33 ? 0.142   7.239   -12.980 1.00 17.44 ? 33  LEU A CB  1 
ATOM   253  C  CG  . LEU A 1 33 ? 1.418   7.692   -12.170 1.00 19.02 ? 33  LEU A CG  1 
ATOM   254  C  CD1 . LEU A 1 33 ? 1.913   9.010   -12.730 1.00 22.31 ? 33  LEU A CD1 1 
ATOM   255  C  CD2 . LEU A 1 33 ? 1.108   7.911   -10.680 1.00 14.01 ? 33  LEU A CD2 1 
ATOM   256  N  N   . GLU A 1 34 ? -2.981  6.423   -13.256 1.00 14.08 ? 34  GLU A N   1 
ATOM   257  C  CA  . GLU A 1 34 ? -4.134  6.351   -14.149 1.00 14.86 ? 34  GLU A CA  1 
ATOM   258  C  C   . GLU A 1 34 ? -3.750  6.730   -15.576 1.00 16.10 ? 34  GLU A C   1 
ATOM   259  O  O   . GLU A 1 34 ? -2.844  7.529   -15.769 1.00 15.60 ? 34  GLU A O   1 
ATOM   260  C  CB  . GLU A 1 34 ? -5.187  7.295   -13.694 1.00 13.11 ? 34  GLU A CB  1 
ATOM   261  C  CG  . GLU A 1 34 ? -5.694  7.037   -12.294 1.00 15.89 ? 34  GLU A CG  1 
ATOM   262  C  CD  . GLU A 1 34 ? -6.829  7.977   -11.884 1.00 19.76 ? 34  GLU A CD  1 
ATOM   263  O  OE1 . GLU A 1 34 ? -7.967  7.717   -12.252 1.00 23.84 ? 34  GLU A OE1 1 
ATOM   264  O  OE2 . GLU A 1 34 ? -6.596  8.955   -11.184 1.00 21.75 ? 34  GLU A OE2 1 
ATOM   265  N  N   . GLU A 1 35 ? -4.341  6.160   -16.613 1.00 18.25 ? 35  GLU A N   1 
ATOM   266  C  CA  . GLU A 1 35 ? -4.048  6.499   -18.006 1.00 21.21 ? 35  GLU A CA  1 
ATOM   267  C  C   . GLU A 1 35 ? -3.819  7.992   -18.284 1.00 21.50 ? 35  GLU A C   1 
ATOM   268  O  O   . GLU A 1 35 ? -4.578  8.866   -17.834 1.00 21.71 ? 35  GLU A O   1 
ATOM   269  C  CB  . GLU A 1 35 ? -5.193  5.982   -18.848 1.00 25.31 ? 35  GLU A CB  1 
ATOM   270  C  CG  . GLU A 1 35 ? -5.185  6.409   -20.333 1.00 35.32 ? 35  GLU A CG  1 
ATOM   271  C  CD  . GLU A 1 35 ? -4.014  5.914   -21.173 1.00 40.73 ? 35  GLU A CD  1 
ATOM   272  O  OE1 . GLU A 1 35 ? -3.466  4.858   -20.846 1.00 38.44 ? 35  GLU A OE1 1 
ATOM   273  O  OE2 . GLU A 1 35 ? -3.669  6.598   -22.146 1.00 44.47 ? 35  GLU A OE2 1 
ATOM   274  N  N   . MET A 1 36 ? -2.721  8.262   -18.975 1.00 21.40 ? 36  MET A N   1 
ATOM   275  C  CA  . MET A 1 36 ? -2.361  9.610   -19.373 1.00 21.16 ? 36  MET A CA  1 
ATOM   276  C  C   . MET A 1 36 ? -1.328  9.440   -20.465 1.00 21.31 ? 36  MET A C   1 
ATOM   277  O  O   . MET A 1 36 ? -0.826  8.340   -20.679 1.00 21.42 ? 36  MET A O   1 
ATOM   278  C  CB  . MET A 1 36 ? -1.782  10.402  -18.203 1.00 18.08 ? 36  MET A CB  1 
ATOM   279  C  CG  . MET A 1 36 ? -0.415  9.999   -17.736 1.00 23.55 ? 36  MET A CG  1 
ATOM   280  S  SD  . MET A 1 36 ? 0.225   11.033  -16.400 1.00 29.01 ? 36  MET A SD  1 
ATOM   281  C  CE  . MET A 1 36 ? 0.419   12.569  -17.267 1.00 28.09 ? 36  MET A CE  1 
ATOM   282  N  N   . ASN A 1 37 ? -0.973  10.468  -21.210 1.00 22.51 ? 37  ASN A N   1 
ATOM   283  C  CA  . ASN A 1 37 ? -0.028  10.312  -22.309 1.00 24.85 ? 37  ASN A CA  1 
ATOM   284  C  C   . ASN A 1 37 ? 1.299   10.914  -21.925 1.00 25.72 ? 37  ASN A C   1 
ATOM   285  O  O   . ASN A 1 37 ? 1.324   12.089  -21.549 1.00 26.93 ? 37  ASN A O   1 
ATOM   286  C  CB  . ASN A 1 37 ? -0.563  10.996  -23.556 1.00 24.93 ? 37  ASN A CB  1 
ATOM   287  C  CG  . ASN A 1 37 ? -1.733  10.155  -24.046 1.00 30.09 ? 37  ASN A CG  1 
ATOM   288  O  OD1 . ASN A 1 37 ? -1.577  9.006   -24.446 1.00 34.10 ? 37  ASN A OD1 1 
ATOM   289  N  ND2 . ASN A 1 37 ? -2.972  10.633  -24.013 1.00 34.17 ? 37  ASN A ND2 1 
ATOM   290  N  N   . LEU A 1 38 ? 2.388   10.155  -21.860 1.00 25.05 ? 38  LEU A N   1 
ATOM   291  C  CA  . LEU A 1 38 ? 3.639   10.819  -21.558 1.00 25.72 ? 38  LEU A CA  1 
ATOM   292  C  C   . LEU A 1 38 ? 4.517   10.660  -22.805 1.00 26.34 ? 38  LEU A C   1 
ATOM   293  O  O   . LEU A 1 38 ? 4.333   9.659   -23.534 1.00 24.54 ? 38  LEU A O   1 
ATOM   294  C  CB  . LEU A 1 38 ? 4.255   10.175  -20.323 1.00 26.06 ? 38  LEU A CB  1 
ATOM   295  C  CG  . LEU A 1 38 ? 3.616   10.342  -18.934 1.00 23.58 ? 38  LEU A CG  1 
ATOM   296  C  CD1 . LEU A 1 38 ? 4.295   9.338   -18.008 1.00 22.50 ? 38  LEU A CD1 1 
ATOM   297  C  CD2 . LEU A 1 38 ? 3.757   11.745  -18.397 1.00 22.92 ? 38  LEU A CD2 1 
ATOM   298  N  N   . PRO A 1 39 ? 5.405   11.616  -23.165 1.00 27.00 ? 39  PRO A N   1 
ATOM   299  C  CA  . PRO A 1 39 ? 6.328   11.495  -24.276 1.00 28.47 ? 39  PRO A CA  1 
ATOM   300  C  C   . PRO A 1 39 ? 7.256   10.327  -24.078 1.00 30.17 ? 39  PRO A C   1 
ATOM   301  O  O   . PRO A 1 39 ? 7.738   10.168  -22.955 1.00 30.30 ? 39  PRO A O   1 
ATOM   302  C  CB  . PRO A 1 39 ? 7.058   12.785  -24.301 1.00 27.10 ? 39  PRO A CB  1 
ATOM   303  C  CG  . PRO A 1 39 ? 7.085   13.172  -22.834 1.00 28.46 ? 39  PRO A CG  1 
ATOM   304  C  CD  . PRO A 1 39 ? 5.684   12.851  -22.433 1.00 27.41 ? 39  PRO A CD  1 
ATOM   305  N  N   . GLY A 1 40 ? 7.540   9.484   -25.048 1.00 31.88 ? 40  GLY A N   1 
ATOM   306  C  CA  . GLY A 1 40 ? 8.598   8.523   -24.780 1.00 34.73 ? 40  GLY A CA  1 
ATOM   307  C  C   . GLY A 1 40 ? 8.262   7.119   -25.187 1.00 35.64 ? 40  GLY A C   1 
ATOM   308  O  O   . GLY A 1 40 ? 7.135   6.747   -25.467 1.00 37.29 ? 40  GLY A O   1 
ATOM   309  N  N   . LYS A 1 41 ? 9.325   6.338   -25.278 1.00 37.87 ? 41  LYS A N   1 
ATOM   310  C  CA  . LYS A 1 41 ? 9.148   4.955   -25.639 1.00 39.32 ? 41  LYS A CA  1 
ATOM   311  C  C   . LYS A 1 41 ? 8.720   4.217   -24.381 1.00 38.41 ? 41  LYS A C   1 
ATOM   312  O  O   . LYS A 1 41 ? 9.263   4.504   -23.294 1.00 38.55 ? 41  LYS A O   1 
ATOM   313  C  CB  . LYS A 1 41 ? 10.476  4.410   -26.208 1.00 43.86 ? 41  LYS A CB  1 
ATOM   314  C  CG  . LYS A 1 41 ? 10.360  4.160   -27.725 1.00 52.00 ? 41  LYS A CG  1 
ATOM   315  C  CD  . LYS A 1 41 ? 9.061   3.402   -28.175 1.00 56.72 ? 41  LYS A CD  1 
ATOM   316  C  CE  . LYS A 1 41 ? 8.887   3.405   -29.716 1.00 57.65 ? 41  LYS A CE  1 
ATOM   317  N  NZ  . LYS A 1 41 ? 7.598   2.903   -30.164 1.00 55.47 ? 41  LYS A NZ  1 
ATOM   318  N  N   . TRP A 1 42 ? 7.754   3.313   -24.476 1.00 36.54 ? 42  TRP A N   1 
ATOM   319  C  CA  . TRP A 1 42 ? 7.313   2.570   -23.301 1.00 34.56 ? 42  TRP A CA  1 
ATOM   320  C  C   . TRP A 1 42 ? 7.372   1.080   -23.538 1.00 33.95 ? 42  TRP A C   1 
ATOM   321  O  O   . TRP A 1 42 ? 7.160   0.625   -24.664 1.00 35.26 ? 42  TRP A O   1 
ATOM   322  C  CB  . TRP A 1 42 ? 5.880   2.956   -22.900 1.00 30.64 ? 42  TRP A CB  1 
ATOM   323  C  CG  . TRP A 1 42 ? 4.934   3.038   -24.080 1.00 33.72 ? 42  TRP A CG  1 
ATOM   324  C  CD1 . TRP A 1 42 ? 4.762   4.235   -24.709 1.00 35.32 ? 42  TRP A CD1 1 
ATOM   325  C  CD2 . TRP A 1 42 ? 4.202   2.013   -24.648 1.00 35.93 ? 42  TRP A CD2 1 
ATOM   326  N  NE1 . TRP A 1 42 ? 3.926   3.967   -25.671 1.00 38.32 ? 42  TRP A NE1 1 
ATOM   327  C  CE2 . TRP A 1 42 ? 3.566   2.671   -25.675 1.00 35.89 ? 42  TRP A CE2 1 
ATOM   328  C  CE3 . TRP A 1 42 ? 3.970   0.659   -24.462 1.00 37.53 ? 42  TRP A CE3 1 
ATOM   329  C  CZ2 . TRP A 1 42 ? 2.705   1.983   -26.511 1.00 39.23 ? 42  TRP A CZ2 1 
ATOM   330  C  CZ3 . TRP A 1 42 ? 3.109   -0.030  -25.297 1.00 37.33 ? 42  TRP A CZ3 1 
ATOM   331  C  CH2 . TRP A 1 42 ? 2.477   0.629   -26.318 1.00 36.78 ? 42  TRP A CH2 1 
ATOM   332  N  N   . LYS A 1 43 ? 7.696   0.321   -22.500 1.00 33.06 ? 43  LYS A N   1 
ATOM   333  C  CA  . LYS A 1 43 ? 7.666   -1.125  -22.556 1.00 31.13 ? 43  LYS A CA  1 
ATOM   334  C  C   . LYS A 1 43 ? 6.269   -1.575  -22.075 1.00 28.00 ? 43  LYS A C   1 
ATOM   335  O  O   . LYS A 1 43 ? 5.862   -1.055  -21.034 1.00 26.26 ? 43  LYS A O   1 
ATOM   336  C  CB  . LYS A 1 43 ? 8.753   -1.638  -21.646 1.00 34.10 ? 43  LYS A CB  1 
ATOM   337  C  CG  . LYS A 1 43 ? 8.630   -3.106  -21.247 1.00 43.49 ? 43  LYS A CG  1 
ATOM   338  C  CD  . LYS A 1 43 ? 9.371   -3.280  -19.924 1.00 52.36 ? 43  LYS A CD  1 
ATOM   339  C  CE  . LYS A 1 43 ? 9.077   -4.592  -19.178 1.00 54.97 ? 43  LYS A CE  1 
ATOM   340  N  NZ  . LYS A 1 43 ? 9.596   -4.503  -17.815 1.00 56.88 ? 43  LYS A NZ  1 
ATOM   341  N  N   . PRO A 1 44 ? 5.486   -2.477  -22.702 1.00 25.96 ? 44  PRO A N   1 
ATOM   342  C  CA  . PRO A 1 44 ? 4.320   -3.127  -22.108 1.00 24.29 ? 44  PRO A CA  1 
ATOM   343  C  C   . PRO A 1 44 ? 4.788   -4.033  -20.996 1.00 24.88 ? 44  PRO A C   1 
ATOM   344  O  O   . PRO A 1 44 ? 5.755   -4.805  -21.139 1.00 23.42 ? 44  PRO A O   1 
ATOM   345  C  CB  . PRO A 1 44 ? 3.655   -3.916  -23.204 1.00 23.53 ? 44  PRO A CB  1 
ATOM   346  C  CG  . PRO A 1 44 ? 4.829   -4.315  -24.063 1.00 26.57 ? 44  PRO A CG  1 
ATOM   347  C  CD  . PRO A 1 44 ? 5.750   -3.072  -24.019 1.00 26.11 ? 44  PRO A CD  1 
ATOM   348  N  N   . LYS A 1 45 ? 4.044   -3.983  -19.917 1.00 24.02 ? 45  LYS A N   1 
ATOM   349  C  CA  . LYS A 1 45 ? 4.374   -4.781  -18.757 1.00 25.59 ? 45  LYS A CA  1 
ATOM   350  C  C   . LYS A 1 45 ? 3.056   -5.281  -18.159 1.00 25.52 ? 45  LYS A C   1 
ATOM   351  O  O   . LYS A 1 45 ? 2.038   -4.583  -18.239 1.00 26.77 ? 45  LYS A O   1 
ATOM   352  C  CB  . LYS A 1 45 ? 5.142   -3.898  -17.745 1.00 24.49 ? 45  LYS A CB  1 
ATOM   353  C  CG  . LYS A 1 45 ? 5.726   -4.738  -16.650 1.00 25.97 ? 45  LYS A CG  1 
ATOM   354  C  CD  . LYS A 1 45 ? 6.138   -3.856  -15.557 1.00 24.33 ? 45  LYS A CD  1 
ATOM   355  C  CE  . LYS A 1 45 ? 7.215   -4.681  -14.873 1.00 33.38 ? 45  LYS A CE  1 
ATOM   356  N  NZ  . LYS A 1 45 ? 7.681   -4.072  -13.633 1.00 40.86 ? 45  LYS A NZ  1 
ATOM   357  N  N   . MET A 1 46 ? 3.005   -6.459  -17.586 1.00 25.28 ? 46  MET A N   1 
ATOM   358  C  CA  . MET A 1 46 ? 1.819   -6.951  -16.913 1.00 27.70 ? 46  MET A CA  1 
ATOM   359  C  C   . MET A 1 46 ? 2.195   -6.845  -15.457 1.00 28.88 ? 46  MET A C   1 
ATOM   360  O  O   . MET A 1 46 ? 3.320   -7.261  -15.135 1.00 30.89 ? 46  MET A O   1 
ATOM   361  C  CB  . MET A 1 46 ? 1.560   -8.409  -17.162 1.00 32.33 ? 46  MET A CB  1 
ATOM   362  C  CG  . MET A 1 46 ? 1.249   -8.759  -18.589 1.00 37.79 ? 46  MET A CG  1 
ATOM   363  S  SD  . MET A 1 46 ? -0.438  -8.216  -18.854 1.00 50.19 ? 46  MET A SD  1 
ATOM   364  C  CE  . MET A 1 46 ? -1.265  -9.417  -17.837 1.00 49.85 ? 46  MET A CE  1 
ATOM   365  N  N   . ILE A 1 47 ? 1.372   -6.274  -14.567 1.00 27.10 ? 47  ILE A N   1 
ATOM   366  C  CA  . ILE A 1 47 ? 1.679   -6.323  -13.161 1.00 28.09 ? 47  ILE A CA  1 
ATOM   367  C  C   . ILE A 1 47 ? 0.507   -6.968  -12.400 1.00 28.93 ? 47  ILE A C   1 
ATOM   368  O  O   . ILE A 1 47 ? -0.660  -6.874  -12.813 1.00 29.20 ? 47  ILE A O   1 
ATOM   369  C  CB  . ILE A 1 47 ? 1.980   -4.902  -12.608 1.00 28.93 ? 47  ILE A CB  1 
ATOM   370  C  CG1 . ILE A 1 47 ? 0.952   -3.862  -12.981 1.00 29.88 ? 47  ILE A CG1 1 
ATOM   371  C  CG2 . ILE A 1 47 ? 3.346   -4.504  -13.143 1.00 30.51 ? 47  ILE A CG2 1 
ATOM   372  C  CD1 . ILE A 1 47 ? 1.085   -2.635  -12.051 1.00 34.53 ? 47  ILE A CD1 1 
ATOM   373  N  N   . GLY A 1 48 ? 0.796   -7.705  -11.317 1.00 29.00 ? 48  GLY A N   1 
ATOM   374  C  CA  . GLY A 1 48 ? -0.228  -8.358  -10.524 1.00 27.66 ? 48  GLY A CA  1 
ATOM   375  C  C   . GLY A 1 48 ? -0.447  -7.609  -9.226  1.00 27.39 ? 48  GLY A C   1 
ATOM   376  O  O   . GLY A 1 48 ? 0.468   -7.012  -8.676  1.00 28.74 ? 48  GLY A O   1 
ATOM   377  N  N   . GLY A 1 49 ? -1.693  -7.566  -8.796  1.00 26.58 ? 49  GLY A N   1 
ATOM   378  C  CA  . GLY A 1 49 ? -2.106  -6.983  -7.541  1.00 25.16 ? 49  GLY A CA  1 
ATOM   379  C  C   . GLY A 1 49 ? -3.124  -7.968  -6.989  1.00 25.45 ? 49  GLY A C   1 
ATOM   380  O  O   . GLY A 1 49 ? -3.203  -9.098  -7.512  1.00 23.38 ? 49  GLY A O   1 
ATOM   381  N  N   . ILE A 1 50 ? -3.943  -7.620  -5.976  1.00 26.88 ? 50  ILE A N   1 
ATOM   382  C  CA  . ILE A 1 50 ? -4.863  -8.613  -5.391  1.00 29.27 ? 50  ILE A CA  1 
ATOM   383  C  C   . ILE A 1 50 ? -6.056  -9.074  -6.245  1.00 30.12 ? 50  ILE A C   1 
ATOM   384  O  O   . ILE A 1 50 ? -6.401  -10.267 -6.246  1.00 33.06 ? 50  ILE A O   1 
ATOM   385  C  CB  . ILE A 1 50 ? -5.399  -8.133  -3.989  1.00 28.78 ? 50  ILE A CB  1 
ATOM   386  C  CG1 . ILE A 1 50 ? -6.173  -6.837  -3.999  1.00 32.93 ? 50  ILE A CG1 1 
ATOM   387  C  CG2 . ILE A 1 50 ? -4.151  -8.064  -3.100  1.00 29.48 ? 50  ILE A CG2 1 
ATOM   388  C  CD1 . ILE A 1 50 ? -7.711  -7.031  -4.116  1.00 37.11 ? 50  ILE A CD1 1 
ATOM   389  N  N   . GLY A 1 51 ? -6.734  -8.204  -6.996  1.00 27.88 ? 51  GLY A N   1 
ATOM   390  C  CA  . GLY A 1 51 ? -7.825  -8.715  -7.790  1.00 26.59 ? 51  GLY A CA  1 
ATOM   391  C  C   . GLY A 1 51 ? -7.332  -9.388  -9.038  1.00 25.14 ? 51  GLY A C   1 
ATOM   392  O  O   . GLY A 1 51 ? -8.148  -9.947  -9.733  1.00 26.60 ? 51  GLY A O   1 
ATOM   393  N  N   . GLY A 1 52 ? -6.063  -9.282  -9.426  1.00 24.95 ? 52  GLY A N   1 
ATOM   394  C  CA  . GLY A 1 52 ? -5.586  -9.921  -10.632 1.00 23.69 ? 52  GLY A CA  1 
ATOM   395  C  C   . GLY A 1 52 ? -4.397  -9.209  -11.242 1.00 24.45 ? 52  GLY A C   1 
ATOM   396  O  O   . GLY A 1 52 ? -3.680  -8.481  -10.566 1.00 23.29 ? 52  GLY A O   1 
ATOM   397  N  N   . PHE A 1 53 ? -4.147  -9.482  -12.518 1.00 25.48 ? 53  PHE A N   1 
ATOM   398  C  CA  . PHE A 1 53 ? -3.121  -8.838  -13.331 1.00 28.21 ? 53  PHE A CA  1 
ATOM   399  C  C   . PHE A 1 53 ? -3.642  -7.610  -14.091 1.00 29.48 ? 53  PHE A C   1 
ATOM   400  O  O   . PHE A 1 53 ? -4.779  -7.691  -14.609 1.00 30.44 ? 53  PHE A O   1 
ATOM   401  C  CB  . PHE A 1 53 ? -2.590  -9.707  -14.447 1.00 30.16 ? 53  PHE A CB  1 
ATOM   402  C  CG  . PHE A 1 53 ? -1.626  -10.802 -14.086 1.00 35.74 ? 53  PHE A CG  1 
ATOM   403  C  CD1 . PHE A 1 53 ? -0.363  -10.485 -13.599 1.00 39.23 ? 53  PHE A CD1 1 
ATOM   404  C  CD2 . PHE A 1 53 ? -2.029  -12.111 -14.237 1.00 38.13 ? 53  PHE A CD2 1 
ATOM   405  C  CE1 . PHE A 1 53 ? 0.513   -11.495 -13.250 1.00 40.00 ? 53  PHE A CE1 1 
ATOM   406  C  CE2 . PHE A 1 53 ? -1.151  -13.118 -13.887 1.00 38.90 ? 53  PHE A CE2 1 
ATOM   407  C  CZ  . PHE A 1 53 ? 0.108   -12.808 -13.396 1.00 41.15 ? 53  PHE A CZ  1 
ATOM   408  N  N   . ILE A 1 54 ? -2.945  -6.464  -14.198 1.00 27.53 ? 54  ILE A N   1 
ATOM   409  C  CA  . ILE A 1 54 ? -3.338  -5.449  -15.186 1.00 25.30 ? 54  ILE A CA  1 
ATOM   410  C  C   . ILE A 1 54 ? -2.172  -5.287  -16.175 1.00 24.43 ? 54  ILE A C   1 
ATOM   411  O  O   . ILE A 1 54 ? -1.036  -5.737  -15.941 1.00 22.99 ? 54  ILE A O   1 
ATOM   412  C  CB  . ILE A 1 54 ? -3.674  -4.045  -14.546 1.00 26.40 ? 54  ILE A CB  1 
ATOM   413  C  CG1 . ILE A 1 54 ? -2.613  -3.520  -13.585 1.00 26.11 ? 54  ILE A CG1 1 
ATOM   414  C  CG2 . ILE A 1 54 ? -5.017  -4.210  -13.826 1.00 25.12 ? 54  ILE A CG2 1 
ATOM   415  C  CD1 . ILE A 1 54 ? -2.740  -1.996  -13.298 1.00 25.64 ? 54  ILE A CD1 1 
ATOM   416  N  N   . LYS A 1 55 ? -2.462  -4.697  -17.338 1.00 22.33 ? 55  LYS A N   1 
ATOM   417  C  CA  . LYS A 1 55 ? -1.476  -4.421  -18.374 1.00 20.84 ? 55  LYS A CA  1 
ATOM   418  C  C   . LYS A 1 55 ? -1.205  -2.931  -18.231 1.00 18.51 ? 55  LYS A C   1 
ATOM   419  O  O   . LYS A 1 55 ? -2.145  -2.136  -18.112 1.00 18.08 ? 55  LYS A O   1 
ATOM   420  C  CB  . LYS A 1 55 ? -2.055  -4.705  -19.762 1.00 24.37 ? 55  LYS A CB  1 
ATOM   421  C  CG  . LYS A 1 55 ? -1.317  -4.029  -20.930 1.00 29.28 ? 55  LYS A CG  1 
ATOM   422  C  CD  . LYS A 1 55 ? -0.186  -4.840  -21.483 1.00 35.98 ? 55  LYS A CD  1 
ATOM   423  C  CE  . LYS A 1 55 ? -0.800  -5.961  -22.336 1.00 40.90 ? 55  LYS A CE  1 
ATOM   424  N  NZ  . LYS A 1 55 ? 0.248   -6.780  -22.930 1.00 41.81 ? 55  LYS A NZ  1 
ATOM   425  N  N   . VAL A 1 56 ? 0.082   -2.559  -18.196 1.00 18.60 ? 56  VAL A N   1 
ATOM   426  C  CA  . VAL A 1 56 ? 0.555   -1.187  -18.011 1.00 16.87 ? 56  VAL A CA  1 
ATOM   427  C  C   . VAL A 1 56 ? 1.641   -0.840  -19.054 1.00 16.60 ? 56  VAL A C   1 
ATOM   428  O  O   . VAL A 1 56 ? 2.222   -1.724  -19.694 1.00 18.37 ? 56  VAL A O   1 
ATOM   429  C  CB  . VAL A 1 56 ? 1.148   -0.996  -16.558 1.00 16.86 ? 56  VAL A CB  1 
ATOM   430  C  CG1 . VAL A 1 56 ? 0.041   -1.042  -15.517 1.00 16.03 ? 56  VAL A CG1 1 
ATOM   431  C  CG2 . VAL A 1 56 ? 2.182   -2.082  -16.239 1.00 13.89 ? 56  VAL A CG2 1 
ATOM   432  N  N   . ARG A 1 57 ? 1.897   0.444   -19.292 1.00 16.27 ? 57  ARG A N   1 
ATOM   433  C  CA  . ARG A 1 57 ? 2.969   0.938   -20.150 1.00 16.13 ? 57  ARG A CA  1 
ATOM   434  C  C   . ARG A 1 57 ? 4.042   1.443   -19.209 1.00 14.68 ? 57  ARG A C   1 
ATOM   435  O  O   . ARG A 1 57 ? 3.778   2.160   -18.226 1.00 14.68 ? 57  ARG A O   1 
ATOM   436  C  CB  . ARG A 1 57 ? 2.459   2.059   -21.011 1.00 14.33 ? 57  ARG A CB  1 
ATOM   437  C  CG  . ARG A 1 57 ? 1.571   1.399   -22.026 1.00 24.09 ? 57  ARG A CG  1 
ATOM   438  C  CD  . ARG A 1 57 ? 0.880   2.345   -22.934 1.00 25.58 ? 57  ARG A CD  1 
ATOM   439  N  NE  . ARG A 1 57 ? -0.077  3.173   -22.217 1.00 40.80 ? 57  ARG A NE  1 
ATOM   440  C  CZ  . ARG A 1 57 ? 0.041   4.518   -22.224 1.00 44.01 ? 57  ARG A CZ  1 
ATOM   441  N  NH1 . ARG A 1 57 ? 1.097   5.087   -22.757 1.00 48.60 ? 57  ARG A NH1 1 
ATOM   442  N  NH2 . ARG A 1 57 ? -0.849  5.314   -21.631 1.00 42.92 ? 57  ARG A NH2 1 
ATOM   443  N  N   . GLN A 1 58 ? 5.268   1.074   -19.478 1.00 13.85 ? 58  GLN A N   1 
ATOM   444  C  CA  . GLN A 1 58 ? 6.326   1.413   -18.572 1.00 15.08 ? 58  GLN A CA  1 
ATOM   445  C  C   . GLN A 1 58 ? 7.138   2.568   -19.133 1.00 15.18 ? 58  GLN A C   1 
ATOM   446  O  O   . GLN A 1 58 ? 7.607   2.429   -20.259 1.00 16.37 ? 58  GLN A O   1 
ATOM   447  C  CB  . GLN A 1 58 ? 7.198   0.174   -18.357 1.00 16.25 ? 58  GLN A CB  1 
ATOM   448  C  CG  . GLN A 1 58 ? 8.226   0.479   -17.271 1.00 20.15 ? 58  GLN A CG  1 
ATOM   449  C  CD  . GLN A 1 58 ? 9.194   -0.647  -17.056 1.00 22.53 ? 58  GLN A CD  1 
ATOM   450  O  OE1 . GLN A 1 58 ? 8.882   -1.821  -17.183 1.00 27.71 ? 58  GLN A OE1 1 
ATOM   451  N  NE2 . GLN A 1 58 ? 10.435  -0.318  -16.785 1.00 18.88 ? 58  GLN A NE2 1 
ATOM   452  N  N   . TYR A 1 59 ? 7.273   3.679   -18.409 1.00 14.98 ? 59  TYR A N   1 
ATOM   453  C  CA  . TYR A 1 59 ? 8.062   4.808   -18.833 1.00 16.16 ? 59  TYR A CA  1 
ATOM   454  C  C   . TYR A 1 59 ? 9.192   4.960   -17.858 1.00 18.03 ? 59  TYR A C   1 
ATOM   455  O  O   . TYR A 1 59 ? 8.976   4.862   -16.647 1.00 17.22 ? 59  TYR A O   1 
ATOM   456  C  CB  . TYR A 1 59 ? 7.244   6.076   -18.830 1.00 15.90 ? 59  TYR A CB  1 
ATOM   457  C  CG  . TYR A 1 59 ? 6.156   6.116   -19.901 1.00 19.10 ? 59  TYR A CG  1 
ATOM   458  C  CD1 . TYR A 1 59 ? 6.476   6.570   -21.167 1.00 21.00 ? 59  TYR A CD1 1 
ATOM   459  C  CD2 . TYR A 1 59 ? 4.861   5.767   -19.592 1.00 17.99 ? 59  TYR A CD2 1 
ATOM   460  C  CE1 . TYR A 1 59 ? 5.514   6.672   -22.139 1.00 18.79 ? 59  TYR A CE1 1 
ATOM   461  C  CE2 . TYR A 1 59 ? 3.885   5.868   -20.560 1.00 22.70 ? 59  TYR A CE2 1 
ATOM   462  C  CZ  . TYR A 1 59 ? 4.232   6.340   -21.812 1.00 24.23 ? 59  TYR A CZ  1 
ATOM   463  O  OH  . TYR A 1 59 ? 3.255   6.537   -22.753 1.00 29.42 ? 59  TYR A OH  1 
ATOM   464  N  N   . ASP A 1 60 ? 10.437  5.091   -18.301 1.00 19.43 ? 60  ASP A N   1 
ATOM   465  C  CA  . ASP A 1 60 ? 11.552  5.273   -17.393 1.00 21.08 ? 60  ASP A CA  1 
ATOM   466  C  C   . ASP A 1 60 ? 12.060  6.706   -17.453 1.00 21.71 ? 60  ASP A C   1 
ATOM   467  O  O   . ASP A 1 60 ? 11.815  7.459   -18.402 1.00 22.20 ? 60  ASP A O   1 
ATOM   468  C  CB  . ASP A 1 60 ? 12.678  4.324   -17.751 1.00 22.61 ? 60  ASP A CB  1 
ATOM   469  C  CG  . ASP A 1 60 ? 12.209  2.883   -17.837 1.00 24.92 ? 60  ASP A CG  1 
ATOM   470  O  OD1 . ASP A 1 60 ? 11.734  2.365   -16.837 1.00 25.19 ? 60  ASP A OD1 1 
ATOM   471  O  OD2 . ASP A 1 60 ? 12.309  2.277   -18.905 1.00 28.69 ? 60  ASP A OD2 1 
ATOM   472  N  N   . GLN A 1 61 ? 12.746  7.042   -16.360 1.00 20.16 ? 61  GLN A N   1 
ATOM   473  C  CA  . GLN A 1 61 ? 13.350  8.338   -16.117 1.00 20.31 ? 61  GLN A CA  1 
ATOM   474  C  C   . GLN A 1 61 ? 12.397  9.504   -16.266 1.00 19.92 ? 61  GLN A C   1 
ATOM   475  O  O   . GLN A 1 61 ? 12.726  10.533  -16.857 1.00 20.01 ? 61  GLN A O   1 
ATOM   476  C  CB  . GLN A 1 61 ? 14.567  8.555   -17.048 1.00 21.28 ? 61  GLN A CB  1 
ATOM   477  C  CG  . GLN A 1 61 ? 15.764  7.666   -16.769 1.00 25.25 ? 61  GLN A CG  1 
ATOM   478  C  CD  . GLN A 1 61 ? 16.312  7.747   -15.362 1.00 28.12 ? 61  GLN A CD  1 
ATOM   479  O  OE1 . GLN A 1 61 ? 16.561  8.816   -14.837 1.00 37.75 ? 61  GLN A OE1 1 
ATOM   480  N  NE2 . GLN A 1 61 ? 16.565  6.650   -14.659 1.00 33.39 ? 61  GLN A NE2 1 
ATOM   481  N  N   . ILE A 1 62 ? 11.194  9.375   -15.707 1.00 18.55 ? 62  ILE A N   1 
ATOM   482  C  CA  . ILE A 1 62 ? 10.195  10.438  -15.735 1.00 17.46 ? 62  ILE A CA  1 
ATOM   483  C  C   . ILE A 1 62 ? 10.423  11.311  -14.491 1.00 16.68 ? 62  ILE A C   1 
ATOM   484  O  O   . ILE A 1 62 ? 10.499  10.750  -13.387 1.00 15.42 ? 62  ILE A O   1 
ATOM   485  C  CB  . ILE A 1 62 ? 8.774   9.797   -15.718 1.00 16.95 ? 62  ILE A CB  1 
ATOM   486  C  CG1 . ILE A 1 62 ? 8.532   9.024   -17.014 1.00 17.41 ? 62  ILE A CG1 1 
ATOM   487  C  CG2 . ILE A 1 62 ? 7.709   10.855  -15.554 1.00 18.69 ? 62  ILE A CG2 1 
ATOM   488  C  CD1 . ILE A 1 62 ? 8.809   9.724   -18.345 1.00 16.65 ? 62  ILE A CD1 1 
ATOM   489  N  N   . PRO A 1 63 ? 10.564  12.655  -14.583 1.00 15.92 ? 63  PRO A N   1 
ATOM   490  C  CA  . PRO A 1 63 ? 10.627  13.569  -13.443 1.00 16.48 ? 63  PRO A CA  1 
ATOM   491  C  C   . PRO A 1 63 ? 9.281   13.787  -12.797 1.00 16.34 ? 63  PRO A C   1 
ATOM   492  O  O   . PRO A 1 63 ? 8.296   14.061  -13.499 1.00 17.44 ? 63  PRO A O   1 
ATOM   493  C  CB  . PRO A 1 63 ? 11.184  14.838  -13.990 1.00 16.26 ? 63  PRO A CB  1 
ATOM   494  C  CG  . PRO A 1 63 ? 11.580  14.489  -15.409 1.00 20.47 ? 63  PRO A CG  1 
ATOM   495  C  CD  . PRO A 1 63 ? 10.616  13.416  -15.827 1.00 17.45 ? 63  PRO A CD  1 
ATOM   496  N  N   . VAL A 1 64 ? 9.217   13.616  -11.499 1.00 15.70 ? 64  VAL A N   1 
ATOM   497  C  CA  . VAL A 1 64 ? 7.979   13.725  -10.749 1.00 16.22 ? 64  VAL A CA  1 
ATOM   498  C  C   . VAL A 1 64 ? 8.251   14.505  -9.478  1.00 17.66 ? 64  VAL A C   1 
ATOM   499  O  O   . VAL A 1 64 ? 9.176   14.166  -8.733  1.00 18.97 ? 64  VAL A O   1 
ATOM   500  C  CB  . VAL A 1 64 ? 7.420   12.333  -10.344 1.00 18.35 ? 64  VAL A CB  1 
ATOM   501  C  CG1 . VAL A 1 64 ? 6.058   12.565  -9.658  1.00 14.95 ? 64  VAL A CG1 1 
ATOM   502  C  CG2 . VAL A 1 64 ? 7.326   11.390  -11.541 1.00 16.67 ? 64  VAL A CG2 1 
ATOM   503  N  N   . GLU A 1 65 ? 7.477   15.528  -9.184  1.00 17.13 ? 65  GLU A N   1 
ATOM   504  C  CA  . GLU A 1 65 ? 7.678   16.300  -7.974  1.00 18.39 ? 65  GLU A CA  1 
ATOM   505  C  C   . GLU A 1 65 ? 6.579   15.839  -7.001  1.00 18.55 ? 65  GLU A C   1 
ATOM   506  O  O   . GLU A 1 65 ? 5.379   15.934  -7.306  1.00 18.74 ? 65  GLU A O   1 
ATOM   507  C  CB  . GLU A 1 65 ? 7.505   17.784  -8.305  1.00 21.55 ? 65  GLU A CB  1 
ATOM   508  C  CG  . GLU A 1 65 ? 8.576   18.750  -7.796  1.00 29.86 ? 65  GLU A CG  1 
ATOM   509  C  CD  . GLU A 1 65 ? 8.075   20.111  -7.284  1.00 37.63 ? 65  GLU A CD  1 
ATOM   510  O  OE1 . GLU A 1 65 ? 6.956   20.553  -7.585  1.00 43.33 ? 65  GLU A OE1 1 
ATOM   511  O  OE2 . GLU A 1 65 ? 8.827   20.745  -6.540  1.00 42.99 ? 65  GLU A OE2 1 
ATOM   512  N  N   . ILE A 1 66 ? 6.912   15.348  -5.810  1.00 18.80 ? 66  ILE A N   1 
ATOM   513  C  CA  . ILE A 1 66 ? 5.941   14.787  -4.851  1.00 20.35 ? 66  ILE A CA  1 
ATOM   514  C  C   . ILE A 1 66 ? 6.022   15.690  -3.642  1.00 21.81 ? 66  ILE A C   1 
ATOM   515  O  O   . ILE A 1 66 ? 7.080   15.769  -3.002  1.00 20.62 ? 66  ILE A O   1 
ATOM   516  C  CB  . ILE A 1 66 ? 6.368   13.316  -4.479  1.00 21.46 ? 66  ILE A CB  1 
ATOM   517  C  CG1 . ILE A 1 66 ? 6.497   12.506  -5.794  1.00 18.24 ? 66  ILE A CG1 1 
ATOM   518  C  CG2 . ILE A 1 66 ? 5.371   12.669  -3.502  1.00 18.30 ? 66  ILE A CG2 1 
ATOM   519  C  CD1 . ILE A 1 66 ? 7.382   11.275  -5.776  1.00 22.73 ? 66  ILE A CD1 1 
ATOM   520  N  N   . CYS A 1 67 ? 4.966   16.451  -3.366  1.00 23.78 ? 67  CYS A N   1 
ATOM   521  C  CA  . CYS A 1 67 ? 4.909   17.311  -2.182  1.00 26.00 ? 67  CYS A CA  1 
ATOM   522  C  C   . CYS A 1 67 ? 6.198   18.168  -1.982  1.00 24.59 ? 67  CYS A C   1 
ATOM   523  O  O   . CYS A 1 67 ? 6.901   18.208  -0.958  1.00 24.09 ? 67  CYS A O   1 
ATOM   524  C  CB  . CYS A 1 67 ? 4.578   16.357  -0.978  1.00 28.81 ? 67  CYS A CB  1 
ATOM   525  S  SG  . CYS A 1 67 ? 3.851   17.141  0.488   1.00 42.21 ? 67  CYS A SG  1 
ATOM   526  N  N   . GLY A 1 68 ? 6.599   18.782  -3.104  1.00 23.55 ? 68  GLY A N   1 
ATOM   527  C  CA  . GLY A 1 68 ? 7.783   19.637  -3.156  1.00 21.98 ? 68  GLY A CA  1 
ATOM   528  C  C   . GLY A 1 68 ? 9.089   18.869  -3.246  1.00 22.58 ? 68  GLY A C   1 
ATOM   529  O  O   . GLY A 1 68 ? 10.151  19.440  -3.025  1.00 24.32 ? 68  GLY A O   1 
ATOM   530  N  N   . HIS A 1 69 ? 9.113   17.580  -3.503  1.00 21.04 ? 69  HIS A N   1 
ATOM   531  C  CA  . HIS A 1 69 ? 10.362  16.847  -3.547  1.00 22.71 ? 69  HIS A CA  1 
ATOM   532  C  C   . HIS A 1 69 ? 10.536  16.246  -4.925  1.00 22.37 ? 69  HIS A C   1 
ATOM   533  O  O   . HIS A 1 69 ? 9.627   15.615  -5.441  1.00 21.99 ? 69  HIS A O   1 
ATOM   534  C  CB  . HIS A 1 69 ? 10.339  15.745  -2.497  1.00 26.64 ? 69  HIS A CB  1 
ATOM   535  C  CG  . HIS A 1 69 ? 10.409  16.243  -1.032  1.00 31.15 ? 69  HIS A CG  1 
ATOM   536  N  ND1 . HIS A 1 69 ? 9.691   17.176  -0.383  1.00 31.31 ? 69  HIS A ND1 1 
ATOM   537  C  CD2 . HIS A 1 69 ? 11.333  15.741  -0.123  1.00 31.78 ? 69  HIS A CD2 1 
ATOM   538  C  CE1 . HIS A 1 69 ? 10.142  17.257  0.844   1.00 30.39 ? 69  HIS A CE1 1 
ATOM   539  N  NE2 . HIS A 1 69 ? 11.116  16.384  0.991   1.00 33.73 ? 69  HIS A NE2 1 
ATOM   540  N  N   . LYS A 1 70 ? 11.635  16.494  -5.609  1.00 22.00 ? 70  LYS A N   1 
ATOM   541  C  CA  . LYS A 1 70 ? 11.882  15.953  -6.935  1.00 22.68 ? 70  LYS A CA  1 
ATOM   542  C  C   . LYS A 1 70 ? 12.297  14.494  -7.003  1.00 21.72 ? 70  LYS A C   1 
ATOM   543  O  O   . LYS A 1 70 ? 13.136  14.095  -6.201  1.00 22.65 ? 70  LYS A O   1 
ATOM   544  C  CB  . LYS A 1 70 ? 12.968  16.731  -7.602  1.00 27.74 ? 70  LYS A CB  1 
ATOM   545  C  CG  . LYS A 1 70 ? 12.503  17.986  -8.321  1.00 34.38 ? 70  LYS A CG  1 
ATOM   546  C  CD  . LYS A 1 70 ? 13.325  18.135  -9.617  1.00 40.13 ? 70  LYS A CD  1 
ATOM   547  C  CE  . LYS A 1 70 ? 13.497  16.824  -10.461 1.00 40.84 ? 70  LYS A CE  1 
ATOM   548  N  NZ  . LYS A 1 70 ? 12.246  16.126  -10.742 1.00 32.71 ? 70  LYS A NZ  1 
ATOM   549  N  N   . ALA A 1 71 ? 11.810  13.696  -7.918  1.00 18.05 ? 71  ALA A N   1 
ATOM   550  C  CA  . ALA A 1 71 ? 12.237  12.335  -8.049  1.00 16.56 ? 71  ALA A CA  1 
ATOM   551  C  C   . ALA A 1 71 ? 12.357  12.094  -9.563  1.00 16.98 ? 71  ALA A C   1 
ATOM   552  O  O   . ALA A 1 71 ? 11.758  12.844  -10.367 1.00 17.34 ? 71  ALA A O   1 
ATOM   553  C  CB  . ALA A 1 71 ? 11.177  11.447  -7.427  1.00 17.32 ? 71  ALA A CB  1 
ATOM   554  N  N   . ILE A 1 72 ? 13.143  11.119  -10.032 1.00 14.88 ? 72  ILE A N   1 
ATOM   555  C  CA  . ILE A 1 72 ? 13.270  10.804  -11.451 1.00 15.27 ? 72  ILE A CA  1 
ATOM   556  C  C   . ILE A 1 72 ? 13.239  9.292   -11.497 1.00 15.46 ? 72  ILE A C   1 
ATOM   557  O  O   . ILE A 1 72 ? 14.136  8.638   -10.923 1.00 18.05 ? 72  ILE A O   1 
ATOM   558  C  CB  . ILE A 1 72 ? 14.611  11.335  -12.085 1.00 13.77 ? 72  ILE A CB  1 
ATOM   559  C  CG1 . ILE A 1 72 ? 14.740  12.851  -11.939 1.00 14.92 ? 72  ILE A CG1 1 
ATOM   560  C  CG2 . ILE A 1 72 ? 14.616  11.010  -13.569 1.00 10.77 ? 72  ILE A CG2 1 
ATOM   561  C  CD1 . ILE A 1 72 ? 16.049  13.491  -12.389 1.00 13.71 ? 72  ILE A CD1 1 
ATOM   562  N  N   . GLY A 1 73 ? 12.259  8.671   -12.128 1.00 14.38 ? 73  GLY A N   1 
ATOM   563  C  CA  . GLY A 1 73 ? 12.197  7.234   -12.077 1.00 15.54 ? 73  GLY A CA  1 
ATOM   564  C  C   . GLY A 1 73 ? 11.115  6.659   -12.950 1.00 17.00 ? 73  GLY A C   1 
ATOM   565  O  O   . GLY A 1 73 ? 10.493  7.394   -13.718 1.00 18.43 ? 73  GLY A O   1 
ATOM   566  N  N   . THR A 1 74 ? 10.942  5.348   -12.899 1.00 15.62 ? 74  THR A N   1 
ATOM   567  C  CA  . THR A 1 74 ? 9.960   4.667   -13.703 1.00 15.94 ? 74  THR A CA  1 
ATOM   568  C  C   . THR A 1 74 ? 8.555   4.967   -13.214 1.00 15.81 ? 74  THR A C   1 
ATOM   569  O  O   . THR A 1 74 ? 8.335   5.049   -12.005 1.00 17.34 ? 74  THR A O   1 
ATOM   570  C  CB  . THR A 1 74 ? 10.290  3.163   -13.629 1.00 17.40 ? 74  THR A CB  1 
ATOM   571  O  OG1 . THR A 1 74 ? 11.578  3.104   -14.203 1.00 19.67 ? 74  THR A OG1 1 
ATOM   572  C  CG2 . THR A 1 74 ? 9.376   2.241   -14.367 1.00 16.67 ? 74  THR A CG2 1 
ATOM   573  N  N   . VAL A 1 75 ? 7.610   5.139   -14.141 1.00 15.08 ? 75  VAL A N   1 
ATOM   574  C  CA  . VAL A 1 75 ? 6.207   5.421   -13.865 1.00 15.87 ? 75  VAL A CA  1 
ATOM   575  C  C   . VAL A 1 75 ? 5.496   4.327   -14.662 1.00 15.32 ? 75  VAL A C   1 
ATOM   576  O  O   . VAL A 1 75 ? 5.900   4.151   -15.813 1.00 16.02 ? 75  VAL A O   1 
ATOM   577  C  CB  . VAL A 1 75 ? 5.885   6.875   -14.390 1.00 15.90 ? 75  VAL A CB  1 
ATOM   578  C  CG1 . VAL A 1 75 ? 4.407   7.214   -14.516 1.00 17.11 ? 75  VAL A CG1 1 
ATOM   579  C  CG2 . VAL A 1 75 ? 6.485   7.809   -13.346 1.00 16.48 ? 75  VAL A CG2 1 
ATOM   580  N  N   . LEU A 1 76 ? 4.555   3.536   -14.144 1.00 14.78 ? 76  LEU A N   1 
ATOM   581  C  CA  . LEU A 1 76 ? 3.804   2.552   -14.931 1.00 14.47 ? 76  LEU A CA  1 
ATOM   582  C  C   . LEU A 1 76 ? 2.450   3.210   -15.091 1.00 15.36 ? 76  LEU A C   1 
ATOM   583  O  O   . LEU A 1 76 ? 1.911   3.744   -14.107 1.00 14.61 ? 76  LEU A O   1 
ATOM   584  C  CB  . LEU A 1 76 ? 3.611   1.246   -14.178 1.00 17.72 ? 76  LEU A CB  1 
ATOM   585  C  CG  . LEU A 1 76 ? 4.838   0.544   -13.606 1.00 19.66 ? 76  LEU A CG  1 
ATOM   586  C  CD1 . LEU A 1 76 ? 4.464   -0.705  -12.812 1.00 19.64 ? 76  LEU A CD1 1 
ATOM   587  C  CD2 . LEU A 1 76 ? 5.704   0.126   -14.767 1.00 23.40 ? 76  LEU A CD2 1 
ATOM   588  N  N   . VAL A 1 77 ? 1.896   3.273   -16.301 1.00 14.41 ? 77  VAL A N   1 
ATOM   589  C  CA  . VAL A 1 77 ? 0.612   3.889   -16.553 1.00 13.40 ? 77  VAL A CA  1 
ATOM   590  C  C   . VAL A 1 77 ? -0.414  2.860   -16.979 1.00 12.70 ? 77  VAL A C   1 
ATOM   591  O  O   . VAL A 1 77 ? -0.182  2.065   -17.895 1.00 12.37 ? 77  VAL A O   1 
ATOM   592  C  CB  . VAL A 1 77 ? 0.751   4.963   -17.649 1.00 15.05 ? 77  VAL A CB  1 
ATOM   593  C  CG1 . VAL A 1 77 ? -0.607  5.538   -18.024 1.00 12.34 ? 77  VAL A CG1 1 
ATOM   594  C  CG2 . VAL A 1 77 ? 1.661   6.062   -17.127 1.00 12.31 ? 77  VAL A CG2 1 
ATOM   595  N  N   . GLY A 1 78 ? -1.584  2.840   -16.372 1.00 12.45 ? 78  GLY A N   1 
ATOM   596  C  CA  . GLY A 1 78 ? -2.577  1.871   -16.778 1.00 13.01 ? 78  GLY A CA  1 
ATOM   597  C  C   . GLY A 1 78 ? -3.769  1.936   -15.860 1.00 12.98 ? 78  GLY A C   1 
ATOM   598  O  O   . GLY A 1 78 ? -3.815  2.876   -15.058 1.00 13.05 ? 78  GLY A O   1 
ATOM   599  N  N   . PRO A 1 79 ? -4.714  0.941   -15.891 1.00 15.38 ? 79  PRO A N   1 
ATOM   600  C  CA  . PRO A 1 79 ? -6.055  1.024   -15.253 1.00 15.90 ? 79  PRO A CA  1 
ATOM   601  C  C   . PRO A 1 79 ? -6.089  0.782   -13.749 1.00 17.60 ? 79  PRO A C   1 
ATOM   602  O  O   . PRO A 1 79 ? -6.816  -0.098  -13.265 1.00 19.83 ? 79  PRO A O   1 
ATOM   603  C  CB  . PRO A 1 79 ? -6.905  0.013   -16.033 1.00 13.16 ? 79  PRO A CB  1 
ATOM   604  C  CG  . PRO A 1 79 ? -5.909  -1.041  -16.438 1.00 14.76 ? 79  PRO A CG  1 
ATOM   605  C  CD  . PRO A 1 79 ? -4.573  -0.307  -16.648 1.00 12.85 ? 79  PRO A CD  1 
ATOM   606  N  N   . THR A 1 80 ? -5.251  1.466   -12.966 1.00 17.74 ? 80  THR A N   1 
ATOM   607  C  CA  . THR A 1 80 ? -5.241  1.385   -11.495 1.00 17.22 ? 80  THR A CA  1 
ATOM   608  C  C   . THR A 1 80 ? -6.462  2.189   -10.974 1.00 17.79 ? 80  THR A C   1 
ATOM   609  O  O   . THR A 1 80 ? -6.866  3.194   -11.609 1.00 15.52 ? 80  THR A O   1 
ATOM   610  C  CB  . THR A 1 80 ? -3.892  1.983   -10.956 1.00 16.35 ? 80  THR A CB  1 
ATOM   611  O  OG1 . THR A 1 80 ? -3.991  2.078   -9.540  1.00 13.81 ? 80  THR A OG1 1 
ATOM   612  C  CG2 . THR A 1 80 ? -3.631  3.396   -11.468 1.00 14.13 ? 80  THR A CG2 1 
ATOM   613  N  N   . PRO A 1 81 ? -7.112  1.808   -9.832  1.00 18.39 ? 81  PRO A N   1 
ATOM   614  C  CA  . PRO A 1 81 ? -8.211  2.598   -9.323  1.00 17.10 ? 81  PRO A CA  1 
ATOM   615  C  C   . PRO A 1 81 ? -7.738  3.957   -8.861  1.00 17.86 ? 81  PRO A C   1 
ATOM   616  O  O   . PRO A 1 81 ? -8.563  4.870   -8.819  1.00 18.54 ? 81  PRO A O   1 
ATOM   617  C  CB  . PRO A 1 81 ? -8.842  1.749   -8.226  1.00 17.58 ? 81  PRO A CB  1 
ATOM   618  C  CG  . PRO A 1 81 ? -7.803  0.709   -7.884  1.00 18.83 ? 81  PRO A CG  1 
ATOM   619  C  CD  . PRO A 1 81 ? -7.052  0.482   -9.179  1.00 16.66 ? 81  PRO A CD  1 
ATOM   620  N  N   . VAL A 1 82 ? -6.457  4.169   -8.531  1.00 16.42 ? 82  VAL A N   1 
ATOM   621  C  CA  . VAL A 1 82 ? -6.004  5.466   -8.033  1.00 14.94 ? 82  VAL A CA  1 
ATOM   622  C  C   . VAL A 1 82 ? -4.528  5.543   -8.339  1.00 12.00 ? 82  VAL A C   1 
ATOM   623  O  O   . VAL A 1 82 ? -3.851  4.554   -8.573  1.00 11.58 ? 82  VAL A O   1 
ATOM   624  C  CB  . VAL A 1 82 ? -6.360  5.556   -6.476  1.00 12.02 ? 82  VAL A CB  1 
ATOM   625  C  CG1 . VAL A 1 82 ? -5.481  4.626   -5.678  1.00 14.40 ? 82  VAL A CG1 1 
ATOM   626  C  CG2 . VAL A 1 82 ? -6.141  6.942   -5.926  1.00 17.12 ? 82  VAL A CG2 1 
ATOM   627  N  N   . ASN A 1 83 ? -4.046  6.764   -8.415  1.00 12.81 ? 83  ASN A N   1 
ATOM   628  C  CA  . ASN A 1 83 ? -2.619  7.060   -8.603  1.00 12.15 ? 83  ASN A CA  1 
ATOM   629  C  C   . ASN A 1 83 ? -1.850  6.596   -7.340  1.00 12.42 ? 83  ASN A C   1 
ATOM   630  O  O   . ASN A 1 83 ? -2.198  6.941   -6.191  1.00 12.67 ? 83  ASN A O   1 
ATOM   631  C  CB  . ASN A 1 83 ? -2.428  8.571   -8.793  1.00 12.67 ? 83  ASN A CB  1 
ATOM   632  C  CG  . ASN A 1 83 ? -3.015  9.152   -10.083 1.00 15.27 ? 83  ASN A CG  1 
ATOM   633  O  OD1 . ASN A 1 83 ? -2.920  8.548   -11.145 1.00 18.22 ? 83  ASN A OD1 1 
ATOM   634  N  ND2 . ASN A 1 83 ? -3.610  10.341  -10.059 1.00 11.19 ? 83  ASN A ND2 1 
ATOM   635  N  N   . ILE A 1 84 ? -0.798  5.819   -7.498  1.00 10.69 ? 84  ILE A N   1 
ATOM   636  C  CA  . ILE A 1 84 ? -0.128  5.230   -6.378  1.00 12.15 ? 84  ILE A CA  1 
ATOM   637  C  C   . ILE A 1 84 ? 1.343   5.515   -6.515  1.00 11.95 ? 84  ILE A C   1 
ATOM   638  O  O   . ILE A 1 84 ? 1.918   5.139   -7.530  1.00 11.72 ? 84  ILE A O   1 
ATOM   639  C  CB  . ILE A 1 84 ? -0.424  3.697   -6.378  1.00 12.13 ? 84  ILE A CB  1 
ATOM   640  C  CG1 . ILE A 1 84 ? -1.884  3.463   -5.904  1.00 12.52 ? 84  ILE A CG1 1 
ATOM   641  C  CG2 . ILE A 1 84 ? 0.564   2.966   -5.466  1.00 15.80 ? 84  ILE A CG2 1 
ATOM   642  C  CD1 . ILE A 1 84 ? -2.475  2.062   -6.149  1.00 15.46 ? 84  ILE A CD1 1 
ATOM   643  N  N   . ILE A 1 85 ? 1.966   6.122   -5.507  1.00 11.27 ? 85  ILE A N   1 
ATOM   644  C  CA  . ILE A 1 85 ? 3.413   6.343   -5.461  1.00 11.65 ? 85  ILE A CA  1 
ATOM   645  C  C   . ILE A 1 85 ? 3.951   5.135   -4.673  1.00 10.96 ? 85  ILE A C   1 
ATOM   646  O  O   . ILE A 1 85 ? 3.630   5.025   -3.489  1.00 10.45 ? 85  ILE A O   1 
ATOM   647  C  CB  . ILE A 1 85 ? 3.730   7.728   -4.729  1.00 12.94 ? 85  ILE A CB  1 
ATOM   648  C  CG1 . ILE A 1 85 ? 3.164   8.930   -5.518  1.00 13.77 ? 85  ILE A CG1 1 
ATOM   649  C  CG2 . ILE A 1 85 ? 5.237   7.910   -4.588  1.00 15.44 ? 85  ILE A CG2 1 
ATOM   650  C  CD1 . ILE A 1 85 ? 3.449   8.929   -7.063  1.00 11.64 ? 85  ILE A CD1 1 
ATOM   651  N  N   . GLY A 1 86 ? 4.734   4.236   -5.280  1.00 10.51 ? 86  GLY A N   1 
ATOM   652  C  CA  . GLY A 1 86 ? 5.233   3.058   -4.582  1.00 12.03 ? 86  GLY A CA  1 
ATOM   653  C  C   . GLY A 1 86 ? 6.629   3.269   -4.054  1.00 11.63 ? 86  GLY A C   1 
ATOM   654  O  O   . GLY A 1 86 ? 7.195   4.376   -4.157  1.00 13.36 ? 86  GLY A O   1 
ATOM   655  N  N   . ARG A 1 87 ? 7.315   2.233   -3.576  1.00 10.42 ? 87  ARG A N   1 
ATOM   656  C  CA  . ARG A 1 87 ? 8.639   2.382   -2.966  1.00 10.85 ? 87  ARG A CA  1 
ATOM   657  C  C   . ARG A 1 87 ? 9.714   2.873   -3.897  1.00 11.18 ? 87  ARG A C   1 
ATOM   658  O  O   . ARG A 1 87 ? 10.618  3.565   -3.426  1.00 11.81 ? 87  ARG A O   1 
ATOM   659  C  CB  . ARG A 1 87 ? 9.061   1.039   -2.366  1.00 11.89 ? 87  ARG A CB  1 
ATOM   660  C  CG  . ARG A 1 87 ? 8.198   0.537   -1.150  1.00 11.58 ? 87  ARG A CG  1 
ATOM   661  C  CD  . ARG A 1 87 ? 8.253   -0.945  -0.946  1.00 16.97 ? 87  ARG A CD  1 
ATOM   662  N  NE  . ARG A 1 87 ? 9.641   -1.205  -1.079  1.00 27.48 ? 87  ARG A NE  1 
ATOM   663  C  CZ  . ARG A 1 87 ? 10.189  -1.980  -1.995  1.00 20.62 ? 87  ARG A CZ  1 
ATOM   664  N  NH1 . ARG A 1 87 ? 9.624   -2.981  -2.684  1.00 22.92 ? 87  ARG A NH1 1 
ATOM   665  N  NH2 . ARG A 1 87 ? 11.450  -1.712  -2.081  1.00 20.78 ? 87  ARG A NH2 1 
ATOM   666  N  N   . ASN A 1 88 ? 9.703   2.609   -5.218  1.00 13.06 ? 88  ASN A N   1 
ATOM   667  C  CA  . ASN A 1 88 ? 10.768  3.128   -6.071  1.00 13.15 ? 88  ASN A CA  1 
ATOM   668  C  C   . ASN A 1 88 ? 10.923  4.644   -6.025  1.00 13.47 ? 88  ASN A C   1 
ATOM   669  O  O   . ASN A 1 88 ? 12.053  5.157   -6.097  1.00 13.67 ? 88  ASN A O   1 
ATOM   670  C  CB  . ASN A 1 88 ? 10.528  2.640   -7.512  1.00 17.36 ? 88  ASN A CB  1 
ATOM   671  C  CG  . ASN A 1 88 ? 9.414   3.361   -8.233  1.00 16.94 ? 88  ASN A CG  1 
ATOM   672  O  OD1 . ASN A 1 88 ? 8.277   3.401   -7.771  1.00 11.33 ? 88  ASN A OD1 1 
ATOM   673  N  ND2 . ASN A 1 88 ? 9.749   3.928   -9.384  1.00 15.05 ? 88  ASN A ND2 1 
ATOM   674  N  N   . LEU A 1 89 ? 9.839   5.381   -5.783  1.00 13.36 ? 89  LEU A N   1 
ATOM   675  C  CA  . LEU A 1 89 ? 9.945   6.818   -5.650  1.00 13.52 ? 89  LEU A CA  1 
ATOM   676  C  C   . LEU A 1 89 ? 9.853   7.219   -4.209  1.00 14.10 ? 89  LEU A C   1 
ATOM   677  O  O   . LEU A 1 89 ? 10.439  8.243   -3.875  1.00 14.84 ? 89  LEU A O   1 
ATOM   678  C  CB  . LEU A 1 89 ? 8.850   7.531   -6.441  1.00 12.63 ? 89  LEU A CB  1 
ATOM   679  C  CG  . LEU A 1 89 ? 8.848   7.296   -7.965  1.00 15.18 ? 89  LEU A CG  1 
ATOM   680  C  CD1 . LEU A 1 89 ? 7.739   8.143   -8.530  1.00 12.10 ? 89  LEU A CD1 1 
ATOM   681  C  CD2 . LEU A 1 89 ? 10.200  7.633   -8.614  1.00 12.62 ? 89  LEU A CD2 1 
ATOM   682  N  N   . LEU A 1 90 ? 9.216   6.476   -3.292  1.00 14.32 ? 90  LEU A N   1 
ATOM   683  C  CA  . LEU A 1 90 ? 9.215   6.895   -1.892  1.00 15.22 ? 90  LEU A CA  1 
ATOM   684  C  C   . LEU A 1 90 ? 10.664  6.865   -1.338  1.00 14.82 ? 90  LEU A C   1 
ATOM   685  O  O   . LEU A 1 90 ? 11.073  7.785   -0.605  1.00 15.03 ? 90  LEU A O   1 
ATOM   686  C  CB  . LEU A 1 90 ? 8.327   5.975   -1.078  1.00 15.67 ? 90  LEU A CB  1 
ATOM   687  C  CG  . LEU A 1 90 ? 6.805   5.946   -1.312  1.00 18.21 ? 90  LEU A CG  1 
ATOM   688  C  CD1 . LEU A 1 90 ? 6.224   4.796   -0.510  1.00 20.43 ? 90  LEU A CD1 1 
ATOM   689  C  CD2 . LEU A 1 90 ? 6.170   7.258   -0.940  1.00 19.04 ? 90  LEU A CD2 1 
ATOM   690  N  N   . THR A 1 91 ? 11.498  5.897   -1.746  1.00 13.94 ? 91  THR A N   1 
ATOM   691  C  CA  . THR A 1 91 ? 12.907  5.856   -1.314  1.00 14.07 ? 91  THR A CA  1 
ATOM   692  C  C   . THR A 1 91 ? 13.680  7.070   -1.759  1.00 12.25 ? 91  THR A C   1 
ATOM   693  O  O   . THR A 1 91 ? 14.401  7.629   -0.925  1.00 10.33 ? 91  THR A O   1 
ATOM   694  C  CB  . THR A 1 91 ? 13.637  4.636   -1.851  1.00 16.82 ? 91  THR A CB  1 
ATOM   695  O  OG1 . THR A 1 91 ? 13.442  4.619   -3.274  1.00 21.95 ? 91  THR A OG1 1 
ATOM   696  C  CG2 . THR A 1 91 ? 13.132  3.380   -1.228  1.00 14.99 ? 91  THR A CG2 1 
ATOM   697  N  N   . GLN A 1 92 ? 13.422  7.505   -3.017  1.00 11.58 ? 92  GLN A N   1 
ATOM   698  C  CA  . GLN A 1 92 ? 14.082  8.681   -3.575  1.00 12.71 ? 92  GLN A CA  1 
ATOM   699  C  C   . GLN A 1 92 ? 13.786  9.948   -2.841  1.00 14.71 ? 92  GLN A C   1 
ATOM   700  O  O   . GLN A 1 92 ? 14.686  10.777  -2.801  1.00 16.42 ? 92  GLN A O   1 
ATOM   701  C  CB  . GLN A 1 92 ? 13.715  8.938   -5.011  1.00 11.24 ? 92  GLN A CB  1 
ATOM   702  C  CG  . GLN A 1 92 ? 14.359  7.904   -5.958  1.00 10.63 ? 92  GLN A CG  1 
ATOM   703  C  CD  . GLN A 1 92 ? 14.251  8.313   -7.415  1.00 11.97 ? 92  GLN A CD  1 
ATOM   704  O  OE1 . GLN A 1 92 ? 14.266  9.495   -7.766  1.00 14.37 ? 92  GLN A OE1 1 
ATOM   705  N  NE2 . GLN A 1 92 ? 14.166  7.373   -8.338  1.00 13.50 ? 92  GLN A NE2 1 
ATOM   706  N  N   . ILE A 1 93 ? 12.578  10.155  -2.253  1.00 14.78 ? 93  ILE A N   1 
ATOM   707  C  CA  . ILE A 1 93 ? 12.292  11.380  -1.514  1.00 14.91 ? 93  ILE A CA  1 
ATOM   708  C  C   . ILE A 1 93 ? 12.626  11.211  -0.045  1.00 14.52 ? 93  ILE A C   1 
ATOM   709  O  O   . ILE A 1 93 ? 12.353  12.108  0.730   1.00 17.18 ? 93  ILE A O   1 
ATOM   710  C  CB  . ILE A 1 93 ? 10.785  11.848  -1.654  1.00 12.19 ? 93  ILE A CB  1 
ATOM   711  C  CG1 . ILE A 1 93 ? 9.787   10.873  -1.081  1.00 15.24 ? 93  ILE A CG1 1 
ATOM   712  C  CG2 . ILE A 1 93 ? 10.497  12.014  -3.157  1.00 13.12 ? 93  ILE A CG2 1 
ATOM   713  C  CD1 . ILE A 1 93 ? 8.327   11.383  -1.028  1.00 14.63 ? 93  ILE A CD1 1 
ATOM   714  N  N   . GLY A 1 94 ? 13.178  10.083  0.395   1.00 16.77 ? 94  GLY A N   1 
ATOM   715  C  CA  . GLY A 1 94 ? 13.644  9.885   1.776   1.00 15.98 ? 94  GLY A CA  1 
ATOM   716  C  C   . GLY A 1 94 ? 12.570  9.496   2.766   1.00 16.76 ? 94  GLY A C   1 
ATOM   717  O  O   . GLY A 1 94 ? 12.698  9.710   3.968   1.00 18.29 ? 94  GLY A O   1 
ATOM   718  N  N   . CYS A 1 95 ? 11.554  8.842   2.252   1.00 15.64 ? 95  CYS A N   1 
ATOM   719  C  CA  . CYS A 1 95 ? 10.379  8.508   3.032   1.00 17.31 ? 95  CYS A CA  1 
ATOM   720  C  C   . CYS A 1 95 ? 10.638  7.321   3.947   1.00 17.60 ? 95  CYS A C   1 
ATOM   721  O  O   . CYS A 1 95 ? 11.269  6.369   3.439   1.00 20.83 ? 95  CYS A O   1 
ATOM   722  C  CB  . CYS A 1 95 ? 9.303   8.243   2.022   1.00 18.90 ? 95  CYS A CB  1 
ATOM   723  S  SG  . CYS A 1 95 ? 7.732   8.143   2.836   1.00 25.45 ? 95  CYS A SG  1 
ATOM   724  N  N   . THR A 1 96 ? 10.317  7.353   5.253   1.00 16.15 ? 96  THR A N   1 
ATOM   725  C  CA  . THR A 1 96 ? 10.424  6.156   6.083   1.00 16.10 ? 96  THR A CA  1 
ATOM   726  C  C   . THR A 1 96 ? 9.138   5.941   6.895   1.00 15.80 ? 96  THR A C   1 
ATOM   727  O  O   . THR A 1 96 ? 8.386   6.885   7.112   1.00 14.28 ? 96  THR A O   1 
ATOM   728  C  CB  . THR A 1 96 ? 11.637  6.274   7.031   1.00 14.25 ? 96  THR A CB  1 
ATOM   729  O  OG1 . THR A 1 96 ? 11.496  7.441   7.820   1.00 13.84 ? 96  THR A OG1 1 
ATOM   730  C  CG2 . THR A 1 96 ? 12.937  6.305   6.272   1.00 13.17 ? 96  THR A CG2 1 
ATOM   731  N  N   . LEU A 1 97 ? 8.858   4.745   7.398   1.00 16.68 ? 97  LEU A N   1 
ATOM   732  C  CA  . LEU A 1 97 ? 7.756   4.466   8.340   1.00 17.72 ? 97  LEU A CA  1 
ATOM   733  C  C   . LEU A 1 97 ? 8.340   4.506   9.750   1.00 18.30 ? 97  LEU A C   1 
ATOM   734  O  O   . LEU A 1 97 ? 9.455   4.009   9.971   1.00 17.68 ? 97  LEU A O   1 
ATOM   735  C  CB  . LEU A 1 97 ? 7.150   3.060   8.139   1.00 18.31 ? 97  LEU A CB  1 
ATOM   736  C  CG  . LEU A 1 97 ? 6.236   2.804   6.981   1.00 21.07 ? 97  LEU A CG  1 
ATOM   737  C  CD1 . LEU A 1 97 ? 6.024   1.324   6.805   1.00 16.21 ? 97  LEU A CD1 1 
ATOM   738  C  CD2 . LEU A 1 97 ? 4.933   3.546   7.230   1.00 21.17 ? 97  LEU A CD2 1 
ATOM   739  N  N   . ASN A 1 98 ? 7.638   5.088   10.703  1.00 17.99 ? 98  ASN A N   1 
ATOM   740  C  CA  . ASN A 1 98 ? 8.183   5.252   12.027  1.00 18.97 ? 98  ASN A CA  1 
ATOM   741  C  C   . ASN A 1 98 ? 7.139   4.940   13.088  1.00 19.41 ? 98  ASN A C   1 
ATOM   742  O  O   . ASN A 1 98 ? 5.993   5.368   12.912  1.00 18.57 ? 98  ASN A O   1 
ATOM   743  C  CB  . ASN A 1 98 ? 8.657   6.676   12.174  1.00 21.48 ? 98  ASN A CB  1 
ATOM   744  C  CG  . ASN A 1 98 ? 9.948   6.958   11.411  1.00 23.52 ? 98  ASN A CG  1 
ATOM   745  O  OD1 . ASN A 1 98 ? 11.039  6.739   11.924  1.00 26.97 ? 98  ASN A OD1 1 
ATOM   746  N  ND2 . ASN A 1 98 ? 9.908   7.495   10.188  1.00 21.51 ? 98  ASN A ND2 1 
ATOM   747  N  N   . PHE A 1 99 ? 7.487   4.170   14.134  1.00 19.57 ? 99  PHE A N   1 
ATOM   748  C  CA  . PHE A 1 99 ? 6.619   3.846   15.271  1.00 21.70 ? 99  PHE A CA  1 
ATOM   749  C  C   . PHE A 1 99 ? 7.413   3.270   16.437  1.00 24.38 ? 99  PHE A C   1 
ATOM   750  O  O   . PHE A 1 99 ? 6.857   3.009   17.505  1.00 27.27 ? 99  PHE A O   1 
ATOM   751  C  CB  . PHE A 1 99 ? 5.526   2.811   14.923  1.00 19.51 ? 99  PHE A CB  1 
ATOM   752  C  CG  . PHE A 1 99 ? 6.022   1.467   14.446  1.00 21.18 ? 99  PHE A CG  1 
ATOM   753  C  CD1 . PHE A 1 99 ? 6.390   1.322   13.133  1.00 19.75 ? 99  PHE A CD1 1 
ATOM   754  C  CD2 . PHE A 1 99 ? 6.021   0.397   15.316  1.00 21.05 ? 99  PHE A CD2 1 
ATOM   755  C  CE1 . PHE A 1 99 ? 6.758   0.091   12.679  1.00 25.82 ? 99  PHE A CE1 1 
ATOM   756  C  CE2 . PHE A 1 99 ? 6.391   -0.846  14.860  1.00 25.42 ? 99  PHE A CE2 1 
ATOM   757  C  CZ  . PHE A 1 99 ? 6.756   -0.992  13.539  1.00 27.95 ? 99  PHE A CZ  1 
ATOM   758  O  OXT . PHE A 1 99 ? 8.601   3.035   16.270  1.00 26.62 ? 99  PHE A OXT 1 
ATOM   759  N  N   . PRO B 1 1  ? 10.454  1.371   15.754  1.00 31.79 ? 1   PRO B N   1 
ATOM   760  C  CA  . PRO B 1 1  ? 11.682  1.456   15.011  1.00 31.52 ? 1   PRO B CA  1 
ATOM   761  C  C   . PRO B 1 1  ? 11.416  2.382   13.787  1.00 30.77 ? 1   PRO B C   1 
ATOM   762  O  O   . PRO B 1 1  ? 10.306  2.914   13.627  1.00 29.17 ? 1   PRO B O   1 
ATOM   763  C  CB  . PRO B 1 1  ? 12.001  -0.003  14.668  1.00 33.28 ? 1   PRO B CB  1 
ATOM   764  C  CG  . PRO B 1 1  ? 10.637  -0.658  14.483  1.00 32.11 ? 1   PRO B CG  1 
ATOM   765  C  CD  . PRO B 1 1  ? 9.888   0.035   15.616  1.00 32.57 ? 1   PRO B CD  1 
ATOM   766  N  N   . GLN B 1 2  ? 12.444  2.609   12.955  1.00 29.43 ? 2   GLN B N   1 
ATOM   767  C  CA  . GLN B 1 2  ? 12.314  3.392   11.741  1.00 28.24 ? 2   GLN B CA  1 
ATOM   768  C  C   . GLN B 1 2  ? 12.550  2.390   10.622  1.00 25.69 ? 2   GLN B C   1 
ATOM   769  O  O   . GLN B 1 2  ? 13.559  1.683   10.666  1.00 26.07 ? 2   GLN B O   1 
ATOM   770  C  CB  . GLN B 1 2  ? 13.366  4.496   11.667  1.00 29.09 ? 2   GLN B CB  1 
ATOM   771  C  CG  . GLN B 1 2  ? 13.221  5.236   10.344  1.00 32.82 ? 2   GLN B CG  1 
ATOM   772  C  CD  . GLN B 1 2  ? 14.036  6.501   10.282  1.00 37.48 ? 2   GLN B CD  1 
ATOM   773  O  OE1 . GLN B 1 2  ? 13.580  7.600   10.569  1.00 37.05 ? 2   GLN B OE1 1 
ATOM   774  N  NE2 . GLN B 1 2  ? 15.302  6.332   9.904   1.00 40.30 ? 2   GLN B NE2 1 
ATOM   775  N  N   . ILE B 1 3  ? 11.607  2.290   9.671   1.00 22.67 ? 3   ILE B N   1 
ATOM   776  C  CA  . ILE B 1 3  ? 11.688  1.371   8.560   1.00 20.15 ? 3   ILE B CA  1 
ATOM   777  C  C   . ILE B 1 3  ? 11.888  2.095   7.226   1.00 20.25 ? 3   ILE B C   1 
ATOM   778  O  O   . ILE B 1 3  ? 11.072  2.949   6.856   1.00 17.84 ? 3   ILE B O   1 
ATOM   779  C  CB  . ILE B 1 3  ? 10.402  0.530   8.584   1.00 21.30 ? 3   ILE B CB  1 
ATOM   780  C  CG1 . ILE B 1 3  ? 10.275  -0.154  9.955   1.00 22.22 ? 3   ILE B CG1 1 
ATOM   781  C  CG2 . ILE B 1 3  ? 10.435  -0.526  7.469   1.00 18.84 ? 3   ILE B CG2 1 
ATOM   782  C  CD1 . ILE B 1 3  ? 9.160   -1.179  10.067  1.00 24.89 ? 3   ILE B CD1 1 
ATOM   783  N  N   . THR B 1 4  ? 13.031  1.842   6.567   1.00 20.04 ? 4   THR B N   1 
ATOM   784  C  CA  . THR B 1 4  ? 13.304  2.379   5.240   1.00 19.75 ? 4   THR B CA  1 
ATOM   785  C  C   . THR B 1 4  ? 12.615  1.467   4.242   1.00 19.28 ? 4   THR B C   1 
ATOM   786  O  O   . THR B 1 4  ? 12.264  0.323   4.531   1.00 21.26 ? 4   THR B O   1 
ATOM   787  C  CB  . THR B 1 4  ? 14.814  2.434   4.862   1.00 17.63 ? 4   THR B CB  1 
ATOM   788  O  OG1 . THR B 1 4  ? 15.445  1.152   4.968   1.00 22.08 ? 4   THR B OG1 1 
ATOM   789  C  CG2 . THR B 1 4  ? 15.485  3.443   5.774   1.00 23.85 ? 4   THR B CG2 1 
ATOM   790  N  N   . LEU B 1 5  ? 12.486  1.934   3.010   1.00 18.89 ? 5   LEU B N   1 
ATOM   791  C  CA  . LEU B 1 5  ? 11.687  1.275   1.985   1.00 16.26 ? 5   LEU B CA  1 
ATOM   792  C  C   . LEU B 1 5  ? 12.527  0.764   0.839   1.00 15.04 ? 5   LEU B C   1 
ATOM   793  O  O   . LEU B 1 5  ? 12.070  0.644   -0.303  1.00 14.70 ? 5   LEU B O   1 
ATOM   794  C  CB  . LEU B 1 5  ? 10.643  2.308   1.573   1.00 14.33 ? 5   LEU B CB  1 
ATOM   795  C  CG  . LEU B 1 5  ? 9.733   2.732   2.734   1.00 18.11 ? 5   LEU B CG  1 
ATOM   796  C  CD1 . LEU B 1 5  ? 8.836   3.860   2.348   1.00 17.10 ? 5   LEU B CD1 1 
ATOM   797  C  CD2 . LEU B 1 5  ? 9.009   1.466   3.218   1.00 15.52 ? 5   LEU B CD2 1 
ATOM   798  N  N   . TRP B 1 6  ? 13.803  0.437   1.122   1.00 15.64 ? 6   TRP B N   1 
ATOM   799  C  CA  . TRP B 1 6  ? 14.660  -0.192  0.099   1.00 15.93 ? 6   TRP B CA  1 
ATOM   800  C  C   . TRP B 1 6  ? 14.086  -1.577  -0.183  1.00 14.74 ? 6   TRP B C   1 
ATOM   801  O  O   . TRP B 1 6  ? 14.156  -2.099  -1.283  1.00 16.51 ? 6   TRP B O   1 
ATOM   802  C  CB  . TRP B 1 6  ? 16.089  -0.376  0.579   1.00 12.14 ? 6   TRP B CB  1 
ATOM   803  C  CG  . TRP B 1 6  ? 16.826  0.927   0.930   1.00 20.07 ? 6   TRP B CG  1 
ATOM   804  C  CD1 . TRP B 1 6  ? 17.149  1.250   2.238   1.00 21.29 ? 6   TRP B CD1 1 
ATOM   805  C  CD2 . TRP B 1 6  ? 17.270  1.871   0.037   1.00 18.89 ? 6   TRP B CD2 1 
ATOM   806  N  NE1 . TRP B 1 6  ? 17.790  2.381   2.168   1.00 21.06 ? 6   TRP B NE1 1 
ATOM   807  C  CE2 . TRP B 1 6  ? 17.885  2.789   0.886   1.00 20.75 ? 6   TRP B CE2 1 
ATOM   808  C  CE3 . TRP B 1 6  ? 17.249  2.059   -1.336  1.00 19.67 ? 6   TRP B CE3 1 
ATOM   809  C  CZ2 . TRP B 1 6  ? 18.498  3.925   0.380   1.00 19.56 ? 6   TRP B CZ2 1 
ATOM   810  C  CZ3 . TRP B 1 6  ? 17.872  3.196   -1.829  1.00 22.95 ? 6   TRP B CZ3 1 
ATOM   811  C  CH2 . TRP B 1 6  ? 18.488  4.118   -0.984  1.00 19.40 ? 6   TRP B CH2 1 
ATOM   812  N  N   . LYS B 1 7  ? 13.469  -2.219  0.802   1.00 15.32 ? 7   LYS B N   1 
ATOM   813  C  CA  . LYS B 1 7  ? 12.830  -3.506  0.625   1.00 14.14 ? 7   LYS B CA  1 
ATOM   814  C  C   . LYS B 1 7  ? 11.378  -3.353  1.075   1.00 11.49 ? 7   LYS B C   1 
ATOM   815  O  O   . LYS B 1 7  ? 11.000  -2.386  1.730   1.00 9.49  ? 7   LYS B O   1 
ATOM   816  C  CB  . LYS B 1 7  ? 13.486  -4.540  1.503   1.00 20.32 ? 7   LYS B CB  1 
ATOM   817  C  CG  . LYS B 1 7  ? 14.953  -4.864  1.189   1.00 28.59 ? 7   LYS B CG  1 
ATOM   818  C  CD  . LYS B 1 7  ? 15.732  -4.894  2.523   1.00 41.53 ? 7   LYS B CD  1 
ATOM   819  C  CE  . LYS B 1 7  ? 15.304  -6.018  3.502   1.00 47.11 ? 7   LYS B CE  1 
ATOM   820  N  NZ  . LYS B 1 7  ? 15.896  -5.871  4.831   1.00 45.98 ? 7   LYS B NZ  1 
ATOM   821  N  N   . ARG B 1 8  ? 10.572  -4.369  0.782   1.00 11.10 ? 8   ARG B N   1 
ATOM   822  C  CA  . ARG B 1 8  ? 9.177   -4.415  1.246   1.00 11.47 ? 8   ARG B CA  1 
ATOM   823  C  C   . ARG B 1 8  ? 9.158   -4.307  2.766   1.00 12.02 ? 8   ARG B C   1 
ATOM   824  O  O   . ARG B 1 8  ? 9.989   -4.961  3.435   1.00 12.02 ? 8   ARG B O   1 
ATOM   825  C  CB  . ARG B 1 8  ? 8.562   -5.715  0.823   1.00 8.80  ? 8   ARG B CB  1 
ATOM   826  C  CG  . ARG B 1 8  ? 8.255   -5.707  -0.667  1.00 11.40 ? 8   ARG B CG  1 
ATOM   827  C  CD  . ARG B 1 8  ? 7.758   -7.028  -1.044  1.00 11.23 ? 8   ARG B CD  1 
ATOM   828  N  NE  . ARG B 1 8  ? 7.455   -7.016  -2.456  1.00 20.78 ? 8   ARG B NE  1 
ATOM   829  C  CZ  . ARG B 1 8  ? 7.195   -8.147  -3.140  1.00 29.40 ? 8   ARG B CZ  1 
ATOM   830  N  NH1 . ARG B 1 8  ? 7.277   -9.340  -2.530  1.00 32.44 ? 8   ARG B NH1 1 
ATOM   831  N  NH2 . ARG B 1 8  ? 6.869   -8.094  -4.457  1.00 28.80 ? 8   ARG B NH2 1 
ATOM   832  N  N   . PRO B 1 9  ? 8.343   -3.473  3.403   1.00 12.42 ? 9   PRO B N   1 
ATOM   833  C  CA  . PRO B 1 9  ? 8.290   -3.414  4.871   1.00 14.22 ? 9   PRO B CA  1 
ATOM   834  C  C   . PRO B 1 9  ? 7.542   -4.602  5.546   1.00 14.17 ? 9   PRO B C   1 
ATOM   835  O  O   . PRO B 1 9  ? 6.465   -4.481  6.097   1.00 15.38 ? 9   PRO B O   1 
ATOM   836  C  CB  . PRO B 1 9  ? 7.688   -2.008  5.142   1.00 13.53 ? 9   PRO B CB  1 
ATOM   837  C  CG  . PRO B 1 9  ? 6.814   -1.826  3.920   1.00 13.56 ? 9   PRO B CG  1 
ATOM   838  C  CD  . PRO B 1 9  ? 7.546   -2.421  2.762   1.00 10.84 ? 9   PRO B CD  1 
ATOM   839  N  N   . LEU B 1 10 ? 8.119   -5.793  5.524   1.00 16.02 ? 10  LEU B N   1 
ATOM   840  C  CA  . LEU B 1 10 ? 7.521   -6.964  6.132   1.00 17.96 ? 10  LEU B CA  1 
ATOM   841  C  C   . LEU B 1 10 ? 8.056   -7.008  7.541   1.00 18.52 ? 10  LEU B C   1 
ATOM   842  O  O   . LEU B 1 10 ? 9.249   -6.828  7.758   1.00 19.34 ? 10  LEU B O   1 
ATOM   843  C  CB  . LEU B 1 10 ? 7.902   -8.259  5.369   1.00 17.47 ? 10  LEU B CB  1 
ATOM   844  C  CG  . LEU B 1 10 ? 7.285   -8.372  3.974   1.00 17.67 ? 10  LEU B CG  1 
ATOM   845  C  CD1 . LEU B 1 10 ? 8.231   -9.190  3.143   1.00 20.97 ? 10  LEU B CD1 1 
ATOM   846  C  CD2 . LEU B 1 10 ? 5.943   -9.051  3.972   1.00 18.38 ? 10  LEU B CD2 1 
ATOM   847  N  N   . VAL B 1 11 ? 7.134   -7.206  8.460   1.00 17.68 ? 11  VAL B N   1 
ATOM   848  C  CA  . VAL B 1 11 ? 7.321   -7.193  9.888   1.00 16.28 ? 11  VAL B CA  1 
ATOM   849  C  C   . VAL B 1 11 ? 6.727   -8.507  10.420  1.00 16.65 ? 11  VAL B C   1 
ATOM   850  O  O   . VAL B 1 11 ? 5.939   -9.182  9.765   1.00 15.72 ? 11  VAL B O   1 
ATOM   851  C  CB  . VAL B 1 11 ? 6.608   -5.870  10.144  1.00 18.63 ? 11  VAL B CB  1 
ATOM   852  C  CG1 . VAL B 1 11 ? 5.367   -6.088  10.955  1.00 16.46 ? 11  VAL B CG1 1 
ATOM   853  C  CG2 . VAL B 1 11 ? 7.642   -4.890  10.599  1.00 14.74 ? 11  VAL B CG2 1 
ATOM   854  N  N   . THR B 1 12 ? 7.039   -8.917  11.614  1.00 17.02 ? 12  THR B N   1 
ATOM   855  C  CA  . THR B 1 12 ? 6.418   -10.066 12.215  1.00 19.25 ? 12  THR B CA  1 
ATOM   856  C  C   . THR B 1 12 ? 5.112   -9.693  12.977  1.00 18.42 ? 12  THR B C   1 
ATOM   857  O  O   . THR B 1 12 ? 5.043   -8.670  13.693  1.00 16.81 ? 12  THR B O   1 
ATOM   858  C  CB  . THR B 1 12 ? 7.587   -10.685 13.067  1.00 18.91 ? 12  THR B CB  1 
ATOM   859  O  OG1 . THR B 1 12 ? 7.976   -11.794 12.289  1.00 24.05 ? 12  THR B OG1 1 
ATOM   860  C  CG2 . THR B 1 12 ? 7.260   -11.082 14.493  1.00 25.05 ? 12  THR B CG2 1 
ATOM   861  N  N   . ILE B 1 13 ? 4.004   -10.448 12.793  1.00 18.65 ? 13  ILE B N   1 
ATOM   862  C  CA  . ILE B 1 13 ? 2.754   -10.245 13.560  1.00 18.08 ? 13  ILE B CA  1 
ATOM   863  C  C   . ILE B 1 13 ? 2.353   -11.564 14.232  1.00 18.13 ? 13  ILE B C   1 
ATOM   864  O  O   . ILE B 1 13 ? 2.671   -12.653 13.742  1.00 17.11 ? 13  ILE B O   1 
ATOM   865  C  CB  . ILE B 1 13 ? 1.467   -9.839  12.734  1.00 18.00 ? 13  ILE B CB  1 
ATOM   866  C  CG1 . ILE B 1 13 ? 1.008   -10.948 11.758  1.00 14.75 ? 13  ILE B CG1 1 
ATOM   867  C  CG2 . ILE B 1 13 ? 1.781   -8.547  12.039  1.00 17.81 ? 13  ILE B CG2 1 
ATOM   868  C  CD1 . ILE B 1 13 ? -0.289  -10.571 11.032  1.00 19.37 ? 13  ILE B CD1 1 
ATOM   869  N  N   . ARG B 1 14 ? 1.568   -11.477 15.314  1.00 18.31 ? 14  ARG B N   1 
ATOM   870  C  CA  . ARG B 1 14 ? 1.078   -12.645 16.036  1.00 18.68 ? 14  ARG B CA  1 
ATOM   871  C  C   . ARG B 1 14 ? -0.434  -12.489 16.238  1.00 17.74 ? 14  ARG B C   1 
ATOM   872  O  O   . ARG B 1 14 ? -0.865  -11.428 16.672  1.00 16.43 ? 14  ARG B O   1 
ATOM   873  C  CB  . ARG B 1 14 ? 1.765   -12.752 17.410  1.00 20.42 ? 14  ARG B CB  1 
ATOM   874  C  CG  . ARG B 1 14 ? 3.300   -12.769 17.375  1.00 20.58 ? 14  ARG B CG  1 
ATOM   875  C  CD  . ARG B 1 14 ? 3.972   -12.839 18.763  1.00 23.70 ? 14  ARG B CD  1 
ATOM   876  N  NE  . ARG B 1 14 ? 5.397   -12.593 18.578  1.00 25.48 ? 14  ARG B NE  1 
ATOM   877  C  CZ  . ARG B 1 14 ? 6.246   -13.527 18.116  1.00 27.63 ? 14  ARG B CZ  1 
ATOM   878  N  NH1 . ARG B 1 14 ? 5.860   -14.813 17.969  1.00 24.97 ? 14  ARG B NH1 1 
ATOM   879  N  NH2 . ARG B 1 14 ? 7.513   -13.155 17.833  1.00 26.96 ? 14  ARG B NH2 1 
ATOM   880  N  N   . ILE B 1 15 ? -1.193  -13.508 15.837  1.00 18.56 ? 15  ILE B N   1 
ATOM   881  C  CA  . ILE B 1 15 ? -2.643  -13.513 15.928  1.00 21.10 ? 15  ILE B CA  1 
ATOM   882  C  C   . ILE B 1 15 ? -2.950  -14.900 16.438  1.00 22.32 ? 15  ILE B C   1 
ATOM   883  O  O   . ILE B 1 15 ? -2.614  -15.917 15.810  1.00 21.38 ? 15  ILE B O   1 
ATOM   884  C  CB  . ILE B 1 15 ? -3.418  -13.438 14.619  1.00 21.09 ? 15  ILE B CB  1 
ATOM   885  C  CG1 . ILE B 1 15 ? -2.738  -12.598 13.580  1.00 20.22 ? 15  ILE B CG1 1 
ATOM   886  C  CG2 . ILE B 1 15 ? -4.792  -12.944 14.961  1.00 19.52 ? 15  ILE B CG2 1 
ATOM   887  C  CD1 . ILE B 1 15 ? -2.269  -13.619 12.525  1.00 14.18 ? 15  ILE B CD1 1 
ATOM   888  N  N   . GLY B 1 16 ? -3.708  -15.018 17.515  1.00 24.58 ? 16  GLY B N   1 
ATOM   889  C  CA  . GLY B 1 16 ? -3.924  -16.309 18.139  1.00 27.71 ? 16  GLY B CA  1 
ATOM   890  C  C   . GLY B 1 16 ? -2.563  -16.567 18.752  1.00 28.30 ? 16  GLY B C   1 
ATOM   891  O  O   . GLY B 1 16 ? -1.956  -15.769 19.473  1.00 31.33 ? 16  GLY B O   1 
ATOM   892  N  N   . GLY B 1 17 ? -2.037  -17.703 18.437  1.00 28.29 ? 17  GLY B N   1 
ATOM   893  C  CA  . GLY B 1 17 ? -0.649  -17.867 18.798  1.00 28.20 ? 17  GLY B CA  1 
ATOM   894  C  C   . GLY B 1 17 ? 0.058   -18.107 17.481  1.00 27.56 ? 17  GLY B C   1 
ATOM   895  O  O   . GLY B 1 17 ? 0.972   -18.901 17.436  1.00 29.96 ? 17  GLY B O   1 
ATOM   896  N  N   . GLN B 1 18 ? -0.424  -17.599 16.349  1.00 26.30 ? 18  GLN B N   1 
ATOM   897  C  CA  . GLN B 1 18 ? 0.231   -17.849 15.092  1.00 24.81 ? 18  GLN B CA  1 
ATOM   898  C  C   . GLN B 1 18 ? 1.232   -16.752 14.800  1.00 22.62 ? 18  GLN B C   1 
ATOM   899  O  O   . GLN B 1 18 ? 0.894   -15.577 14.900  1.00 21.48 ? 18  GLN B O   1 
ATOM   900  C  CB  . GLN B 1 18 ? -0.798  -17.911 13.982  1.00 27.32 ? 18  GLN B CB  1 
ATOM   901  C  CG  . GLN B 1 18 ? -1.870  -18.956 14.177  1.00 32.49 ? 18  GLN B CG  1 
ATOM   902  C  CD  . GLN B 1 18 ? -1.325  -20.263 14.715  1.00 37.92 ? 18  GLN B CD  1 
ATOM   903  O  OE1 . GLN B 1 18 ? -0.460  -20.904 14.128  1.00 38.53 ? 18  GLN B OE1 1 
ATOM   904  N  NE2 . GLN B 1 18 ? -1.819  -20.673 15.885  1.00 40.04 ? 18  GLN B NE2 1 
ATOM   905  N  N   . LEU B 1 19 ? 2.463   -17.115 14.499  1.00 21.40 ? 19  LEU B N   1 
ATOM   906  C  CA  . LEU B 1 19 ? 3.479   -16.158 14.082  1.00 21.87 ? 19  LEU B CA  1 
ATOM   907  C  C   . LEU B 1 19 ? 3.351   -16.083 12.564  1.00 21.50 ? 19  LEU B C   1 
ATOM   908  O  O   . LEU B 1 19 ? 3.439   -17.134 11.890  1.00 19.95 ? 19  LEU B O   1 
ATOM   909  C  CB  . LEU B 1 19 ? 4.870   -16.658 14.507  1.00 21.24 ? 19  LEU B CB  1 
ATOM   910  C  CG  . LEU B 1 19 ? 6.165   -16.039 13.966  1.00 21.98 ? 19  LEU B CG  1 
ATOM   911  C  CD1 . LEU B 1 19 ? 6.156   -14.551 14.243  1.00 19.50 ? 19  LEU B CD1 1 
ATOM   912  C  CD2 . LEU B 1 19 ? 7.381   -16.674 14.639  1.00 22.78 ? 19  LEU B CD2 1 
ATOM   913  N  N   . LYS B 1 20 ? 3.102   -14.877 12.040  1.00 21.31 ? 20  LYS B N   1 
ATOM   914  C  CA  . LYS B 1 20 ? 2.948   -14.648 10.597  1.00 22.58 ? 20  LYS B CA  1 
ATOM   915  C  C   . LYS B 1 20 ? 3.814   -13.490 10.101  1.00 21.78 ? 20  LYS B C   1 
ATOM   916  O  O   . LYS B 1 20 ? 4.298   -12.751 10.941  1.00 23.22 ? 20  LYS B O   1 
ATOM   917  C  CB  . LYS B 1 20 ? 1.478   -14.325 10.252  1.00 22.38 ? 20  LYS B CB  1 
ATOM   918  C  CG  . LYS B 1 20 ? 0.390   -15.350 10.581  1.00 23.83 ? 20  LYS B CG  1 
ATOM   919  C  CD  . LYS B 1 20 ? 0.727   -16.599 9.851   1.00 28.85 ? 20  LYS B CD  1 
ATOM   920  C  CE  . LYS B 1 20 ? -0.196  -17.740 10.205  1.00 35.74 ? 20  LYS B CE  1 
ATOM   921  N  NZ  . LYS B 1 20 ? 0.535   -18.980 9.988   1.00 40.28 ? 20  LYS B NZ  1 
ATOM   922  N  N   . GLU B 1 21 ? 4.126   -13.283 8.826   1.00 21.58 ? 21  GLU B N   1 
ATOM   923  C  CA  . GLU B 1 21 ? 4.786   -12.050 8.405   1.00 23.07 ? 21  GLU B CA  1 
ATOM   924  C  C   . GLU B 1 21 ? 3.727   -11.262 7.612   1.00 19.86 ? 21  GLU B C   1 
ATOM   925  O  O   . GLU B 1 21 ? 2.824   -11.828 6.979   1.00 18.97 ? 21  GLU B O   1 
ATOM   926  C  CB  . GLU B 1 21 ? 6.011   -12.297 7.486   1.00 28.85 ? 21  GLU B CB  1 
ATOM   927  C  CG  . GLU B 1 21 ? 5.716   -12.893 6.082   1.00 43.42 ? 21  GLU B CG  1 
ATOM   928  C  CD  . GLU B 1 21 ? 6.792   -12.916 4.967   1.00 48.46 ? 21  GLU B CD  1 
ATOM   929  O  OE1 . GLU B 1 21 ? 7.979   -12.674 5.232   1.00 50.64 ? 21  GLU B OE1 1 
ATOM   930  O  OE2 . GLU B 1 21 ? 6.414   -13.173 3.819   1.00 48.91 ? 21  GLU B OE2 1 
ATOM   931  N  N   . ALA B 1 22 ? 3.845   -9.932  7.716   1.00 18.48 ? 22  ALA B N   1 
ATOM   932  C  CA  . ALA B 1 22 ? 2.915   -8.999  7.113   1.00 18.06 ? 22  ALA B CA  1 
ATOM   933  C  C   . ALA B 1 22 ? 3.554   -7.715  6.597   1.00 19.24 ? 22  ALA B C   1 
ATOM   934  O  O   . ALA B 1 22 ? 4.505   -7.178  7.174   1.00 17.71 ? 22  ALA B O   1 
ATOM   935  C  CB  . ALA B 1 22 ? 1.864   -8.560  8.102   1.00 16.29 ? 22  ALA B CB  1 
ATOM   936  N  N   . LEU B 1 23 ? 2.945   -7.221  5.521   1.00 17.45 ? 23  LEU B N   1 
ATOM   937  C  CA  . LEU B 1 23 ? 3.306   -6.011  4.815   1.00 16.10 ? 23  LEU B CA  1 
ATOM   938  C  C   . LEU B 1 23 ? 2.640   -4.802  5.445   1.00 14.46 ? 23  LEU B C   1 
ATOM   939  O  O   . LEU B 1 23 ? 1.408   -4.765  5.585   1.00 15.88 ? 23  LEU B O   1 
ATOM   940  C  CB  . LEU B 1 23 ? 2.868   -6.167  3.344   1.00 16.70 ? 23  LEU B CB  1 
ATOM   941  C  CG  . LEU B 1 23 ? 3.177   -5.044  2.372   1.00 15.95 ? 23  LEU B CG  1 
ATOM   942  C  CD1 . LEU B 1 23 ? 4.681   -4.794  2.325   1.00 14.78 ? 23  LEU B CD1 1 
ATOM   943  C  CD2 . LEU B 1 23 ? 2.665   -5.429  1.004   1.00 16.65 ? 23  LEU B CD2 1 
ATOM   944  N  N   . LEU B 1 24 ? 3.422   -3.794  5.814   1.00 14.27 ? 24  LEU B N   1 
ATOM   945  C  CA  . LEU B 1 24 ? 2.912   -2.538  6.331   1.00 13.74 ? 24  LEU B CA  1 
ATOM   946  C  C   . LEU B 1 24 ? 2.577   -1.704  5.111   1.00 15.56 ? 24  LEU B C   1 
ATOM   947  O  O   . LEU B 1 24 ? 3.430   -1.334  4.267   1.00 14.95 ? 24  LEU B O   1 
ATOM   948  C  CB  . LEU B 1 24 ? 3.978   -1.860  7.201   1.00 16.01 ? 24  LEU B CB  1 
ATOM   949  C  CG  . LEU B 1 24 ? 4.564   -2.627  8.410   1.00 15.61 ? 24  LEU B CG  1 
ATOM   950  C  CD1 . LEU B 1 24 ? 5.365   -1.633  9.233   1.00 16.11 ? 24  LEU B CD1 1 
ATOM   951  C  CD2 . LEU B 1 24 ? 3.491   -3.209  9.321   1.00 14.48 ? 24  LEU B CD2 1 
ATOM   952  N  N   . ASP B 1 25 ? 1.263   -1.444  5.041   1.00 15.19 ? 25  ASP B N   1 
ATOM   953  C  CA  . ASP B 1 25 ? 0.662   -0.855  3.851   1.00 12.99 ? 25  ASP B CA  1 
ATOM   954  C  C   . ASP B 1 25 ? -0.150  0.388   4.089   1.00 12.32 ? 25  ASP B C   1 
ATOM   955  O  O   . ASP B 1 25 ? -1.367  0.335   4.292   1.00 12.20 ? 25  ASP B O   1 
ATOM   956  C  CB  . ASP B 1 25 ? -0.223  -1.912  3.168   1.00 13.02 ? 25  ASP B CB  1 
ATOM   957  C  CG  . ASP B 1 25 ? -0.454  -1.716  1.663   1.00 14.28 ? 25  ASP B CG  1 
ATOM   958  O  OD1 . ASP B 1 25 ? -0.730  -0.616  1.212   1.00 13.73 ? 25  ASP B OD1 1 
ATOM   959  O  OD2 . ASP B 1 25 ? -0.337  -2.667  0.915   1.00 13.94 ? 25  ASP B OD2 1 
ATOM   960  N  N   . THR B 1 26 ? 0.493   1.533   3.926   1.00 12.98 ? 26  THR B N   1 
ATOM   961  C  CA  . THR B 1 26 ? -0.171  2.849   4.123   1.00 13.21 ? 26  THR B CA  1 
ATOM   962  C  C   . THR B 1 26 ? -1.252  3.151   3.094   1.00 14.37 ? 26  THR B C   1 
ATOM   963  O  O   . THR B 1 26 ? -2.104  3.986   3.309   1.00 15.99 ? 26  THR B O   1 
ATOM   964  C  CB  . THR B 1 26 ? 0.875   3.949   4.057   1.00 11.68 ? 26  THR B CB  1 
ATOM   965  O  OG1 . THR B 1 26 ? 1.536   3.787   2.804   1.00 12.97 ? 26  THR B OG1 1 
ATOM   966  C  CG2 . THR B 1 26 ? 1.919   3.809   5.159   1.00 7.46  ? 26  THR B CG2 1 
ATOM   967  N  N   . GLY B 1 27 ? -1.266  2.495   1.937   1.00 13.73 ? 27  GLY B N   1 
ATOM   968  C  CA  . GLY B 1 27 ? -2.317  2.698   0.978   1.00 16.13 ? 27  GLY B CA  1 
ATOM   969  C  C   . GLY B 1 27 ? -3.535  1.802   1.277   1.00 17.09 ? 27  GLY B C   1 
ATOM   970  O  O   . GLY B 1 27 ? -4.565  1.934   0.604   1.00 19.34 ? 27  GLY B O   1 
ATOM   971  N  N   . ALA B 1 28 ? -3.509  0.852   2.213   1.00 16.31 ? 28  ALA B N   1 
ATOM   972  C  CA  . ALA B 1 28 ? -4.690  0.042   2.517   1.00 14.63 ? 28  ALA B CA  1 
ATOM   973  C  C   . ALA B 1 28 ? -5.478  0.607   3.707   1.00 15.10 ? 28  ALA B C   1 
ATOM   974  O  O   . ALA B 1 28 ? -4.914  0.857   4.776   1.00 14.98 ? 28  ALA B O   1 
ATOM   975  C  CB  . ALA B 1 28 ? -4.233  -1.393  2.818   1.00 12.87 ? 28  ALA B CB  1 
ATOM   976  N  N   . ASP B 1 29 ? -6.804  0.841   3.560   1.00 15.19 ? 29  ASP B N   1 
ATOM   977  C  CA  . ASP B 1 29 ? -7.669  1.258   4.670   1.00 13.24 ? 29  ASP B CA  1 
ATOM   978  C  C   . ASP B 1 29 ? -7.842  0.135   5.688   1.00 13.61 ? 29  ASP B C   1 
ATOM   979  O  O   . ASP B 1 29 ? -7.965  0.309   6.881   1.00 13.59 ? 29  ASP B O   1 
ATOM   980  C  CB  . ASP B 1 29 ? -9.053  1.592   4.179   1.00 12.25 ? 29  ASP B CB  1 
ATOM   981  C  CG  . ASP B 1 29 ? -9.177  2.721   3.166   1.00 14.21 ? 29  ASP B CG  1 
ATOM   982  O  OD1 . ASP B 1 29 ? -8.318  3.595   3.064   1.00 15.77 ? 29  ASP B OD1 1 
ATOM   983  O  OD2 . ASP B 1 29 ? -10.164 2.729   2.457   1.00 15.05 ? 29  ASP B OD2 1 
ATOM   984  N  N   . ASP B 1 30 ? -7.864  -1.075  5.179   1.00 12.36 ? 30  ASP B N   1 
ATOM   985  C  CA  . ASP B 1 30 ? -8.178  -2.288  5.890   1.00 14.71 ? 30  ASP B CA  1 
ATOM   986  C  C   . ASP B 1 30 ? -7.009  -3.257  5.987   1.00 13.98 ? 30  ASP B C   1 
ATOM   987  O  O   . ASP B 1 30 ? -6.193  -3.309  5.067   1.00 13.06 ? 30  ASP B O   1 
ATOM   988  C  CB  . ASP B 1 30 ? -9.278  -3.057  5.162   1.00 19.06 ? 30  ASP B CB  1 
ATOM   989  C  CG  . ASP B 1 30 ? -10.417 -2.166  4.732   1.00 18.94 ? 30  ASP B CG  1 
ATOM   990  O  OD1 . ASP B 1 30 ? -10.990 -1.502  5.595   1.00 20.97 ? 30  ASP B OD1 1 
ATOM   991  O  OD2 . ASP B 1 30 ? -10.644 -2.103  3.532   1.00 21.44 ? 30  ASP B OD2 1 
ATOM   992  N  N   . THR B 1 31 ? -7.039  -4.079  7.043   1.00 13.78 ? 31  THR B N   1 
ATOM   993  C  CA  . THR B 1 31 ? -6.105  -5.178  7.221   1.00 13.04 ? 31  THR B CA  1 
ATOM   994  C  C   . THR B 1 31 ? -6.691  -6.437  6.593   1.00 14.02 ? 31  THR B C   1 
ATOM   995  O  O   . THR B 1 31 ? -7.803  -6.823  6.981   1.00 13.26 ? 31  THR B O   1 
ATOM   996  C  CB  . THR B 1 31 ? -5.858  -5.373  8.721   1.00 9.96  ? 31  THR B CB  1 
ATOM   997  O  OG1 . THR B 1 31 ? -5.249  -4.167  9.141   1.00 10.27 ? 31  THR B OG1 1 
ATOM   998  C  CG2 . THR B 1 31 ? -4.912  -6.529  9.077   1.00 9.88  ? 31  THR B CG2 1 
ATOM   999  N  N   . VAL B 1 32 ? -5.979  -7.065  5.626   1.00 15.40 ? 32  VAL B N   1 
ATOM   1000 C  CA  . VAL B 1 32 ? -6.451  -8.266  4.951   1.00 15.66 ? 32  VAL B CA  1 
ATOM   1001 C  C   . VAL B 1 32 ? -5.405  -9.348  5.230   1.00 15.92 ? 32  VAL B C   1 
ATOM   1002 O  O   . VAL B 1 32 ? -4.196  -9.174  5.083   1.00 15.10 ? 32  VAL B O   1 
ATOM   1003 C  CB  . VAL B 1 32 ? -6.670  -8.022  3.409   1.00 17.04 ? 32  VAL B CB  1 
ATOM   1004 C  CG1 . VAL B 1 32 ? -7.660  -6.903  3.141   1.00 13.40 ? 32  VAL B CG1 1 
ATOM   1005 C  CG2 . VAL B 1 32 ? -5.480  -7.444  2.803   1.00 22.44 ? 32  VAL B CG2 1 
ATOM   1006 N  N   . LEU B 1 33 ? -5.827  -10.468 5.788   1.00 15.67 ? 33  LEU B N   1 
ATOM   1007 C  CA  . LEU B 1 33 ? -4.921  -11.546 6.192   1.00 14.93 ? 33  LEU B CA  1 
ATOM   1008 C  C   . LEU B 1 33 ? -5.297  -12.763 5.360   1.00 15.74 ? 33  LEU B C   1 
ATOM   1009 O  O   . LEU B 1 33 ? -6.370  -12.860 4.736   1.00 13.21 ? 33  LEU B O   1 
ATOM   1010 C  CB  . LEU B 1 33 ? -5.097  -11.854 7.684   1.00 15.73 ? 33  LEU B CB  1 
ATOM   1011 C  CG  . LEU B 1 33 ? -5.065  -10.726 8.751   1.00 18.10 ? 33  LEU B CG  1 
ATOM   1012 C  CD1 . LEU B 1 33 ? -5.161  -11.278 10.171  1.00 20.34 ? 33  LEU B CD1 1 
ATOM   1013 C  CD2 . LEU B 1 33 ? -3.750  -10.012 8.657   1.00 18.20 ? 33  LEU B CD2 1 
ATOM   1014 N  N   . GLU B 1 34 ? -4.325  -13.681 5.249   1.00 17.50 ? 34  GLU B N   1 
ATOM   1015 C  CA  . GLU B 1 34 ? -4.460  -14.920 4.508   1.00 16.80 ? 34  GLU B CA  1 
ATOM   1016 C  C   . GLU B 1 34 ? -5.513  -15.763 5.204   1.00 16.38 ? 34  GLU B C   1 
ATOM   1017 O  O   . GLU B 1 34 ? -5.902  -15.521 6.351   1.00 16.07 ? 34  GLU B O   1 
ATOM   1018 C  CB  . GLU B 1 34 ? -3.110  -15.649 4.449   1.00 18.06 ? 34  GLU B CB  1 
ATOM   1019 C  CG  . GLU B 1 34 ? -2.565  -15.991 5.833   1.00 27.71 ? 34  GLU B CG  1 
ATOM   1020 C  CD  . GLU B 1 34 ? -1.149  -16.541 5.897   1.00 37.29 ? 34  GLU B CD  1 
ATOM   1021 O  OE1 . GLU B 1 34 ? -0.259  -16.019 5.225   1.00 36.50 ? 34  GLU B OE1 1 
ATOM   1022 O  OE2 . GLU B 1 34 ? -0.947  -17.497 6.647   1.00 42.56 ? 34  GLU B OE2 1 
ATOM   1023 N  N   . GLU B 1 35 ? -6.042  -16.699 4.429   1.00 17.51 ? 35  GLU B N   1 
ATOM   1024 C  CA  . GLU B 1 35 ? -7.090  -17.579 4.864   1.00 18.38 ? 35  GLU B CA  1 
ATOM   1025 C  C   . GLU B 1 35 ? -6.702  -18.264 6.180   1.00 20.48 ? 35  GLU B C   1 
ATOM   1026 O  O   . GLU B 1 35 ? -5.620  -18.886 6.284   1.00 19.72 ? 35  GLU B O   1 
ATOM   1027 C  CB  . GLU B 1 35 ? -7.317  -18.550 3.723   1.00 19.37 ? 35  GLU B CB  1 
ATOM   1028 C  CG  . GLU B 1 35 ? -8.412  -19.573 3.959   1.00 22.91 ? 35  GLU B CG  1 
ATOM   1029 C  CD  . GLU B 1 35 ? -9.768  -18.999 4.339   1.00 27.48 ? 35  GLU B CD  1 
ATOM   1030 O  OE1 . GLU B 1 35 ? -10.241 -18.065 3.673   1.00 31.87 ? 35  GLU B OE1 1 
ATOM   1031 O  OE2 . GLU B 1 35 ? -10.346 -19.514 5.299   1.00 27.61 ? 35  GLU B OE2 1 
ATOM   1032 N  N   . MET B 1 36 ? -7.530  -18.004 7.201   1.00 18.68 ? 36  MET B N   1 
ATOM   1033 C  CA  . MET B 1 36 ? -7.343  -18.664 8.478   1.00 20.35 ? 36  MET B CA  1 
ATOM   1034 C  C   . MET B 1 36 ? -8.682  -18.789 9.166   1.00 20.05 ? 36  MET B C   1 
ATOM   1035 O  O   . MET B 1 36 ? -9.680  -18.226 8.722   1.00 20.02 ? 36  MET B O   1 
ATOM   1036 C  CB  . MET B 1 36 ? -6.390  -17.887 9.355   1.00 20.74 ? 36  MET B CB  1 
ATOM   1037 C  CG  . MET B 1 36 ? -6.788  -16.464 9.696   1.00 23.30 ? 36  MET B CG  1 
ATOM   1038 S  SD  . MET B 1 36 ? -5.397  -15.649 10.525  1.00 25.17 ? 36  MET B SD  1 
ATOM   1039 C  CE  . MET B 1 36 ? -4.193  -15.439 9.237   1.00 17.38 ? 36  MET B CE  1 
ATOM   1040 N  N   . ASN B 1 37 ? -8.731  -19.530 10.256  1.00 22.54 ? 37  ASN B N   1 
ATOM   1041 C  CA  . ASN B 1 37 ? -9.963  -19.774 10.998  1.00 24.65 ? 37  ASN B CA  1 
ATOM   1042 C  C   . ASN B 1 37 ? -9.979  -18.922 12.245  1.00 24.42 ? 37  ASN B C   1 
ATOM   1043 O  O   . ASN B 1 37 ? -9.136  -19.157 13.112  1.00 25.02 ? 37  ASN B O   1 
ATOM   1044 C  CB  . ASN B 1 37 ? -10.032 -21.206 11.414  1.00 31.30 ? 37  ASN B CB  1 
ATOM   1045 C  CG  . ASN B 1 37 ? -11.420 -21.732 11.203  1.00 41.09 ? 37  ASN B CG  1 
ATOM   1046 O  OD1 . ASN B 1 37 ? -12.333 -21.512 11.994  1.00 46.08 ? 37  ASN B OD1 1 
ATOM   1047 N  ND2 . ASN B 1 37 ? -11.610 -22.399 10.058  1.00 46.13 ? 37  ASN B ND2 1 
ATOM   1048 N  N   . LEU B 1 38 ? -10.787 -17.880 12.364  1.00 23.25 ? 38  LEU B N   1 
ATOM   1049 C  CA  . LEU B 1 38 ? -10.727 -17.070 13.576  1.00 23.40 ? 38  LEU B CA  1 
ATOM   1050 C  C   . LEU B 1 38 ? -12.004 -17.180 14.390  1.00 24.43 ? 38  LEU B C   1 
ATOM   1051 O  O   . LEU B 1 38 ? -13.064 -17.551 13.861  1.00 24.65 ? 38  LEU B O   1 
ATOM   1052 C  CB  . LEU B 1 38 ? -10.488 -15.593 13.266  1.00 22.07 ? 38  LEU B CB  1 
ATOM   1053 C  CG  . LEU B 1 38 ? -9.116  -15.084 12.773  1.00 23.90 ? 38  LEU B CG  1 
ATOM   1054 C  CD1 . LEU B 1 38 ? -9.322  -13.670 12.217  1.00 25.36 ? 38  LEU B CD1 1 
ATOM   1055 C  CD2 . LEU B 1 38 ? -8.077  -15.038 13.893  1.00 23.39 ? 38  LEU B CD2 1 
ATOM   1056 N  N   . PRO B 1 39 ? -11.966 -16.920 15.706  1.00 25.17 ? 39  PRO B N   1 
ATOM   1057 C  CA  . PRO B 1 39 ? -13.166 -16.877 16.510  1.00 26.36 ? 39  PRO B CA  1 
ATOM   1058 C  C   . PRO B 1 39 ? -14.174 -15.794 16.147  1.00 27.70 ? 39  PRO B C   1 
ATOM   1059 O  O   . PRO B 1 39 ? -13.833 -14.680 15.733  1.00 28.55 ? 39  PRO B O   1 
ATOM   1060 C  CB  . PRO B 1 39 ? -12.643 -16.757 17.912  1.00 24.43 ? 39  PRO B CB  1 
ATOM   1061 C  CG  . PRO B 1 39 ? -11.255 -16.182 17.708  1.00 25.72 ? 39  PRO B CG  1 
ATOM   1062 C  CD  . PRO B 1 39 ? -10.779 -16.952 16.548  1.00 24.39 ? 39  PRO B CD  1 
ATOM   1063 N  N   . GLY B 1 40 ? -15.443 -16.116 16.389  1.00 28.57 ? 40  GLY B N   1 
ATOM   1064 C  CA  . GLY B 1 40 ? -16.517 -15.158 16.264  1.00 29.14 ? 40  GLY B CA  1 
ATOM   1065 C  C   . GLY B 1 40 ? -17.239 -15.248 14.931  1.00 30.09 ? 40  GLY B C   1 
ATOM   1066 O  O   . GLY B 1 40 ? -16.956 -16.098 14.083  1.00 31.46 ? 40  GLY B O   1 
ATOM   1067 N  N   . LYS B 1 41 ? -18.228 -14.362 14.834  1.00 31.52 ? 41  LYS B N   1 
ATOM   1068 C  CA  . LYS B 1 41 ? -19.089 -14.211 13.671  1.00 31.85 ? 41  LYS B CA  1 
ATOM   1069 C  C   . LYS B 1 41 ? -18.429 -13.307 12.638  1.00 30.94 ? 41  LYS B C   1 
ATOM   1070 O  O   . LYS B 1 41 ? -17.578 -12.468 12.970  1.00 31.75 ? 41  LYS B O   1 
ATOM   1071 C  CB  . LYS B 1 41 ? -20.428 -13.624 14.113  1.00 35.16 ? 41  LYS B CB  1 
ATOM   1072 C  CG  . LYS B 1 41 ? -21.260 -14.615 14.928  1.00 39.61 ? 41  LYS B CG  1 
ATOM   1073 C  CD  . LYS B 1 41 ? -21.551 -15.918 14.150  1.00 48.55 ? 41  LYS B CD  1 
ATOM   1074 C  CE  . LYS B 1 41 ? -22.247 -16.969 15.037  1.00 54.97 ? 41  LYS B CE  1 
ATOM   1075 N  NZ  . LYS B 1 41 ? -22.581 -18.203 14.332  1.00 54.29 ? 41  LYS B NZ  1 
ATOM   1076 N  N   . TRP B 1 42 ? -18.756 -13.555 11.373  1.00 29.93 ? 42  TRP B N   1 
ATOM   1077 C  CA  . TRP B 1 42 ? -18.154 -12.799 10.299  1.00 27.13 ? 42  TRP B CA  1 
ATOM   1078 C  C   . TRP B 1 42 ? -19.207 -12.475 9.261   1.00 25.43 ? 42  TRP B C   1 
ATOM   1079 O  O   . TRP B 1 42 ? -20.241 -13.124 9.228   1.00 25.20 ? 42  TRP B O   1 
ATOM   1080 C  CB  . TRP B 1 42 ? -17.006 -13.634 9.725   1.00 23.93 ? 42  TRP B CB  1 
ATOM   1081 C  CG  . TRP B 1 42 ? -17.455 -14.952 9.132   1.00 23.03 ? 42  TRP B CG  1 
ATOM   1082 C  CD1 . TRP B 1 42 ? -17.313 -16.078 9.886   1.00 18.99 ? 42  TRP B CD1 1 
ATOM   1083 C  CD2 . TRP B 1 42 ? -18.005 -15.172 7.868   1.00 19.59 ? 42  TRP B CD2 1 
ATOM   1084 N  NE1 . TRP B 1 42 ? -17.771 -17.020 9.088   1.00 22.51 ? 42  TRP B NE1 1 
ATOM   1085 C  CE2 . TRP B 1 42 ? -18.183 -16.540 7.893   1.00 19.63 ? 42  TRP B CE2 1 
ATOM   1086 C  CE3 . TRP B 1 42 ? -18.344 -14.495 6.722   1.00 17.38 ? 42  TRP B CE3 1 
ATOM   1087 C  CZ2 . TRP B 1 42 ? -18.705 -17.235 6.835   1.00 15.53 ? 42  TRP B CZ2 1 
ATOM   1088 C  CZ3 . TRP B 1 42 ? -18.862 -15.182 5.647   1.00 17.83 ? 42  TRP B CZ3 1 
ATOM   1089 C  CH2 . TRP B 1 42 ? -19.034 -16.539 5.698   1.00 18.86 ? 42  TRP B CH2 1 
ATOM   1090 N  N   . LYS B 1 43 ? -18.968 -11.461 8.450   1.00 24.41 ? 43  LYS B N   1 
ATOM   1091 C  CA  . LYS B 1 43 ? -19.850 -11.133 7.351   1.00 24.16 ? 43  LYS B CA  1 
ATOM   1092 C  C   . LYS B 1 43 ? -18.960 -10.971 6.120   1.00 23.36 ? 43  LYS B C   1 
ATOM   1093 O  O   . LYS B 1 43 ? -17.823 -10.510 6.241   1.00 23.87 ? 43  LYS B O   1 
ATOM   1094 C  CB  . LYS B 1 43 ? -20.644 -9.838  7.647   1.00 22.86 ? 43  LYS B CB  1 
ATOM   1095 C  CG  . LYS B 1 43 ? -19.923 -8.592  8.070   1.00 31.03 ? 43  LYS B CG  1 
ATOM   1096 C  CD  . LYS B 1 43 ? -20.925 -7.730  8.862   1.00 34.78 ? 43  LYS B CD  1 
ATOM   1097 C  CE  . LYS B 1 43 ? -20.257 -6.531  9.547   1.00 36.28 ? 43  LYS B CE  1 
ATOM   1098 N  NZ  . LYS B 1 43 ? -21.188 -5.719  10.318  1.00 39.72 ? 43  LYS B NZ  1 
ATOM   1099 N  N   . PRO B 1 44 ? -19.382 -11.395 4.939   1.00 22.46 ? 44  PRO B N   1 
ATOM   1100 C  CA  . PRO B 1 44 ? -18.637 -11.219 3.711   1.00 22.55 ? 44  PRO B CA  1 
ATOM   1101 C  C   . PRO B 1 44 ? -18.567 -9.782  3.208   1.00 21.44 ? 44  PRO B C   1 
ATOM   1102 O  O   . PRO B 1 44 ? -19.472 -8.987  3.464   1.00 21.27 ? 44  PRO B O   1 
ATOM   1103 C  CB  . PRO B 1 44 ? -19.329 -12.184 2.788   1.00 25.64 ? 44  PRO B CB  1 
ATOM   1104 C  CG  . PRO B 1 44 ? -20.780 -11.991 3.194   1.00 26.44 ? 44  PRO B CG  1 
ATOM   1105 C  CD  . PRO B 1 44 ? -20.682 -12.028 4.690   1.00 24.43 ? 44  PRO B CD  1 
ATOM   1106 N  N   . LYS B 1 45 ? -17.493 -9.471  2.504   1.00 19.39 ? 45  LYS B N   1 
ATOM   1107 C  CA  . LYS B 1 45 ? -17.313 -8.167  1.951   1.00 18.44 ? 45  LYS B CA  1 
ATOM   1108 C  C   . LYS B 1 45 ? -16.581 -8.385  0.649   1.00 17.75 ? 45  LYS B C   1 
ATOM   1109 O  O   . LYS B 1 45 ? -15.966 -9.432  0.433   1.00 18.31 ? 45  LYS B O   1 
ATOM   1110 C  CB  . LYS B 1 45 ? -16.480 -7.308  2.900   1.00 18.57 ? 45  LYS B CB  1 
ATOM   1111 C  CG  . LYS B 1 45 ? -17.251 -6.032  3.188   1.00 23.55 ? 45  LYS B CG  1 
ATOM   1112 C  CD  . LYS B 1 45 ? -16.599 -4.980  4.056   1.00 24.40 ? 45  LYS B CD  1 
ATOM   1113 C  CE  . LYS B 1 45 ? -15.350 -4.410  3.403   1.00 26.13 ? 45  LYS B CE  1 
ATOM   1114 N  NZ  . LYS B 1 45 ? -15.005 -3.169  4.065   1.00 30.98 ? 45  LYS B NZ  1 
ATOM   1115 N  N   . MET B 1 46 ? -16.715 -7.466  -0.277  1.00 16.88 ? 46  MET B N   1 
ATOM   1116 C  CA  . MET B 1 46 ? -15.939 -7.467  -1.504  1.00 19.02 ? 46  MET B CA  1 
ATOM   1117 C  C   . MET B 1 46 ? -14.970 -6.290  -1.364  1.00 19.14 ? 46  MET B C   1 
ATOM   1118 O  O   . MET B 1 46 ? -15.399 -5.165  -1.054  1.00 20.20 ? 46  MET B O   1 
ATOM   1119 C  CB  . MET B 1 46 ? -16.763 -7.189  -2.747  1.00 18.90 ? 46  MET B CB  1 
ATOM   1120 C  CG  . MET B 1 46 ? -17.741 -8.210  -3.162  1.00 22.10 ? 46  MET B CG  1 
ATOM   1121 S  SD  . MET B 1 46 ? -17.032 -9.784  -3.641  1.00 25.81 ? 46  MET B SD  1 
ATOM   1122 C  CE  . MET B 1 46 ? -16.674 -9.383  -5.338  1.00 25.27 ? 46  MET B CE  1 
ATOM   1123 N  N   . ILE B 1 47 ? -13.662 -6.427  -1.543  1.00 19.09 ? 47  ILE B N   1 
ATOM   1124 C  CA  . ILE B 1 47 ? -12.756 -5.289  -1.495  1.00 18.55 ? 47  ILE B CA  1 
ATOM   1125 C  C   . ILE B 1 47 ? -12.019 -5.292  -2.849  1.00 18.02 ? 47  ILE B C   1 
ATOM   1126 O  O   . ILE B 1 47 ? -11.748 -6.340  -3.426  1.00 16.32 ? 47  ILE B O   1 
ATOM   1127 C  CB  . ILE B 1 47 ? -11.686 -5.345  -0.315  1.00 22.70 ? 47  ILE B CB  1 
ATOM   1128 C  CG1 . ILE B 1 47 ? -10.996 -6.701  -0.212  1.00 19.28 ? 47  ILE B CG1 1 
ATOM   1129 C  CG2 . ILE B 1 47 ? -12.399 -4.959  0.964   1.00 18.65 ? 47  ILE B CG2 1 
ATOM   1130 C  CD1 . ILE B 1 47 ? -9.527  -6.528  0.125   1.00 23.75 ? 47  ILE B CD1 1 
ATOM   1131 N  N   . GLY B 1 48 ? -11.793 -4.118  -3.464  1.00 18.54 ? 48  GLY B N   1 
ATOM   1132 C  CA  . GLY B 1 48 ? -11.109 -4.068  -4.746  1.00 18.74 ? 48  GLY B CA  1 
ATOM   1133 C  C   . GLY B 1 48 ? -9.686  -3.566  -4.573  1.00 18.41 ? 48  GLY B C   1 
ATOM   1134 O  O   . GLY B 1 48 ? -9.393  -2.699  -3.746  1.00 17.13 ? 48  GLY B O   1 
ATOM   1135 N  N   . GLY B 1 49 ? -8.789  -4.185  -5.304  1.00 19.15 ? 49  GLY B N   1 
ATOM   1136 C  CA  . GLY B 1 49 ? -7.423  -3.710  -5.287  1.00 21.48 ? 49  GLY B CA  1 
ATOM   1137 C  C   . GLY B 1 49 ? -7.055  -3.478  -6.709  1.00 21.64 ? 49  GLY B C   1 
ATOM   1138 O  O   . GLY B 1 49 ? -7.885  -3.238  -7.583  1.00 20.70 ? 49  GLY B O   1 
ATOM   1139 N  N   . ILE B 1 50 ? -5.753  -3.586  -6.914  1.00 24.09 ? 50  ILE B N   1 
ATOM   1140 C  CA  . ILE B 1 50 ? -5.234  -3.589  -8.271  1.00 25.34 ? 50  ILE B CA  1 
ATOM   1141 C  C   . ILE B 1 50 ? -5.692  -4.925  -8.907  1.00 24.17 ? 50  ILE B C   1 
ATOM   1142 O  O   . ILE B 1 50 ? -5.477  -6.037  -8.390  1.00 23.67 ? 50  ILE B O   1 
ATOM   1143 C  CB  . ILE B 1 50 ? -3.670  -3.477  -8.222  1.00 27.61 ? 50  ILE B CB  1 
ATOM   1144 C  CG1 . ILE B 1 50 ? -3.250  -2.206  -7.491  1.00 27.78 ? 50  ILE B CG1 1 
ATOM   1145 C  CG2 . ILE B 1 50 ? -3.085  -3.451  -9.637  1.00 27.62 ? 50  ILE B CG2 1 
ATOM   1146 C  CD1 . ILE B 1 50 ? -3.625  -0.958  -8.252  1.00 29.95 ? 50  ILE B CD1 1 
ATOM   1147 N  N   . GLY B 1 51 ? -6.410  -4.821  -10.003 1.00 23.54 ? 51  GLY B N   1 
ATOM   1148 C  CA  . GLY B 1 51 ? -6.774  -6.018  -10.709 1.00 23.14 ? 51  GLY B CA  1 
ATOM   1149 C  C   . GLY B 1 51 ? -8.221  -6.351  -10.522 1.00 22.95 ? 51  GLY B C   1 
ATOM   1150 O  O   . GLY B 1 51 ? -8.755  -7.100  -11.331 1.00 24.95 ? 51  GLY B O   1 
ATOM   1151 N  N   . GLY B 1 52 ? -8.926  -5.853  -9.532  1.00 22.37 ? 52  GLY B N   1 
ATOM   1152 C  CA  . GLY B 1 52 ? -10.325 -6.202  -9.427  1.00 20.56 ? 52  GLY B CA  1 
ATOM   1153 C  C   . GLY B 1 52 ? -10.616 -6.469  -7.983  1.00 20.33 ? 52  GLY B C   1 
ATOM   1154 O  O   . GLY B 1 52 ? -9.823  -6.069  -7.132  1.00 19.04 ? 52  GLY B O   1 
ATOM   1155 N  N   . PHE B 1 53 ? -11.740 -7.145  -7.729  1.00 19.30 ? 53  PHE B N   1 
ATOM   1156 C  CA  . PHE B 1 53 ? -12.243 -7.403  -6.384  1.00 18.73 ? 53  PHE B CA  1 
ATOM   1157 C  C   . PHE B 1 53 ? -11.986 -8.796  -5.841  1.00 17.82 ? 53  PHE B C   1 
ATOM   1158 O  O   . PHE B 1 53 ? -11.843 -9.729  -6.638  1.00 18.41 ? 53  PHE B O   1 
ATOM   1159 C  CB  . PHE B 1 53 ? -13.741 -7.142  -6.360  1.00 14.32 ? 53  PHE B CB  1 
ATOM   1160 C  CG  . PHE B 1 53 ? -14.042 -5.663  -6.366  1.00 15.76 ? 53  PHE B CG  1 
ATOM   1161 C  CD1 . PHE B 1 53 ? -13.924 -4.939  -7.545  1.00 13.45 ? 53  PHE B CD1 1 
ATOM   1162 C  CD2 . PHE B 1 53 ? -14.439 -5.045  -5.184  1.00 15.92 ? 53  PHE B CD2 1 
ATOM   1163 C  CE1 . PHE B 1 53 ? -14.186 -3.596  -7.511  1.00 7.38  ? 53  PHE B CE1 1 
ATOM   1164 C  CE2 . PHE B 1 53 ? -14.705 -3.688  -5.154  1.00 14.49 ? 53  PHE B CE2 1 
ATOM   1165 C  CZ  . PHE B 1 53 ? -14.565 -2.969  -6.322  1.00 16.02 ? 53  PHE B CZ  1 
ATOM   1166 N  N   . ILE B 1 54 ? -11.825 -9.031  -4.544  1.00 18.20 ? 54  ILE B N   1 
ATOM   1167 C  CA  . ILE B 1 54 ? -11.799 -10.384 -4.008  1.00 17.42 ? 54  ILE B CA  1 
ATOM   1168 C  C   . ILE B 1 54 ? -12.861 -10.355 -2.924  1.00 16.85 ? 54  ILE B C   1 
ATOM   1169 O  O   . ILE B 1 54 ? -13.253 -9.300  -2.421  1.00 17.95 ? 54  ILE B O   1 
ATOM   1170 C  CB  . ILE B 1 54 ? -10.459 -10.854 -3.353  1.00 16.91 ? 54  ILE B CB  1 
ATOM   1171 C  CG1 . ILE B 1 54 ? -9.878  -9.896  -2.371  1.00 18.05 ? 54  ILE B CG1 1 
ATOM   1172 C  CG2 . ILE B 1 54 ? -9.463  -11.098 -4.494  1.00 21.58 ? 54  ILE B CG2 1 
ATOM   1173 C  CD1 . ILE B 1 54 ? -8.619  -10.441 -1.622  1.00 20.73 ? 54  ILE B CD1 1 
ATOM   1174 N  N   . LYS B 1 55 ? -13.443 -11.502 -2.628  1.00 15.53 ? 55  LYS B N   1 
ATOM   1175 C  CA  . LYS B 1 55 ? -14.360 -11.630 -1.509  1.00 16.86 ? 55  LYS B CA  1 
ATOM   1176 C  C   . LYS B 1 55 ? -13.542 -12.080 -0.262  1.00 15.10 ? 55  LYS B C   1 
ATOM   1177 O  O   . LYS B 1 55 ? -12.734 -13.022 -0.297  1.00 14.86 ? 55  LYS B O   1 
ATOM   1178 C  CB  . LYS B 1 55 ? -15.407 -12.679 -1.880  1.00 20.47 ? 55  LYS B CB  1 
ATOM   1179 C  CG  . LYS B 1 55 ? -16.569 -12.696 -0.890  1.00 24.26 ? 55  LYS B CG  1 
ATOM   1180 C  CD  . LYS B 1 55 ? -17.199 -14.064 -0.800  1.00 27.30 ? 55  LYS B CD  1 
ATOM   1181 C  CE  . LYS B 1 55 ? -18.678 -13.764 -0.756  1.00 32.25 ? 55  LYS B CE  1 
ATOM   1182 N  NZ  . LYS B 1 55 ? -19.448 -14.923 -0.332  1.00 41.17 ? 55  LYS B NZ  1 
ATOM   1183 N  N   . VAL B 1 56 ? -13.779 -11.390 0.851   1.00 15.39 ? 56  VAL B N   1 
ATOM   1184 C  CA  . VAL B 1 56 ? -13.119 -11.569 2.140   1.00 14.45 ? 56  VAL B CA  1 
ATOM   1185 C  C   . VAL B 1 56 ? -14.154 -11.776 3.250   1.00 15.35 ? 56  VAL B C   1 
ATOM   1186 O  O   . VAL B 1 56 ? -15.326 -11.422 3.091   1.00 17.15 ? 56  VAL B O   1 
ATOM   1187 C  CB  . VAL B 1 56 ? -12.283 -10.308 2.464   1.00 12.06 ? 56  VAL B CB  1 
ATOM   1188 C  CG1 . VAL B 1 56 ? -11.243 -10.078 1.420   1.00 14.97 ? 56  VAL B CG1 1 
ATOM   1189 C  CG2 . VAL B 1 56 ? -13.166 -9.058  2.497   1.00 13.15 ? 56  VAL B CG2 1 
ATOM   1190 N  N   . ARG B 1 57 ? -13.804 -12.225 4.444   1.00 15.75 ? 57  ARG B N   1 
ATOM   1191 C  CA  . ARG B 1 57 ? -14.767 -12.369 5.530   1.00 15.78 ? 57  ARG B CA  1 
ATOM   1192 C  C   . ARG B 1 57 ? -14.307 -11.391 6.587   1.00 14.31 ? 57  ARG B C   1 
ATOM   1193 O  O   . ARG B 1 57 ? -13.117 -11.354 6.935   1.00 15.38 ? 57  ARG B O   1 
ATOM   1194 C  CB  . ARG B 1 57 ? -14.760 -13.782 6.140   1.00 14.52 ? 57  ARG B CB  1 
ATOM   1195 C  CG  . ARG B 1 57 ? -15.092 -14.921 5.176   1.00 19.40 ? 57  ARG B CG  1 
ATOM   1196 C  CD  . ARG B 1 57 ? -15.228 -16.279 5.888   1.00 18.68 ? 57  ARG B CD  1 
ATOM   1197 N  NE  . ARG B 1 57 ? -14.205 -16.707 6.828   1.00 15.46 ? 57  ARG B NE  1 
ATOM   1198 C  CZ  . ARG B 1 57 ? -13.032 -17.212 6.409   1.00 20.96 ? 57  ARG B CZ  1 
ATOM   1199 N  NH1 . ARG B 1 57 ? -12.703 -17.297 5.107   1.00 23.45 ? 57  ARG B NH1 1 
ATOM   1200 N  NH2 . ARG B 1 57 ? -12.140 -17.623 7.307   1.00 21.14 ? 57  ARG B NH2 1 
ATOM   1201 N  N   . GLN B 1 58 ? -15.229 -10.641 7.141   1.00 14.09 ? 58  GLN B N   1 
ATOM   1202 C  CA  . GLN B 1 58 ? -14.916 -9.614  8.087   1.00 15.60 ? 58  GLN B CA  1 
ATOM   1203 C  C   . GLN B 1 58 ? -15.039 -10.054 9.542   1.00 17.22 ? 58  GLN B C   1 
ATOM   1204 O  O   . GLN B 1 58 ? -16.137 -10.473 9.911   1.00 20.03 ? 58  GLN B O   1 
ATOM   1205 C  CB  . GLN B 1 58 ? -15.832 -8.446  7.821   1.00 16.04 ? 58  GLN B CB  1 
ATOM   1206 C  CG  . GLN B 1 58 ? -15.661 -7.391  8.893   1.00 22.51 ? 58  GLN B CG  1 
ATOM   1207 C  CD  . GLN B 1 58 ? -16.438 -6.116  8.694   1.00 28.02 ? 58  GLN B CD  1 
ATOM   1208 O  OE1 . GLN B 1 58 ? -16.920 -5.497  9.645   1.00 31.49 ? 58  GLN B OE1 1 
ATOM   1209 N  NE2 . GLN B 1 58 ? -16.560 -5.659  7.451   1.00 27.58 ? 58  GLN B NE2 1 
ATOM   1210 N  N   . TYR B 1 59 ? -14.010 -9.954  10.377  1.00 17.62 ? 59  TYR B N   1 
ATOM   1211 C  CA  . TYR B 1 59 ? -14.056 -10.270 11.789  1.00 17.42 ? 59  TYR B CA  1 
ATOM   1212 C  C   . TYR B 1 59 ? -13.730 -8.984  12.493  1.00 17.50 ? 59  TYR B C   1 
ATOM   1213 O  O   . TYR B 1 59 ? -12.861 -8.211  12.091  1.00 19.03 ? 59  TYR B O   1 
ATOM   1214 C  CB  . TYR B 1 59 ? -13.007 -11.329 12.198  1.00 18.02 ? 59  TYR B CB  1 
ATOM   1215 C  CG  . TYR B 1 59 ? -13.232 -12.693 11.580  1.00 18.38 ? 59  TYR B CG  1 
ATOM   1216 C  CD1 . TYR B 1 59 ? -12.731 -12.931 10.320  1.00 17.12 ? 59  TYR B CD1 1 
ATOM   1217 C  CD2 . TYR B 1 59 ? -13.931 -13.665 12.269  1.00 20.49 ? 59  TYR B CD2 1 
ATOM   1218 C  CE1 . TYR B 1 59 ? -12.907 -14.157 9.729   1.00 20.76 ? 59  TYR B CE1 1 
ATOM   1219 C  CE2 . TYR B 1 59 ? -14.118 -14.893 11.677  1.00 16.30 ? 59  TYR B CE2 1 
ATOM   1220 C  CZ  . TYR B 1 59 ? -13.605 -15.135 10.413  1.00 23.17 ? 59  TYR B CZ  1 
ATOM   1221 O  OH  . TYR B 1 59 ? -13.726 -16.393 9.833   1.00 26.86 ? 59  TYR B OH  1 
ATOM   1222 N  N   . ASP B 1 60 ? -14.441 -8.698  13.557  1.00 18.93 ? 60  ASP B N   1 
ATOM   1223 C  CA  . ASP B 1 60 ? -14.197 -7.497  14.321  1.00 21.42 ? 60  ASP B CA  1 
ATOM   1224 C  C   . ASP B 1 60 ? -13.491 -7.810  15.621  1.00 22.13 ? 60  ASP B C   1 
ATOM   1225 O  O   . ASP B 1 60 ? -13.540 -8.939  16.069  1.00 24.48 ? 60  ASP B O   1 
ATOM   1226 C  CB  . ASP B 1 60 ? -15.532 -6.855  14.593  1.00 23.22 ? 60  ASP B CB  1 
ATOM   1227 C  CG  . ASP B 1 60 ? -16.269 -6.387  13.347  1.00 29.56 ? 60  ASP B CG  1 
ATOM   1228 O  OD1 . ASP B 1 60 ? -15.615 -5.773  12.496  1.00 31.23 ? 60  ASP B OD1 1 
ATOM   1229 O  OD2 . ASP B 1 60 ? -17.478 -6.644  13.231  1.00 29.52 ? 60  ASP B OD2 1 
ATOM   1230 N  N   . GLN B 1 61 ? -12.831 -6.881  16.286  1.00 21.93 ? 61  GLN B N   1 
ATOM   1231 C  CA  . GLN B 1 61 ? -12.226 -7.038  17.603  1.00 23.73 ? 61  GLN B CA  1 
ATOM   1232 C  C   . GLN B 1 61 ? -11.253 -8.193  17.744  1.00 22.99 ? 61  GLN B C   1 
ATOM   1233 O  O   . GLN B 1 61 ? -11.233 -8.882  18.757  1.00 24.63 ? 61  GLN B O   1 
ATOM   1234 C  CB  . GLN B 1 61 ? -13.301 -7.191  18.666  1.00 28.29 ? 61  GLN B CB  1 
ATOM   1235 C  CG  . GLN B 1 61 ? -14.185 -5.995  18.856  1.00 36.29 ? 61  GLN B CG  1 
ATOM   1236 C  CD  . GLN B 1 61 ? -13.574 -4.875  19.666  1.00 43.56 ? 61  GLN B CD  1 
ATOM   1237 O  OE1 . GLN B 1 61 ? -12.502 -4.984  20.252  1.00 46.36 ? 61  GLN B OE1 1 
ATOM   1238 N  NE2 . GLN B 1 61 ? -14.269 -3.744  19.760  1.00 50.54 ? 61  GLN B NE2 1 
ATOM   1239 N  N   . ILE B 1 62 ? -10.422 -8.414  16.731  1.00 21.27 ? 62  ILE B N   1 
ATOM   1240 C  CA  . ILE B 1 62 ? -9.382  -9.415  16.782  1.00 20.42 ? 62  ILE B CA  1 
ATOM   1241 C  C   . ILE B 1 62 ? -8.118  -8.719  17.314  1.00 20.46 ? 62  ILE B C   1 
ATOM   1242 O  O   . ILE B 1 62 ? -7.741  -7.643  16.818  1.00 19.34 ? 62  ILE B O   1 
ATOM   1243 C  CB  . ILE B 1 62 ? -9.212  -9.980  15.353  1.00 18.84 ? 62  ILE B CB  1 
ATOM   1244 C  CG1 . ILE B 1 62 ? -10.504 -10.673 14.889  1.00 20.41 ? 62  ILE B CG1 1 
ATOM   1245 C  CG2 . ILE B 1 62 ? -8.069  -10.975 15.347  1.00 18.81 ? 62  ILE B CG2 1 
ATOM   1246 C  CD1 . ILE B 1 62 ? -11.124 -11.854 15.691  1.00 17.69 ? 62  ILE B CD1 1 
ATOM   1247 N  N   . PRO B 1 63 ? -7.457  -9.248  18.366  1.00 21.15 ? 63  PRO B N   1 
ATOM   1248 C  CA  . PRO B 1 63 ? -6.160  -8.757  18.830  1.00 20.85 ? 63  PRO B CA  1 
ATOM   1249 C  C   . PRO B 1 63 ? -5.011  -9.184  17.913  1.00 19.72 ? 63  PRO B C   1 
ATOM   1250 O  O   . PRO B 1 63 ? -4.927  -10.360 17.552  1.00 19.07 ? 63  PRO B O   1 
ATOM   1251 C  CB  . PRO B 1 63 ? -6.051  -9.302  20.249  1.00 21.66 ? 63  PRO B CB  1 
ATOM   1252 C  CG  . PRO B 1 63 ? -7.483  -9.676  20.611  1.00 21.10 ? 63  PRO B CG  1 
ATOM   1253 C  CD  . PRO B 1 63 ? -7.974  -10.253 19.305  1.00 21.34 ? 63  PRO B CD  1 
ATOM   1254 N  N   . VAL B 1 64 ? -4.161  -8.261  17.474  1.00 19.43 ? 64  VAL B N   1 
ATOM   1255 C  CA  . VAL B 1 64 ? -3.057  -8.613  16.586  1.00 18.57 ? 64  VAL B CA  1 
ATOM   1256 C  C   . VAL B 1 64 ? -1.873  -7.920  17.184  1.00 19.15 ? 64  VAL B C   1 
ATOM   1257 O  O   . VAL B 1 64 ? -1.981  -6.761  17.604  1.00 20.67 ? 64  VAL B O   1 
ATOM   1258 C  CB  . VAL B 1 64 ? -3.266  -8.095  15.152  1.00 17.43 ? 64  VAL B CB  1 
ATOM   1259 C  CG1 . VAL B 1 64 ? -2.089  -8.572  14.325  1.00 10.77 ? 64  VAL B CG1 1 
ATOM   1260 C  CG2 . VAL B 1 64 ? -4.597  -8.588  14.555  1.00 15.64 ? 64  VAL B CG2 1 
ATOM   1261 N  N   . GLU B 1 65 ? -0.751  -8.608  17.273  1.00 19.25 ? 65  GLU B N   1 
ATOM   1262 C  CA  . GLU B 1 65 ? 0.408   -7.970  17.841  1.00 21.41 ? 65  GLU B CA  1 
ATOM   1263 C  C   . GLU B 1 65 ? 1.382   -7.811  16.672  1.00 20.43 ? 65  GLU B C   1 
ATOM   1264 O  O   . GLU B 1 65 ? 1.677   -8.734  15.903  1.00 19.87 ? 65  GLU B O   1 
ATOM   1265 C  CB  . GLU B 1 65 ? 0.969   -8.849  18.943  1.00 22.42 ? 65  GLU B CB  1 
ATOM   1266 C  CG  . GLU B 1 65 ? 1.833   -7.986  19.804  1.00 31.43 ? 65  GLU B CG  1 
ATOM   1267 C  CD  . GLU B 1 65 ? 2.824   -8.757  20.645  1.00 35.83 ? 65  GLU B CD  1 
ATOM   1268 O  OE1 . GLU B 1 65 ? 3.709   -9.414  20.090  1.00 36.72 ? 65  GLU B OE1 1 
ATOM   1269 O  OE2 . GLU B 1 65 ? 2.713   -8.663  21.866  1.00 41.78 ? 65  GLU B OE2 1 
ATOM   1270 N  N   . ILE B 1 66 ? 1.885   -6.594  16.533  1.00 20.57 ? 66  ILE B N   1 
ATOM   1271 C  CA  . ILE B 1 66 ? 2.688   -6.247  15.391  1.00 22.33 ? 66  ILE B CA  1 
ATOM   1272 C  C   . ILE B 1 66 ? 3.927   -5.528  15.918  1.00 22.29 ? 66  ILE B C   1 
ATOM   1273 O  O   . ILE B 1 66 ? 3.830   -4.497  16.581  1.00 22.21 ? 66  ILE B O   1 
ATOM   1274 C  CB  . ILE B 1 66 ? 1.660   -5.437  14.387  1.00 23.35 ? 66  ILE B CB  1 
ATOM   1275 C  CG1 . ILE B 1 66 ? 2.395   -4.263  13.862  1.00 20.45 ? 66  ILE B CG1 1 
ATOM   1276 C  CG2 . ILE B 1 66 ? 0.290   -5.034  14.991  1.00 21.75 ? 66  ILE B CG2 1 
ATOM   1277 C  CD1 . ILE B 1 66 ? 2.758   -4.643  12.448  1.00 25.05 ? 66  ILE B CD1 1 
ATOM   1278 N  N   . CYS B 1 67 ? 5.092   -6.152  15.706  1.00 25.95 ? 67  CYS B N   1 
ATOM   1279 C  CA  . CYS B 1 67 ? 6.393   -5.766  16.308  1.00 28.61 ? 67  CYS B CA  1 
ATOM   1280 C  C   . CYS B 1 67 ? 6.364   -5.455  17.819  1.00 28.20 ? 67  CYS B C   1 
ATOM   1281 O  O   . CYS B 1 67 ? 6.845   -4.428  18.351  1.00 28.69 ? 67  CYS B O   1 
ATOM   1282 C  CB  . CYS B 1 67 ? 6.994   -4.538  15.625  1.00 31.58 ? 67  CYS B CB  1 
ATOM   1283 S  SG  . CYS B 1 67 ? 7.284   -4.964  13.919  1.00 42.11 ? 67  CYS B SG  1 
ATOM   1284 N  N   . GLY B 1 68 ? 5.716   -6.351  18.554  1.00 28.29 ? 68  GLY B N   1 
ATOM   1285 C  CA  . GLY B 1 68 ? 5.517   -6.156  19.982  1.00 26.41 ? 68  GLY B CA  1 
ATOM   1286 C  C   . GLY B 1 68 ? 4.469   -5.110  20.272  1.00 24.85 ? 68  GLY B C   1 
ATOM   1287 O  O   . GLY B 1 68 ? 4.276   -4.769  21.425  1.00 27.24 ? 68  GLY B O   1 
ATOM   1288 N  N   . HIS B 1 69 ? 3.736   -4.526  19.340  1.00 24.08 ? 69  HIS B N   1 
ATOM   1289 C  CA  . HIS B 1 69 ? 2.734   -3.551  19.709  1.00 25.25 ? 69  HIS B CA  1 
ATOM   1290 C  C   . HIS B 1 69 ? 1.352   -4.188  19.670  1.00 24.91 ? 69  HIS B C   1 
ATOM   1291 O  O   . HIS B 1 69 ? 1.110   -4.984  18.765  1.00 24.59 ? 69  HIS B O   1 
ATOM   1292 C  CB  . HIS B 1 69 ? 2.834   -2.361  18.746  1.00 28.60 ? 69  HIS B CB  1 
ATOM   1293 C  CG  . HIS B 1 69 ? 4.081   -1.459  18.897  1.00 28.17 ? 69  HIS B CG  1 
ATOM   1294 N  ND1 . HIS B 1 69 ? 4.126   -0.183  19.264  1.00 28.31 ? 69  HIS B ND1 1 
ATOM   1295 C  CD2 . HIS B 1 69 ? 5.397   -1.864  18.702  1.00 28.44 ? 69  HIS B CD2 1 
ATOM   1296 C  CE1 . HIS B 1 69 ? 5.392   0.183   19.306  1.00 27.72 ? 69  HIS B CE1 1 
ATOM   1297 N  NE2 . HIS B 1 69 ? 6.151   -0.833  18.968  1.00 25.36 ? 69  HIS B NE2 1 
ATOM   1298 N  N   . LYS B 1 70 ? 0.462   -3.939  20.647  1.00 25.47 ? 70  LYS B N   1 
ATOM   1299 C  CA  . LYS B 1 70 ? -0.878  -4.532  20.669  1.00 25.33 ? 70  LYS B CA  1 
ATOM   1300 C  C   . LYS B 1 70 ? -1.842  -3.626  19.908  1.00 22.98 ? 70  LYS B C   1 
ATOM   1301 O  O   . LYS B 1 70 ? -1.813  -2.396  20.089  1.00 22.31 ? 70  LYS B O   1 
ATOM   1302 C  CB  . LYS B 1 70 ? -1.500  -4.664  22.074  1.00 32.98 ? 70  LYS B CB  1 
ATOM   1303 C  CG  . LYS B 1 70 ? -0.766  -5.376  23.241  1.00 42.21 ? 70  LYS B CG  1 
ATOM   1304 C  CD  . LYS B 1 70 ? -0.818  -6.919  23.276  1.00 48.76 ? 70  LYS B CD  1 
ATOM   1305 C  CE  . LYS B 1 70 ? 0.028   -7.495  24.438  1.00 51.55 ? 70  LYS B CE  1 
ATOM   1306 N  NZ  . LYS B 1 70 ? 1.467   -7.352  24.239  1.00 52.34 ? 70  LYS B NZ  1 
ATOM   1307 N  N   . ALA B 1 71 ? -2.658  -4.231  19.053  1.00 20.11 ? 71  ALA B N   1 
ATOM   1308 C  CA  . ALA B 1 71 ? -3.695  -3.540  18.325  1.00 19.53 ? 71  ALA B CA  1 
ATOM   1309 C  C   . ALA B 1 71 ? -4.945  -4.400  18.449  1.00 18.67 ? 71  ALA B C   1 
ATOM   1310 O  O   . ALA B 1 71 ? -4.816  -5.600  18.709  1.00 18.34 ? 71  ALA B O   1 
ATOM   1311 C  CB  . ALA B 1 71 ? -3.352  -3.437  16.863  1.00 15.29 ? 71  ALA B CB  1 
ATOM   1312 N  N   . ILE B 1 72 ? -6.155  -3.887  18.350  1.00 17.28 ? 72  ILE B N   1 
ATOM   1313 C  CA  . ILE B 1 72 ? -7.361  -4.727  18.293  1.00 17.53 ? 72  ILE B CA  1 
ATOM   1314 C  C   . ILE B 1 72 ? -8.258  -4.075  17.251  1.00 17.11 ? 72  ILE B C   1 
ATOM   1315 O  O   . ILE B 1 72 ? -8.515  -2.864  17.288  1.00 18.04 ? 72  ILE B O   1 
ATOM   1316 C  CB  . ILE B 1 72 ? -8.167  -4.825  19.642  1.00 18.90 ? 72  ILE B CB  1 
ATOM   1317 C  CG1 . ILE B 1 72 ? -7.307  -5.452  20.740  1.00 23.45 ? 72  ILE B CG1 1 
ATOM   1318 C  CG2 . ILE B 1 72 ? -9.308  -5.782  19.508  1.00 13.29 ? 72  ILE B CG2 1 
ATOM   1319 C  CD1 . ILE B 1 72 ? -7.593  -4.880  22.146  1.00 28.93 ? 72  ILE B CD1 1 
ATOM   1320 N  N   . GLY B 1 73 ? -8.728  -4.804  16.258  1.00 16.51 ? 73  GLY B N   1 
ATOM   1321 C  CA  . GLY B 1 73 ? -9.601  -4.165  15.310  1.00 15.71 ? 73  GLY B CA  1 
ATOM   1322 C  C   . GLY B 1 73 ? -10.115 -5.189  14.347  1.00 15.65 ? 73  GLY B C   1 
ATOM   1323 O  O   . GLY B 1 73 ? -9.942  -6.388  14.562  1.00 16.14 ? 73  GLY B O   1 
ATOM   1324 N  N   . THR B 1 74 ? -10.787 -4.683  13.321  1.00 13.92 ? 74  THR B N   1 
ATOM   1325 C  CA  . THR B 1 74 ? -11.341 -5.503  12.281  1.00 15.23 ? 74  THR B CA  1 
ATOM   1326 C  C   . THR B 1 74 ? -10.261 -6.022  11.363  1.00 16.10 ? 74  THR B C   1 
ATOM   1327 O  O   . THR B 1 74 ? -9.330  -5.279  11.048  1.00 16.97 ? 74  THR B O   1 
ATOM   1328 C  CB  . THR B 1 74 ? -12.335 -4.677  11.508  1.00 14.94 ? 74  THR B CB  1 
ATOM   1329 O  OG1 . THR B 1 74 ? -13.222 -4.256  12.523  1.00 20.37 ? 74  THR B OG1 1 
ATOM   1330 C  CG2 . THR B 1 74 ? -13.028 -5.397  10.385  1.00 15.74 ? 74  THR B CG2 1 
ATOM   1331 N  N   . VAL B 1 75 ? -10.411 -7.288  10.972  1.00 14.61 ? 75  VAL B N   1 
ATOM   1332 C  CA  . VAL B 1 75 ? -9.476  -7.975  10.117  1.00 16.14 ? 75  VAL B CA  1 
ATOM   1333 C  C   . VAL B 1 75 ? -10.342 -8.600  8.995   1.00 16.72 ? 75  VAL B C   1 
ATOM   1334 O  O   . VAL B 1 75 ? -11.408 -9.193  9.294   1.00 17.29 ? 75  VAL B O   1 
ATOM   1335 C  CB  . VAL B 1 75 ? -8.826  -8.906  11.135  1.00 14.12 ? 75  VAL B CB  1 
ATOM   1336 C  CG1 . VAL B 1 75 ? -8.671  -10.278 10.617  1.00 19.99 ? 75  VAL B CG1 1 
ATOM   1337 C  CG2 . VAL B 1 75 ? -7.530  -8.270  11.559  1.00 19.94 ? 75  VAL B CG2 1 
ATOM   1338 N  N   . LEU B 1 76 ? -9.935  -8.519  7.722   1.00 14.02 ? 76  LEU B N   1 
ATOM   1339 C  CA  . LEU B 1 76 ? -10.663 -9.182  6.651   1.00 14.58 ? 76  LEU B CA  1 
ATOM   1340 C  C   . LEU B 1 76 ? -9.853  -10.390 6.246   1.00 15.03 ? 76  LEU B C   1 
ATOM   1341 O  O   . LEU B 1 76 ? -8.655  -10.254 5.996   1.00 16.24 ? 76  LEU B O   1 
ATOM   1342 C  CB  . LEU B 1 76 ? -10.821 -8.279  5.452   1.00 13.16 ? 76  LEU B CB  1 
ATOM   1343 C  CG  . LEU B 1 76 ? -11.493 -6.931  5.765   1.00 17.77 ? 76  LEU B CG  1 
ATOM   1344 C  CD1 . LEU B 1 76 ? -11.391 -6.022  4.563   1.00 18.40 ? 76  LEU B CD1 1 
ATOM   1345 C  CD2 . LEU B 1 76 ? -12.937 -7.122  6.152   1.00 17.34 ? 76  LEU B CD2 1 
ATOM   1346 N  N   . VAL B 1 77 ? -10.403 -11.595 6.206   1.00 13.38 ? 77  VAL B N   1 
ATOM   1347 C  CA  . VAL B 1 77 ? -9.654  -12.793 5.852   1.00 14.37 ? 77  VAL B CA  1 
ATOM   1348 C  C   . VAL B 1 77 ? -10.031 -13.172 4.440   1.00 14.95 ? 77  VAL B C   1 
ATOM   1349 O  O   . VAL B 1 77 ? -11.223 -13.290 4.187   1.00 17.21 ? 77  VAL B O   1 
ATOM   1350 C  CB  . VAL B 1 77 ? -9.987  -13.965 6.819   1.00 16.01 ? 77  VAL B CB  1 
ATOM   1351 C  CG1 . VAL B 1 77 ? -9.319  -15.269 6.430   1.00 19.35 ? 77  VAL B CG1 1 
ATOM   1352 C  CG2 . VAL B 1 77 ? -9.474  -13.559 8.210   1.00 19.98 ? 77  VAL B CG2 1 
ATOM   1353 N  N   . GLY B 1 78 ? -9.120  -13.408 3.511   1.00 15.03 ? 78  GLY B N   1 
ATOM   1354 C  CA  . GLY B 1 78 ? -9.487  -13.772 2.176   1.00 13.80 ? 78  GLY B CA  1 
ATOM   1355 C  C   . GLY B 1 78 ? -8.304  -14.364 1.472   1.00 15.04 ? 78  GLY B C   1 
ATOM   1356 O  O   . GLY B 1 78 ? -7.250  -14.551 2.079   1.00 15.99 ? 78  GLY B O   1 
ATOM   1357 N  N   . PRO B 1 79 ? -8.393  -14.735 0.192   1.00 16.83 ? 79  PRO B N   1 
ATOM   1358 C  CA  . PRO B 1 79 ? -7.335  -15.421 -0.531  1.00 17.27 ? 79  PRO B CA  1 
ATOM   1359 C  C   . PRO B 1 79 ? -6.225  -14.446 -0.932  1.00 18.69 ? 79  PRO B C   1 
ATOM   1360 O  O   . PRO B 1 79 ? -6.173  -13.966 -2.058  1.00 21.24 ? 79  PRO B O   1 
ATOM   1361 C  CB  . PRO B 1 79 ? -8.093  -16.057 -1.687  1.00 16.96 ? 79  PRO B CB  1 
ATOM   1362 C  CG  . PRO B 1 79 ? -9.104  -14.932 -2.017  1.00 15.13 ? 79  PRO B CG  1 
ATOM   1363 C  CD  . PRO B 1 79 ? -9.573  -14.510 -0.663  1.00 15.01 ? 79  PRO B CD  1 
ATOM   1364 N  N   . THR B 1 80 ? -5.303  -14.116 -0.052  1.00 19.47 ? 80  THR B N   1 
ATOM   1365 C  CA  . THR B 1 80 ? -4.231  -13.219 -0.394  1.00 18.99 ? 80  THR B CA  1 
ATOM   1366 C  C   . THR B 1 80 ? -2.947  -13.991 -0.132  1.00 20.99 ? 80  THR B C   1 
ATOM   1367 O  O   . THR B 1 80 ? -2.855  -14.788 0.827   1.00 21.38 ? 80  THR B O   1 
ATOM   1368 C  CB  . THR B 1 80 ? -4.331  -11.901 0.466   1.00 18.48 ? 80  THR B CB  1 
ATOM   1369 O  OG1 . THR B 1 80 ? -3.126  -11.197 0.153   1.00 21.34 ? 80  THR B OG1 1 
ATOM   1370 C  CG2 . THR B 1 80 ? -4.472  -12.099 1.969   1.00 17.14 ? 80  THR B CG2 1 
ATOM   1371 N  N   . PRO B 1 81 ? -1.913  -13.776 -0.975  1.00 22.92 ? 81  PRO B N   1 
ATOM   1372 C  CA  . PRO B 1 81 ? -0.620  -14.395 -0.774  1.00 22.85 ? 81  PRO B CA  1 
ATOM   1373 C  C   . PRO B 1 81 ? 0.134   -13.740 0.387   1.00 23.45 ? 81  PRO B C   1 
ATOM   1374 O  O   . PRO B 1 81 ? 0.956   -14.425 1.012   1.00 23.53 ? 81  PRO B O   1 
ATOM   1375 C  CB  . PRO B 1 81 ? 0.022   -14.260 -2.132  1.00 23.90 ? 81  PRO B CB  1 
ATOM   1376 C  CG  . PRO B 1 81 ? -0.544  -12.941 -2.677  1.00 21.35 ? 81  PRO B CG  1 
ATOM   1377 C  CD  . PRO B 1 81 ? -1.931  -12.915 -2.176  1.00 23.01 ? 81  PRO B CD  1 
ATOM   1378 N  N   . VAL B 1 82 ? -0.175  -12.462 0.715   1.00 22.30 ? 82  VAL B N   1 
ATOM   1379 C  CA  . VAL B 1 82 ? 0.477   -11.690 1.772   1.00 20.81 ? 82  VAL B CA  1 
ATOM   1380 C  C   . VAL B 1 82 ? -0.536  -11.204 2.761   1.00 19.01 ? 82  VAL B C   1 
ATOM   1381 O  O   . VAL B 1 82 ? -1.608  -10.751 2.386   1.00 18.59 ? 82  VAL B O   1 
ATOM   1382 C  CB  . VAL B 1 82 ? 1.153   -10.320 1.404   1.00 23.14 ? 82  VAL B CB  1 
ATOM   1383 C  CG1 . VAL B 1 82 ? 2.612   -10.354 1.858   1.00 21.37 ? 82  VAL B CG1 1 
ATOM   1384 C  CG2 . VAL B 1 82 ? 0.913   -9.993  -0.060  1.00 26.21 ? 82  VAL B CG2 1 
ATOM   1385 N  N   . ASN B 1 83 ? -0.139  -11.178 4.021   1.00 18.79 ? 83  ASN B N   1 
ATOM   1386 C  CA  . ASN B 1 83 ? -0.895  -10.466 5.035   1.00 16.72 ? 83  ASN B CA  1 
ATOM   1387 C  C   . ASN B 1 83 ? -0.564  -8.962  4.891   1.00 15.26 ? 83  ASN B C   1 
ATOM   1388 O  O   . ASN B 1 83 ? 0.607   -8.550  4.830   1.00 14.81 ? 83  ASN B O   1 
ATOM   1389 C  CB  . ASN B 1 83 ? -0.474  -10.958 6.401   1.00 18.01 ? 83  ASN B CB  1 
ATOM   1390 C  CG  . ASN B 1 83 ? -0.797  -12.414 6.528   1.00 20.78 ? 83  ASN B CG  1 
ATOM   1391 O  OD1 . ASN B 1 83 ? -1.927  -12.835 6.271   1.00 21.65 ? 83  ASN B OD1 1 
ATOM   1392 N  ND2 . ASN B 1 83 ? 0.206   -13.220 6.874   1.00 19.90 ? 83  ASN B ND2 1 
ATOM   1393 N  N   . ILE B 1 84 ? -1.585  -8.121  4.787   1.00 12.87 ? 84  ILE B N   1 
ATOM   1394 C  CA  . ILE B 1 84 ? -1.453  -6.691  4.628   1.00 12.52 ? 84  ILE B CA  1 
ATOM   1395 C  C   . ILE B 1 84 ? -2.039  -6.007  5.863   1.00 12.10 ? 84  ILE B C   1 
ATOM   1396 O  O   . ILE B 1 84 ? -3.244  -6.179  6.177   1.00 13.71 ? 84  ILE B O   1 
ATOM   1397 C  CB  . ILE B 1 84 ? -2.214  -6.304  3.322   1.00 12.39 ? 84  ILE B CB  1 
ATOM   1398 C  CG1 . ILE B 1 84 ? -1.447  -6.820  2.160   1.00 14.77 ? 84  ILE B CG1 1 
ATOM   1399 C  CG2 . ILE B 1 84 ? -2.376  -4.798  3.182   1.00 13.15 ? 84  ILE B CG2 1 
ATOM   1400 C  CD1 . ILE B 1 84 ? -2.318  -7.429  1.091   1.00 17.07 ? 84  ILE B CD1 1 
ATOM   1401 N  N   . ILE B 1 85 ? -1.225  -5.194  6.532   1.00 8.68  ? 85  ILE B N   1 
ATOM   1402 C  CA  . ILE B 1 85 ? -1.669  -4.458  7.692   1.00 10.51 ? 85  ILE B CA  1 
ATOM   1403 C  C   . ILE B 1 85 ? -2.035  -3.096  7.143   1.00 11.81 ? 85  ILE B C   1 
ATOM   1404 O  O   . ILE B 1 85 ? -1.122  -2.424  6.680   1.00 12.16 ? 85  ILE B O   1 
ATOM   1405 C  CB  . ILE B 1 85 ? -0.553  -4.251  8.761   1.00 8.78  ? 85  ILE B CB  1 
ATOM   1406 C  CG1 . ILE B 1 85 ? -0.066  -5.634  9.249   1.00 13.52 ? 85  ILE B CG1 1 
ATOM   1407 C  CG2 . ILE B 1 85 ? -1.054  -3.321  9.843   1.00 7.66  ? 85  ILE B CG2 1 
ATOM   1408 C  CD1 . ILE B 1 85 ? -1.146  -6.610  9.752   1.00 18.06 ? 85  ILE B CD1 1 
ATOM   1409 N  N   . GLY B 1 86 ? -3.292  -2.660  7.243   1.00 11.15 ? 86  GLY B N   1 
ATOM   1410 C  CA  . GLY B 1 86 ? -3.711  -1.358  6.746   1.00 12.56 ? 86  GLY B CA  1 
ATOM   1411 C  C   . GLY B 1 86 ? -3.767  -0.322  7.839   1.00 10.05 ? 86  GLY B C   1 
ATOM   1412 O  O   . GLY B 1 86 ? -3.454  -0.570  9.013   1.00 11.08 ? 86  GLY B O   1 
ATOM   1413 N  N   . ARG B 1 87 ? -4.205  0.855   7.453   1.00 7.81  ? 87  ARG B N   1 
ATOM   1414 C  CA  . ARG B 1 87 ? -4.262  2.017   8.311   1.00 9.18  ? 87  ARG B CA  1 
ATOM   1415 C  C   . ARG B 1 87 ? -5.088  1.863   9.555   1.00 10.68 ? 87  ARG B C   1 
ATOM   1416 O  O   . ARG B 1 87 ? -4.734  2.494   10.559  1.00 11.32 ? 87  ARG B O   1 
ATOM   1417 C  CB  . ARG B 1 87 ? -4.802  3.192   7.533   1.00 11.65 ? 87  ARG B CB  1 
ATOM   1418 C  CG  . ARG B 1 87 ? -3.837  3.704   6.464   1.00 11.51 ? 87  ARG B CG  1 
ATOM   1419 C  CD  . ARG B 1 87 ? -4.646  4.422   5.409   1.00 18.07 ? 87  ARG B CD  1 
ATOM   1420 N  NE  . ARG B 1 87 ? -5.402  5.475   5.985   1.00 18.85 ? 87  ARG B NE  1 
ATOM   1421 C  CZ  . ARG B 1 87 ? -6.743  5.592   6.073   1.00 18.12 ? 87  ARG B CZ  1 
ATOM   1422 N  NH1 . ARG B 1 87 ? -7.682  4.927   5.415   1.00 20.32 ? 87  ARG B NH1 1 
ATOM   1423 N  NH2 . ARG B 1 87 ? -7.177  6.540   6.854   1.00 18.59 ? 87  ARG B NH2 1 
ATOM   1424 N  N   . ASN B 1 88 ? -6.105  0.981   9.553   1.00 10.98 ? 88  ASN B N   1 
ATOM   1425 C  CA  . ASN B 1 88 ? -6.924  0.807   10.751  1.00 11.86 ? 88  ASN B CA  1 
ATOM   1426 C  C   . ASN B 1 88 ? -6.082  0.261   11.885  1.00 11.94 ? 88  ASN B C   1 
ATOM   1427 O  O   . ASN B 1 88 ? -6.281  0.650   13.034  1.00 14.23 ? 88  ASN B O   1 
ATOM   1428 C  CB  . ASN B 1 88 ? -8.112  -0.137  10.464  1.00 10.48 ? 88  ASN B CB  1 
ATOM   1429 C  CG  . ASN B 1 88 ? -7.741  -1.579  10.147  1.00 12.08 ? 88  ASN B CG  1 
ATOM   1430 O  OD1 . ASN B 1 88 ? -6.870  -1.859  9.331   1.00 15.46 ? 88  ASN B OD1 1 
ATOM   1431 N  ND2 . ASN B 1 88 ? -8.366  -2.545  10.794  1.00 13.77 ? 88  ASN B ND2 1 
ATOM   1432 N  N   . LEU B 1 89 ? -5.072  -0.562  11.645  1.00 11.82 ? 89  LEU B N   1 
ATOM   1433 C  CA  . LEU B 1 89 ? -4.244  -1.042  12.730  1.00 11.46 ? 89  LEU B CA  1 
ATOM   1434 C  C   . LEU B 1 89 ? -3.003  -0.200  12.790  1.00 12.74 ? 89  LEU B C   1 
ATOM   1435 O  O   . LEU B 1 89 ? -2.535  0.059   13.903  1.00 15.79 ? 89  LEU B O   1 
ATOM   1436 C  CB  . LEU B 1 89 ? -3.892  -2.530  12.546  1.00 9.13  ? 89  LEU B CB  1 
ATOM   1437 C  CG  . LEU B 1 89 ? -5.122  -3.516  12.600  1.00 11.02 ? 89  LEU B CG  1 
ATOM   1438 C  CD1 . LEU B 1 89 ? -4.716  -4.958  12.658  1.00 12.53 ? 89  LEU B CD1 1 
ATOM   1439 C  CD2 . LEU B 1 89 ? -5.889  -3.271  13.853  1.00 14.30 ? 89  LEU B CD2 1 
ATOM   1440 N  N   . LEU B 1 90 ? -2.465  0.351   11.705  1.00 13.15 ? 90  LEU B N   1 
ATOM   1441 C  CA  . LEU B 1 90 ? -1.250  1.191   11.757  1.00 12.59 ? 90  LEU B CA  1 
ATOM   1442 C  C   . LEU B 1 90 ? -1.325  2.418   12.644  1.00 12.74 ? 90  LEU B C   1 
ATOM   1443 O  O   . LEU B 1 90 ? -0.334  2.764   13.297  1.00 13.17 ? 90  LEU B O   1 
ATOM   1444 C  CB  . LEU B 1 90 ? -0.823  1.685   10.344  1.00 10.84 ? 90  LEU B CB  1 
ATOM   1445 C  CG  . LEU B 1 90 ? -0.319  0.621   9.381   1.00 10.66 ? 90  LEU B CG  1 
ATOM   1446 C  CD1 . LEU B 1 90 ? -0.149  1.290   8.046   1.00 11.28 ? 90  LEU B CD1 1 
ATOM   1447 C  CD2 . LEU B 1 90 ? 0.973   -0.033  9.884   1.00 9.91  ? 90  LEU B CD2 1 
ATOM   1448 N  N   . THR B 1 91 ? -2.490  3.037   12.781  1.00 13.45 ? 91  THR B N   1 
ATOM   1449 C  CA  . THR B 1 91 ? -2.626  4.171   13.664  1.00 15.47 ? 91  THR B CA  1 
ATOM   1450 C  C   . THR B 1 91 ? -2.570  3.750   15.134  1.00 15.46 ? 91  THR B C   1 
ATOM   1451 O  O   . THR B 1 91 ? -2.073  4.499   15.989  1.00 16.00 ? 91  THR B O   1 
ATOM   1452 C  CB  . THR B 1 91 ? -3.924  4.844   13.335  1.00 15.96 ? 91  THR B CB  1 
ATOM   1453 O  OG1 . THR B 1 91 ? -4.900  3.835   13.475  1.00 17.58 ? 91  THR B OG1 1 
ATOM   1454 C  CG2 . THR B 1 91 ? -3.956  5.459   11.956  1.00 18.26 ? 91  THR B CG2 1 
ATOM   1455 N  N   . GLN B 1 92 ? -2.983  2.512   15.396  1.00 16.01 ? 92  GLN B N   1 
ATOM   1456 C  CA  . GLN B 1 92 ? -3.032  1.977   16.739  1.00 17.37 ? 92  GLN B CA  1 
ATOM   1457 C  C   . GLN B 1 92 ? -1.699  1.724   17.356  1.00 18.76 ? 92  GLN B C   1 
ATOM   1458 O  O   . GLN B 1 92 ? -1.561  1.690   18.580  1.00 21.86 ? 92  GLN B O   1 
ATOM   1459 C  CB  . GLN B 1 92 ? -3.783  0.689   16.775  1.00 15.86 ? 92  GLN B CB  1 
ATOM   1460 C  CG  . GLN B 1 92 ? -5.272  0.968   16.677  1.00 15.56 ? 92  GLN B CG  1 
ATOM   1461 C  CD  . GLN B 1 92 ? -6.055  -0.279  16.932  1.00 16.07 ? 92  GLN B CD  1 
ATOM   1462 O  OE1 . GLN B 1 92 ? -5.616  -1.186  17.633  1.00 19.18 ? 92  GLN B OE1 1 
ATOM   1463 N  NE2 . GLN B 1 92 ? -7.233  -0.396  16.375  1.00 20.02 ? 92  GLN B NE2 1 
ATOM   1464 N  N   . ILE B 1 93 ? -0.703  1.464   16.525  1.00 17.59 ? 93  ILE B N   1 
ATOM   1465 C  CA  . ILE B 1 93 ? 0.615   1.270   17.053  1.00 14.08 ? 93  ILE B CA  1 
ATOM   1466 C  C   . ILE B 1 93 ? 1.419   2.563   16.925  1.00 14.53 ? 93  ILE B C   1 
ATOM   1467 O  O   . ILE B 1 93 ? 2.631   2.516   17.154  1.00 16.07 ? 93  ILE B O   1 
ATOM   1468 C  CB  . ILE B 1 93 ? 1.302   0.087   16.326  1.00 12.06 ? 93  ILE B CB  1 
ATOM   1469 C  CG1 . ILE B 1 93 ? 1.584   0.365   14.857  1.00 14.93 ? 93  ILE B CG1 1 
ATOM   1470 C  CG2 . ILE B 1 93 ? 0.376   -1.136  16.502  1.00 13.81 ? 93  ILE B CG2 1 
ATOM   1471 C  CD1 . ILE B 1 93 ? 2.383   -0.758  14.189  1.00 14.89 ? 93  ILE B CD1 1 
ATOM   1472 N  N   . GLY B 1 94 ? 0.770   3.696   16.596  1.00 14.15 ? 94  GLY B N   1 
ATOM   1473 C  CA  . GLY B 1 94 ? 1.398   4.999   16.417  1.00 14.91 ? 94  GLY B CA  1 
ATOM   1474 C  C   . GLY B 1 94 ? 2.330   5.131   15.208  1.00 17.48 ? 94  GLY B C   1 
ATOM   1475 O  O   . GLY B 1 94 ? 3.299   5.890   15.295  1.00 17.51 ? 94  GLY B O   1 
ATOM   1476 N  N   . CYS B 1 95 ? 2.059   4.472   14.075  1.00 16.07 ? 95  CYS B N   1 
ATOM   1477 C  CA  . CYS B 1 95 ? 2.913   4.496   12.892  1.00 17.20 ? 95  CYS B CA  1 
ATOM   1478 C  C   . CYS B 1 95 ? 2.592   5.739   12.056  1.00 18.92 ? 95  CYS B C   1 
ATOM   1479 O  O   . CYS B 1 95 ? 1.405   6.086   11.888  1.00 19.96 ? 95  CYS B O   1 
ATOM   1480 C  CB  . CYS B 1 95 ? 2.656   3.237   12.072  1.00 20.57 ? 95  CYS B CB  1 
ATOM   1481 S  SG  . CYS B 1 95 ? 3.635   3.086   10.553  1.00 24.82 ? 95  CYS B SG  1 
ATOM   1482 N  N   . THR B 1 96 ? 3.682   6.359   11.541  1.00 18.60 ? 96  THR B N   1 
ATOM   1483 C  CA  . THR B 1 96 ? 3.661   7.576   10.747  1.00 18.15 ? 96  THR B CA  1 
ATOM   1484 C  C   . THR B 1 96 ? 4.562   7.489   9.498   1.00 17.64 ? 96  THR B C   1 
ATOM   1485 O  O   . THR B 1 96 ? 5.494   6.682   9.427   1.00 17.80 ? 96  THR B O   1 
ATOM   1486 C  CB  . THR B 1 96 ? 4.069   8.683   11.751  1.00 18.82 ? 96  THR B CB  1 
ATOM   1487 O  OG1 . THR B 1 96 ? 3.648   9.930   11.225  1.00 27.90 ? 96  THR B OG1 1 
ATOM   1488 C  CG2 . THR B 1 96 ? 5.523   8.667   12.028  1.00 8.10  ? 96  THR B CG2 1 
ATOM   1489 N  N   . LEU B 1 97 ? 4.304   8.252   8.437   1.00 18.03 ? 97  LEU B N   1 
ATOM   1490 C  CA  . LEU B 1 97 ? 5.192   8.349   7.271   1.00 17.91 ? 97  LEU B CA  1 
ATOM   1491 C  C   . LEU B 1 97 ? 5.945   9.639   7.474   1.00 17.61 ? 97  LEU B C   1 
ATOM   1492 O  O   . LEU B 1 97 ? 5.319   10.635  7.849   1.00 19.65 ? 97  LEU B O   1 
ATOM   1493 C  CB  . LEU B 1 97 ? 4.505   8.539   5.939   1.00 13.79 ? 97  LEU B CB  1 
ATOM   1494 C  CG  . LEU B 1 97 ? 4.030   7.386   5.216   1.00 15.99 ? 97  LEU B CG  1 
ATOM   1495 C  CD1 . LEU B 1 97 ? 3.118   7.898   4.094   1.00 19.26 ? 97  LEU B CD1 1 
ATOM   1496 C  CD2 . LEU B 1 97 ? 5.205   6.595   4.694   1.00 17.26 ? 97  LEU B CD2 1 
ATOM   1497 N  N   . ASN B 1 98 ? 7.230   9.696   7.146   1.00 18.02 ? 98  ASN B N   1 
ATOM   1498 C  CA  . ASN B 1 98 ? 8.008   10.898  7.403   1.00 20.28 ? 98  ASN B CA  1 
ATOM   1499 C  C   . ASN B 1 98 ? 8.996   11.087  6.295   1.00 20.59 ? 98  ASN B C   1 
ATOM   1500 O  O   . ASN B 1 98 ? 9.527   10.088  5.803   1.00 20.07 ? 98  ASN B O   1 
ATOM   1501 C  CB  . ASN B 1 98 ? 8.875   10.849  8.667   1.00 22.67 ? 98  ASN B CB  1 
ATOM   1502 C  CG  . ASN B 1 98 ? 8.124   10.727  9.974   1.00 26.74 ? 98  ASN B CG  1 
ATOM   1503 O  OD1 . ASN B 1 98 ? 7.576   9.665   10.254  1.00 23.86 ? 98  ASN B OD1 1 
ATOM   1504 N  ND2 . ASN B 1 98 ? 8.101   11.763  10.805  1.00 25.61 ? 98  ASN B ND2 1 
ATOM   1505 N  N   . PHE B 1 99 ? 9.123   12.328  5.846   1.00 22.25 ? 99  PHE B N   1 
ATOM   1506 C  CA  . PHE B 1 99 ? 10.177  12.708  4.921   1.00 26.12 ? 99  PHE B CA  1 
ATOM   1507 C  C   . PHE B 1 99 ? 10.410  14.216  5.044   1.00 27.90 ? 99  PHE B C   1 
ATOM   1508 O  O   . PHE B 1 99 ? 11.104  14.795  4.217   1.00 31.68 ? 99  PHE B O   1 
ATOM   1509 C  CB  . PHE B 1 99 ? 9.791   12.319  3.468   1.00 26.48 ? 99  PHE B CB  1 
ATOM   1510 C  CG  . PHE B 1 99 ? 8.563   12.958  2.859   1.00 28.18 ? 99  PHE B CG  1 
ATOM   1511 C  CD1 . PHE B 1 99 ? 7.343   12.401  3.069   1.00 27.81 ? 99  PHE B CD1 1 
ATOM   1512 C  CD2 . PHE B 1 99 ? 8.676   14.099  2.092   1.00 30.83 ? 99  PHE B CD2 1 
ATOM   1513 C  CE1 . PHE B 1 99 ? 6.239   12.984  2.495   1.00 31.65 ? 99  PHE B CE1 1 
ATOM   1514 C  CE2 . PHE B 1 99 ? 7.572   14.680  1.521   1.00 31.37 ? 99  PHE B CE2 1 
ATOM   1515 C  CZ  . PHE B 1 99 ? 6.348   14.117  1.717   1.00 30.72 ? 99  PHE B CZ  1 
ATOM   1516 O  OXT . PHE B 1 99 ? 9.835   14.848  5.943   1.00 30.06 ? 99  PHE B OXT 1 
HETATM 1517 CL CL  . CL  C 2 .  ? -3.458  -4.620  -4.787  1.00 28.41 ? 203 CL  A CL  1 
HETATM 1518 N  N1  . THK D 3 .  ? -1.796  -3.791  -2.440  1.00 27.85 ? 201 THK A N1  1 
HETATM 1519 C  C2  . THK D 3 .  ? -2.785  -3.482  -1.386  1.00 24.06 ? 201 THK A C2  1 
HETATM 1520 C  C3  . THK D 3 .  ? -3.857  -2.480  -1.833  1.00 21.33 ? 201 THK A C3  1 
HETATM 1521 C  C4  . THK D 3 .  ? -3.312  -1.179  -2.427  1.00 23.88 ? 201 THK A C4  1 
HETATM 1522 O  O19 . THK D 3 .  ? -2.693  -0.495  -1.340  1.00 23.13 ? 201 THK A O19 1 
HETATM 1523 C  C5  . THK D 3 .  ? -2.173  -1.497  -3.450  1.00 23.64 ? 201 THK A C5  1 
HETATM 1524 C  C6  . THK D 3 .  ? -1.159  -2.603  -3.070  1.00 25.60 ? 201 THK A C6  1 
HETATM 1525 C  C7  . THK D 3 .  ? -0.821  -4.721  -1.841  1.00 25.64 ? 201 THK A C7  1 
HETATM 1526 C  C8  . THK D 3 .  ? -0.079  -5.507  -2.906  1.00 28.43 ? 201 THK A C8  1 
HETATM 1527 C  C9  . THK D 3 .  ? 1.023   -6.336  -2.310  1.00 40.94 ? 201 THK A C9  1 
HETATM 1528 C  C10 . THK D 3 .  ? 1.885   -7.113  -3.314  1.00 49.25 ? 201 THK A C10 1 
HETATM 1529 C  C12 . THK D 3 .  ? 2.359   -6.215  -4.304  1.00 54.37 ? 201 THK A C12 1 
HETATM 1530 C  C13 . THK D 3 .  ? 3.101   -5.093  -3.929  1.00 59.10 ? 201 THK A C13 1 
HETATM 1531 C  C14 . THK D 3 .  ? 3.427   -4.122  -4.887  1.00 61.01 ? 201 THK A C14 1 
HETATM 1532 C  C15 . THK D 3 .  ? 3.033   -4.244  -6.232  1.00 63.06 ? 201 THK A C15 1 
HETATM 1533 F  F18 . THK D 3 .  ? 3.296   -3.215  -7.117  1.00 64.10 ? 201 THK A F18 1 
HETATM 1534 C  C16 . THK D 3 .  ? 2.361   -5.416  -6.621  1.00 63.95 ? 201 THK A C16 1 
HETATM 1535 C  C17 . THK D 3 .  ? 2.051   -6.406  -5.668  1.00 58.95 ? 201 THK A C17 1 
HETATM 1536 C  C20 . THK D 3 .  ? -4.388  -0.377  -2.930  1.00 22.82 ? 201 THK A C20 1 
HETATM 1537 C  C21 . THK D 3 .  ? -5.139  -0.821  -4.029  1.00 21.26 ? 201 THK A C21 1 
HETATM 1538 C  C22 . THK D 3 .  ? -6.197  -0.058  -4.551  1.00 21.34 ? 201 THK A C22 1 
HETATM 1539 C  C23 . THK D 3 .  ? -6.524  1.172   -3.987  1.00 24.43 ? 201 THK A C23 1 
HETATM 1540 CL CL6 . THK D 3 .  ? -7.836  2.127   -4.633  1.00 28.61 ? 201 THK A CL6 1 
HETATM 1541 C  C24 . THK D 3 .  ? -5.778  1.631   -2.906  1.00 21.40 ? 201 THK A C24 1 
HETATM 1542 C  C25 . THK D 3 .  ? -4.719  0.877   -2.383  1.00 22.19 ? 201 THK A C25 1 
HETATM 1543 S  S51 . THK D 3 .  ? 0.701   -8.266  -4.030  1.00 55.03 ? 201 THK A S51 1 
HETATM 1544 C  C52 . THK D 3 .  ? 1.873   -9.686  -4.112  1.00 56.40 ? 201 THK A C52 1 
HETATM 1545 C  C55 . THK D 3 .  ? 3.141   -9.556  -3.259  1.00 54.58 ? 201 THK A C55 1 
HETATM 1546 S  S58 . THK D 3 .  ? 3.215   -7.985  -2.371  1.00 52.49 ? 201 THK A S58 1 
HETATM 1547 CL CL  . CL  E 2 .  ? -10.332 0.300   -3.608  1.00 56.38 ? 204 CL  B CL  1 
HETATM 1548 N  N1  . THK F 3 .  ? -10.233 1.076   -0.934  1.00 29.05 ? 202 THK B N1  1 
HETATM 1549 C  C2  . THK F 3 .  ? -8.824  1.357   -0.680  1.00 30.38 ? 202 THK B C2  1 
HETATM 1550 C  C3  . THK F 3 .  ? -7.980  0.080   -0.650  1.00 29.37 ? 202 THK B C3  1 
HETATM 1551 C  C4  . THK F 3 .  ? -8.561  -1.031  0.211   1.00 28.39 ? 202 THK B C4  1 
HETATM 1552 O  O19 . THK F 3 .  ? -8.531  -0.476  1.525   1.00 26.05 ? 202 THK B O19 1 
HETATM 1553 C  C5  . THK F 3 .  ? -10.017 -1.309  -0.132  1.00 28.67 ? 202 THK B C5  1 
HETATM 1554 C  C6  . THK F 3 .  ? -10.808 0.001   -0.121  1.00 31.24 ? 202 THK B C6  1 
HETATM 1555 C  C7  . THK F 3 .  ? -11.159 2.189   -0.740  1.00 38.05 ? 202 THK B C7  1 
HETATM 1556 C  C8  . THK F 3 .  ? -10.928 3.433   -1.582  1.00 42.50 ? 202 THK B C8  1 
HETATM 1557 C  C9  . THK F 3 .  ? -11.029 3.186   -3.081  1.00 49.11 ? 202 THK B C9  1 
HETATM 1558 C  C10 . THK F 3 .  ? -11.027 4.430   -3.998  1.00 51.18 ? 202 THK B C10 1 
HETATM 1559 C  C12 . THK F 3 .  ? -10.114 5.367   -3.509  1.00 46.52 ? 202 THK B C12 1 
HETATM 1560 C  C13 . THK F 3 .  ? -8.779  4.975   -3.494  1.00 44.98 ? 202 THK B C13 1 
HETATM 1561 C  C14 . THK F 3 .  ? -7.817  5.840   -3.073  1.00 42.63 ? 202 THK B C14 1 
HETATM 1562 C  C15 . THK F 3 .  ? -8.194  7.080   -2.654  1.00 40.90 ? 202 THK B C15 1 
HETATM 1563 F  F18 . THK F 3 .  ? -7.196  7.874   -2.249  1.00 50.27 ? 202 THK B F18 1 
HETATM 1564 C  C16 . THK F 3 .  ? -9.516  7.503   -2.653  1.00 43.24 ? 202 THK B C16 1 
HETATM 1565 C  C17 . THK F 3 .  ? -10.506 6.643   -3.099  1.00 45.27 ? 202 THK B C17 1 
HETATM 1566 C  C20 . THK F 3 .  ? -7.805  -2.227  0.127   1.00 24.75 ? 202 THK B C20 1 
HETATM 1567 C  C21 . THK F 3 .  ? -7.142  -2.804  1.243   1.00 20.51 ? 202 THK B C21 1 
HETATM 1568 C  C22 . THK F 3 .  ? -6.394  -3.974  1.112   1.00 21.32 ? 202 THK B C22 1 
HETATM 1569 C  C23 . THK F 3 .  ? -6.299  -4.582  -0.135  1.00 26.65 ? 202 THK B C23 1 
HETATM 1570 CL CL6 . THK F 3 .  ? -5.386  -6.027  -0.373  1.00 25.54 ? 202 THK B CL6 1 
HETATM 1571 C  C24 . THK F 3 .  ? -6.951  -4.022  -1.244  1.00 26.78 ? 202 THK B C24 1 
HETATM 1572 C  C25 . THK F 3 .  ? -7.703  -2.854  -1.115  1.00 22.27 ? 202 THK B C25 1 
HETATM 1573 S  S51 . THK F 3 .  ? -12.755 4.983   -4.085  1.00 55.08 ? 202 THK B S51 1 
HETATM 1574 C  C52 . THK F 3 .  ? -12.949 5.167   -5.891  1.00 55.41 ? 202 THK B C52 1 
HETATM 1575 C  C55 . THK F 3 .  ? -11.748 4.732   -6.723  1.00 54.81 ? 202 THK B C55 1 
HETATM 1576 S  S58 . THK F 3 .  ? -10.430 4.039   -5.702  1.00 57.25 ? 202 THK B S58 1 
HETATM 1577 O  O   . HOH G 4 .  ? 6.102   -3.069  -1.095  1.00 21.01 ? 305 HOH A O   1 
HETATM 1578 O  O   . HOH G 4 .  ? 10.729  -0.594  -6.104  1.00 29.13 ? 307 HOH A O   1 
HETATM 1579 O  O   . HOH G 4 .  ? 0.518   17.775  -1.212  1.00 38.48 ? 309 HOH A O   1 
HETATM 1580 O  O   . HOH G 4 .  ? -6.999  -2.475  -11.685 1.00 30.49 ? 312 HOH A O   1 
HETATM 1581 O  O   . HOH G 4 .  ? 13.243  4.735   2.543   1.00 12.95 ? 317 HOH A O   1 
HETATM 1582 O  O   . HOH G 4 .  ? 7.926   17.565  -12.789 1.00 37.39 ? 327 HOH A O   1 
HETATM 1583 O  O   . HOH G 4 .  ? 16.821  10.451  -0.527  1.00 23.33 ? 329 HOH A O   1 
HETATM 1584 O  O   . HOH G 4 .  ? 15.589  6.903   1.487   1.00 46.24 ? 335 HOH A O   1 
HETATM 1585 O  O   . HOH G 4 .  ? 14.825  12.434  -17.028 1.00 32.82 ? 336 HOH A O   1 
HETATM 1586 O  O   . HOH G 4 .  ? 7.301   2.561   -11.251 1.00 20.72 ? 343 HOH A O   1 
HETATM 1587 O  O   . HOH G 4 .  ? 12.501  4.002   -10.443 1.00 18.94 ? 345 HOH A O   1 
HETATM 1588 O  O   . HOH G 4 .  ? -2.899  11.154  5.912   1.00 25.41 ? 346 HOH A O   1 
HETATM 1589 O  O   . HOH G 4 .  ? 13.577  4.934   -14.640 1.00 17.79 ? 348 HOH A O   1 
HETATM 1590 O  O   . HOH G 4 .  ? 10.542  5.544   -21.236 1.00 35.81 ? 372 HOH A O   1 
HETATM 1591 O  O   . HOH G 4 .  ? 9.507   16.693  7.888   1.00 58.26 ? 383 HOH A O   1 
HETATM 1592 O  O   . HOH G 4 .  ? -5.654  13.338  -9.910  1.00 22.47 ? 384 HOH A O   1 
HETATM 1593 O  O   . HOH G 4 .  ? 1.597   16.481  7.087   1.00 36.90 ? 387 HOH A O   1 
HETATM 1594 O  O   . HOH G 4 .  ? 6.193   18.754  -14.364 1.00 19.03 ? 391 HOH A O   1 
HETATM 1595 O  O   . HOH G 4 .  ? -0.865  14.218  8.495   1.00 28.77 ? 394 HOH A O   1 
HETATM 1596 O  O   . HOH G 4 .  ? -2.979  12.913  -20.952 1.00 14.21 ? 406 HOH A O   1 
HETATM 1597 O  O   . HOH G 4 .  ? 13.791  18.004  -3.902  1.00 27.82 ? 408 HOH A O   1 
HETATM 1598 O  O   . HOH G 4 .  ? 12.712  9.833   7.149   1.00 29.09 ? 409 HOH A O   1 
HETATM 1599 O  O   . HOH G 4 .  ? -5.379  -4.836  -18.408 1.00 28.12 ? 414 HOH A O   1 
HETATM 1600 O  O   . HOH G 4 .  ? -6.193  -10.787 -14.703 1.00 52.02 ? 418 HOH A O   1 
HETATM 1601 O  O   . HOH G 4 .  ? 12.515  -4.085  -3.249  1.00 32.85 ? 425 HOH A O   1 
HETATM 1602 O  O   . HOH G 4 .  ? -4.124  11.573  9.311   1.00 25.56 ? 426 HOH A O   1 
HETATM 1603 O  O   . HOH G 4 .  ? -3.929  15.022  10.820  1.00 35.28 ? 427 HOH A O   1 
HETATM 1604 O  O   . HOH G 4 .  ? 11.191  4.079   16.508  1.00 64.74 ? 435 HOH A O   1 
HETATM 1605 O  O   . HOH G 4 .  ? -3.614  -1.306  -20.268 1.00 46.25 ? 441 HOH A O   1 
HETATM 1606 O  O   . HOH G 4 .  ? 14.101  4.301   -7.773  1.00 31.52 ? 446 HOH A O   1 
HETATM 1607 O  O   . HOH G 4 .  ? 4.393   19.252  -5.563  1.00 44.40 ? 460 HOH A O   1 
HETATM 1608 O  O   . HOH G 4 .  ? -0.354  -3.982  -6.729  1.00 35.99 ? 461 HOH A O   1 
HETATM 1609 O  O   . HOH G 4 .  ? -9.114  -11.349 -13.031 1.00 46.27 ? 466 HOH A O   1 
HETATM 1610 O  O   . HOH G 4 .  ? 6.981   13.434  -18.064 1.00 49.21 ? 469 HOH A O   1 
HETATM 1611 O  O   . HOH G 4 .  ? 7.503   14.749  -15.839 1.00 32.19 ? 470 HOH A O   1 
HETATM 1612 O  O   . HOH G 4 .  ? 5.550   -8.077  -17.782 1.00 68.75 ? 472 HOH A O   1 
HETATM 1613 O  O   . HOH G 4 .  ? -0.095  -1.457  -23.649 1.00 35.16 ? 473 HOH A O   1 
HETATM 1614 O  O   . HOH G 4 .  ? -1.877  0.890   -25.535 1.00 54.31 ? 474 HOH A O   1 
HETATM 1615 O  O   . HOH G 4 .  ? -8.414  4.802   -13.690 1.00 32.75 ? 479 HOH A O   1 
HETATM 1616 O  O   . HOH G 4 .  ? 5.568   11.080  16.176  1.00 50.48 ? 480 HOH A O   1 
HETATM 1617 O  O   . HOH G 4 .  ? 7.614   7.434   -28.259 1.00 47.05 ? 482 HOH A O   1 
HETATM 1618 O  O   . HOH G 4 .  ? -7.117  5.253   -16.065 1.00 38.46 ? 484 HOH A O   1 
HETATM 1619 O  O   . HOH G 4 .  ? 8.715   11.422  -27.296 1.00 49.82 ? 485 HOH A O   1 
HETATM 1620 O  O   . HOH G 4 .  ? 5.255   18.178  -20.099 1.00 40.39 ? 487 HOH A O   1 
HETATM 1621 O  O   . HOH G 4 .  ? 4.306   8.117   -25.743 1.00 48.26 ? 489 HOH A O   1 
HETATM 1622 O  O   . HOH G 4 .  ? -3.309  13.506  -18.012 1.00 36.64 ? 492 HOH A O   1 
HETATM 1623 O  O   . HOH G 4 .  ? 3.221   -9.370  -10.591 1.00 67.36 ? 493 HOH A O   1 
HETATM 1624 O  O   . HOH G 4 .  ? -4.861  2.839   -19.186 1.00 34.58 ? 496 HOH A O   1 
HETATM 1625 O  O   . HOH G 4 .  ? 14.778  2.022   -4.747  1.00 51.37 ? 500 HOH A O   1 
HETATM 1626 O  O   . HOH H 4 .  ? -0.828  7.665   12.347  1.00 20.03 ? 302 HOH B O   1 
HETATM 1627 O  O   . HOH H 4 .  ? -4.995  4.600   2.463   1.00 21.32 ? 304 HOH B O   1 
HETATM 1628 O  O   . HOH H 4 .  ? -9.564  -4.175  8.364   1.00 15.25 ? 308 HOH B O   1 
HETATM 1629 O  O   . HOH H 4 .  ? 3.770   -20.196 18.869  1.00 41.35 ? 319 HOH B O   1 
HETATM 1630 O  O   . HOH H 4 .  ? 11.731  -6.790  -0.947  1.00 21.37 ? 322 HOH B O   1 
HETATM 1631 O  O   . HOH H 4 .  ? -3.142  -19.676 7.834   1.00 38.62 ? 324 HOH B O   1 
HETATM 1632 O  O   . HOH H 4 .  ? -12.378 0.649   2.763   1.00 53.89 ? 328 HOH B O   1 
HETATM 1633 O  O   . HOH H 4 .  ? -9.292  2.745   7.906   1.00 27.68 ? 330 HOH B O   1 
HETATM 1634 O  O   . HOH H 4 .  ? -13.084 -20.898 4.927   1.00 41.37 ? 332 HOH B O   1 
HETATM 1635 O  O   . HOH H 4 .  ? 15.271  0.446   8.152   1.00 52.14 ? 334 HOH B O   1 
HETATM 1636 O  O   . HOH H 4 .  ? -16.641 -10.378 14.620  1.00 26.95 ? 338 HOH B O   1 
HETATM 1637 O  O   . HOH H 4 .  ? 4.882   -8.934  17.088  1.00 33.61 ? 344 HOH B O   1 
HETATM 1638 O  O   . HOH H 4 .  ? -5.456  -12.844 18.227  1.00 35.52 ? 350 HOH B O   1 
HETATM 1639 O  O   . HOH H 4 .  ? 3.594   -15.418 6.959   1.00 27.70 ? 355 HOH B O   1 
HETATM 1640 O  O   . HOH H 4 .  ? -11.049 -9.796  -9.396  1.00 38.76 ? 357 HOH B O   1 
HETATM 1641 O  O   . HOH H 4 .  ? -6.951  3.676   0.548   1.00 22.81 ? 361 HOH B O   1 
HETATM 1642 O  O   . HOH H 4 .  ? 9.155   -7.262  12.925  1.00 36.57 ? 363 HOH B O   1 
HETATM 1643 O  O   . HOH H 4 .  ? -2.732  -11.544 19.027  1.00 35.15 ? 371 HOH B O   1 
HETATM 1644 O  O   . HOH H 4 .  ? -0.855  -13.306 19.634  1.00 47.87 ? 373 HOH B O   1 
HETATM 1645 O  O   . HOH H 4 .  ? -10.698 -1.508  12.747  1.00 15.25 ? 375 HOH B O   1 
HETATM 1646 O  O   . HOH H 4 .  ? -12.009 1.561   6.242   1.00 47.70 ? 376 HOH B O   1 
HETATM 1647 O  O   . HOH H 4 .  ? -7.912  3.030   14.330  1.00 47.10 ? 380 HOH B O   1 
HETATM 1648 O  O   . HOH H 4 .  ? 11.867  -2.474  4.619   1.00 25.36 ? 382 HOH B O   1 
HETATM 1649 O  O   . HOH H 4 .  ? -13.221 -1.586  -2.105  1.00 22.85 ? 388 HOH B O   1 
HETATM 1650 O  O   . HOH H 4 .  ? -19.055 -4.054  11.482  1.00 41.59 ? 390 HOH B O   1 
HETATM 1651 O  O   . HOH H 4 .  ? 4.499   -17.937 8.981   1.00 44.99 ? 393 HOH B O   1 
HETATM 1652 O  O   . HOH H 4 .  ? -14.362 -1.544  0.518   1.00 58.18 ? 395 HOH B O   1 
HETATM 1653 O  O   . HOH H 4 .  ? 8.977   -13.339 2.461   1.00 47.77 ? 397 HOH B O   1 
HETATM 1654 O  O   . HOH H 4 .  ? 2.960   -12.550 4.288   1.00 28.87 ? 398 HOH B O   1 
HETATM 1655 O  O   . HOH H 4 .  ? -15.059 -12.254 16.512  1.00 50.00 ? 399 HOH B O   1 
HETATM 1656 O  O   . HOH H 4 .  ? -13.203 -4.267  15.310  1.00 28.49 ? 400 HOH B O   1 
HETATM 1657 O  O   . HOH H 4 .  ? -19.217 -6.958  15.614  1.00 57.72 ? 401 HOH B O   1 
HETATM 1658 O  O   . HOH H 4 .  ? -6.805  -21.700 10.362  1.00 33.49 ? 404 HOH B O   1 
HETATM 1659 O  O   . HOH H 4 .  ? -6.875  -14.007 -5.418  1.00 50.47 ? 420 HOH B O   1 
HETATM 1660 O  O   . HOH H 4 .  ? 11.810  -6.889  5.327   1.00 49.79 ? 424 HOH B O   1 
HETATM 1661 O  O   . HOH H 4 .  ? -18.670 -5.275  -0.178  1.00 17.77 ? 429 HOH B O   1 
HETATM 1662 O  O   . HOH H 4 .  ? -12.693 -13.825 -4.162  1.00 50.47 ? 434 HOH B O   1 
HETATM 1663 O  O   . HOH H 4 .  ? 14.876  -1.372  3.456   1.00 26.48 ? 440 HOH B O   1 
HETATM 1664 O  O   . HOH H 4 .  ? -9.289  -21.711 7.165   1.00 34.88 ? 443 HOH B O   1 
HETATM 1665 O  O   . HOH H 4 .  ? -4.481  -17.132 1.728   1.00 26.06 ? 448 HOH B O   1 
HETATM 1666 O  O   . HOH H 4 .  ? 8.240   -10.020 17.359  1.00 50.66 ? 455 HOH B O   1 
HETATM 1667 O  O   . HOH H 4 .  ? -10.744 -8.075  21.245  1.00 34.76 ? 456 HOH B O   1 
HETATM 1668 O  O   . HOH H 4 .  ? -10.441 -26.502 9.348   1.00 48.01 ? 458 HOH B O   1 
HETATM 1669 O  O   . HOH H 4 .  ? 1.848   -17.580 6.731   1.00 49.24 ? 459 HOH B O   1 
HETATM 1670 O  O   . HOH H 4 .  ? -10.020 -14.268 -6.314  1.00 54.70 ? 468 HOH B O   1 
HETATM 1671 O  O   . HOH H 4 .  ? 2.653   -20.031 14.565  1.00 46.99 ? 477 HOH B O   1 
HETATM 1672 O  O   . HOH H 4 .  ? -11.603 -8.429  -11.764 1.00 45.68 ? 481 HOH B O   1 
HETATM 1673 O  O   . HOH H 4 .  ? 1.639   -2.604  23.274  1.00 37.38 ? 483 HOH B O   1 
HETATM 1674 O  O   . HOH H 4 .  ? -4.646  -14.181 21.384  1.00 31.15 ? 486 HOH B O   1 
HETATM 1675 O  O   . HOH H 4 .  ? -15.632 -18.418 13.197  1.00 50.42 ? 491 HOH B O   1 
HETATM 1676 O  O   . HOH H 4 .  ? 14.310  -0.574  -4.184  1.00 48.50 ? 494 HOH B O   1 
HETATM 1677 O  O   . HOH H 4 .  ? -10.969 -6.864  -14.754 1.00 58.28 ? 495 HOH B O   1 
HETATM 1678 O  O   . HOH H 4 .  ? 0.051   -0.185  20.473  1.00 42.72 ? 497 HOH B O   1 
HETATM 1679 O  O   . HOH H 4 .  ? 1.350   -17.246 0.334   1.00 59.44 ? 498 HOH B O   1 
HETATM 1680 O  O   . HOH H 4 .  ? -17.725 -19.593 10.381  1.00 63.77 ? 499 HOH B O   1 
HETATM 1681 O  O   . HOH H 4 .  ? 4.522   3.114   19.180  1.00 53.54 ? 502 HOH B O   1 
HETATM 1682 O  O   . HOH H 4 .  ? 0.961   3.675   20.435  1.00 50.39 ? 503 HOH B O   1 
# 
